data_4M3P
#
_entry.id   4M3P
#
_cell.length_a   86.097
_cell.length_b   102.617
_cell.length_c   96.228
_cell.angle_alpha   90.00
_cell.angle_beta   101.76
_cell.angle_gamma   90.00
#
_symmetry.space_group_name_H-M   'P 1 21 1'
#
loop_
_entity.id
_entity.type
_entity.pdbx_description
1 polymer 'Betaine--homocysteine S-methyltransferase 1'
2 non-polymer 'ZINC ION'
3 non-polymer 'POTASSIUM ION'
4 non-polymer '2-AMINO-4-MERCAPTO-BUTYRIC ACID'
5 non-polymer 'S,R MESO-TARTARIC ACID'
6 water water
#
_entity_poly.entity_id   1
_entity_poly.type   'polypeptide(L)'
_entity_poly.pdbx_seq_one_letter_code
;MPPVGGKKAKKGILERLNAGEIVIGDGGFVFALEKRGYVKAGPWTPEAAVEHPEAVRQLHREFLRAGSNVMQTFTFYASE
DKLENRGNYVLEKISGQEVNEAACDIARQVADEGDALVAGGVSQTPSYLSCKSETEVKKVFLQQLEVFMKKNVDFLIAEY
FEHVEEAVWAVETLIASGKPVAATMCIGPEGDLHGVPPGECAVRLVKAGASIIGVNCHFDPTISLKTVKLMKEGLEAAQL
KAHLMSQPLAYHTPDCNKQGFIDLPEFPFGLEPRVATRWDIQKYAREAYNLGVRYIGGCCGFEPYHIRAIAEELAPERGF
LPPASEKHGSWGSGLDMHTKPWVRARARKEYWENLRIASGRPYNPSMSKPDGWGVTKGTAELMQQKEATTEQQLKELFEK
QKFKSQ
;
_entity_poly.pdbx_strand_id   A,B,C,D
#
# COMPACT_ATOMS: atom_id res chain seq x y z
N LYS A 10 3.82 -31.25 39.93
CA LYS A 10 3.40 -30.48 38.72
C LYS A 10 1.89 -30.21 38.74
N LYS A 11 1.52 -28.93 38.64
CA LYS A 11 0.11 -28.51 38.71
C LYS A 11 -0.67 -28.81 37.44
N GLY A 12 -1.90 -29.29 37.60
CA GLY A 12 -2.83 -29.48 36.48
C GLY A 12 -3.42 -28.16 35.98
N ILE A 13 -4.20 -28.25 34.92
CA ILE A 13 -4.64 -27.05 34.22
C ILE A 13 -5.50 -26.11 35.09
N LEU A 14 -6.50 -26.68 35.77
CA LEU A 14 -7.39 -25.86 36.57
C LEU A 14 -6.72 -25.31 37.81
N GLU A 15 -5.81 -26.07 38.43
CA GLU A 15 -5.06 -25.58 39.56
CA GLU A 15 -5.04 -25.56 39.58
C GLU A 15 -4.23 -24.33 39.21
N ARG A 16 -3.59 -24.34 38.04
CA ARG A 16 -2.85 -23.17 37.56
C ARG A 16 -3.77 -21.98 37.38
N LEU A 17 -4.88 -22.22 36.68
CA LEU A 17 -5.77 -21.12 36.28
C LEU A 17 -6.60 -20.61 37.47
N ASN A 18 -7.01 -21.51 38.35
CA ASN A 18 -7.70 -21.08 39.57
C ASN A 18 -6.79 -20.29 40.47
N ALA A 19 -5.49 -20.54 40.40
CA ALA A 19 -4.52 -19.77 41.17
C ALA A 19 -4.16 -18.43 40.52
N GLY A 20 -4.77 -18.11 39.37
CA GLY A 20 -4.49 -16.85 38.69
C GLY A 20 -3.28 -16.86 37.77
N GLU A 21 -2.65 -18.02 37.57
CA GLU A 21 -1.50 -18.10 36.67
C GLU A 21 -1.89 -18.00 35.19
N ILE A 22 -0.88 -17.70 34.38
CA ILE A 22 -0.98 -17.61 32.94
C ILE A 22 -0.52 -18.97 32.39
N VAL A 23 -1.35 -19.56 31.53
CA VAL A 23 -1.00 -20.78 30.84
C VAL A 23 -0.69 -20.34 29.40
N ILE A 24 0.54 -20.56 28.99
CA ILE A 24 0.97 -20.30 27.65
C ILE A 24 0.72 -21.51 26.76
N GLY A 25 0.04 -21.29 25.64
CA GLY A 25 -0.25 -22.38 24.73
C GLY A 25 0.92 -22.69 23.80
N ASP A 26 0.79 -23.73 22.98
CA ASP A 26 1.78 -23.98 21.94
C ASP A 26 1.22 -23.39 20.66
N GLY A 27 1.91 -23.61 19.54
CA GLY A 27 1.62 -22.89 18.31
C GLY A 27 0.86 -23.73 17.29
N GLY A 28 1.11 -23.49 16.02
CA GLY A 28 0.33 -24.14 14.97
C GLY A 28 1.08 -25.28 14.33
N PHE A 29 0.75 -26.50 14.73
CA PHE A 29 1.46 -27.67 14.19
C PHE A 29 1.29 -27.99 12.74
N VAL A 30 0.05 -28.11 12.25
CA VAL A 30 -0.11 -28.51 10.85
C VAL A 30 0.57 -27.53 9.89
N PHE A 31 0.37 -26.23 10.12
CA PHE A 31 1.01 -25.23 9.27
C PHE A 31 2.55 -25.23 9.37
N ALA A 32 3.09 -25.35 10.59
CA ALA A 32 4.55 -25.31 10.76
C ALA A 32 5.21 -26.55 10.11
N LEU A 33 4.59 -27.70 10.35
CA LEU A 33 5.11 -28.93 9.79
C LEU A 33 4.92 -29.01 8.28
N GLU A 34 3.88 -28.34 7.72
CA GLU A 34 3.71 -28.28 6.25
C GLU A 34 4.90 -27.58 5.63
N LYS A 35 5.32 -26.45 6.21
CA LYS A 35 6.50 -25.74 5.77
C LYS A 35 7.81 -26.50 5.92
N ARG A 36 7.90 -27.40 6.89
CA ARG A 36 9.12 -28.16 7.10
C ARG A 36 9.18 -29.45 6.26
N GLY A 37 8.07 -29.77 5.59
CA GLY A 37 8.00 -30.93 4.67
C GLY A 37 7.30 -32.19 5.20
N TYR A 38 6.55 -32.10 6.29
CA TYR A 38 6.03 -33.31 6.94
C TYR A 38 4.51 -33.47 6.92
N VAL A 39 3.79 -32.43 6.48
CA VAL A 39 2.33 -32.39 6.46
C VAL A 39 1.92 -31.87 5.08
N LYS A 40 0.86 -32.46 4.54
CA LYS A 40 0.35 -32.09 3.23
C LYS A 40 -0.83 -31.14 3.36
N ALA A 41 -0.69 -29.92 2.84
CA ALA A 41 -1.83 -29.02 2.78
C ALA A 41 -2.90 -29.68 1.93
N GLY A 42 -4.13 -29.60 2.42
CA GLY A 42 -5.30 -30.25 1.82
C GLY A 42 -5.89 -31.19 2.86
N PRO A 43 -5.36 -32.41 2.96
CA PRO A 43 -5.78 -33.27 4.09
C PRO A 43 -5.30 -32.77 5.47
N TRP A 44 -4.15 -32.09 5.53
CA TRP A 44 -3.60 -31.61 6.81
C TRP A 44 -3.55 -32.67 7.89
N THR A 45 -3.15 -33.88 7.53
CA THR A 45 -3.25 -35.02 8.44
C THR A 45 -1.94 -35.22 9.18
N PRO A 46 -1.99 -35.82 10.41
CA PRO A 46 -0.77 -35.89 11.22
C PRO A 46 0.01 -37.22 11.20
N GLU A 47 0.09 -37.88 10.05
CA GLU A 47 0.82 -39.13 9.96
C GLU A 47 2.32 -39.04 10.22
N ALA A 48 2.88 -37.82 10.17
CA ALA A 48 4.23 -37.56 10.64
C ALA A 48 4.53 -38.14 12.03
N ALA A 49 3.52 -38.24 12.89
CA ALA A 49 3.69 -38.81 14.22
C ALA A 49 4.25 -40.24 14.15
N VAL A 50 3.92 -40.98 13.08
CA VAL A 50 4.56 -42.30 12.83
C VAL A 50 5.67 -42.23 11.81
N GLU A 51 5.48 -41.46 10.73
CA GLU A 51 6.44 -41.44 9.62
C GLU A 51 7.76 -40.75 9.98
N HIS A 52 7.66 -39.67 10.75
CA HIS A 52 8.81 -38.86 11.12
C HIS A 52 8.62 -38.28 12.50
N PRO A 53 8.71 -39.16 13.51
CA PRO A 53 8.44 -38.71 14.88
C PRO A 53 9.44 -37.69 15.34
N GLU A 54 10.65 -37.76 14.79
CA GLU A 54 11.71 -36.84 15.16
C GLU A 54 11.33 -35.36 14.82
N ALA A 55 10.60 -35.16 13.73
CA ALA A 55 10.14 -33.84 13.33
C ALA A 55 9.06 -33.30 14.26
N VAL A 56 8.14 -34.17 14.64
CA VAL A 56 7.05 -33.76 15.55
C VAL A 56 7.62 -33.47 16.94
N ARG A 57 8.45 -34.39 17.41
CA ARG A 57 9.11 -34.24 18.70
C ARG A 57 9.89 -32.92 18.83
N GLN A 58 10.66 -32.59 17.80
CA GLN A 58 11.48 -31.38 17.80
C GLN A 58 10.60 -30.12 17.80
N LEU A 59 9.45 -30.14 17.10
CA LEU A 59 8.60 -28.95 17.11
C LEU A 59 7.95 -28.80 18.50
N HIS A 60 7.54 -29.91 19.10
CA HIS A 60 7.01 -29.88 20.46
C HIS A 60 8.07 -29.26 21.37
N ARG A 61 9.31 -29.70 21.21
CA ARG A 61 10.45 -29.21 22.02
C ARG A 61 10.71 -27.72 21.80
N GLU A 62 10.53 -27.22 20.58
CA GLU A 62 10.68 -25.77 20.32
C GLU A 62 9.63 -24.96 21.03
N PHE A 63 8.38 -25.42 21.00
CA PHE A 63 7.34 -24.73 21.74
C PHE A 63 7.57 -24.75 23.23
N LEU A 64 7.97 -25.90 23.79
CA LEU A 64 8.37 -25.99 25.19
C LEU A 64 9.46 -24.98 25.59
N ARG A 65 10.52 -24.93 24.81
CA ARG A 65 11.62 -24.00 25.00
C ARG A 65 11.18 -22.54 24.90
N ALA A 66 10.18 -22.28 24.07
CA ALA A 66 9.63 -20.94 23.89
C ALA A 66 8.71 -20.54 25.03
N GLY A 67 8.34 -21.48 25.89
CA GLY A 67 7.57 -21.15 27.07
C GLY A 67 6.24 -21.82 27.20
N SER A 68 5.90 -22.67 26.22
CA SER A 68 4.56 -23.32 26.20
C SER A 68 4.37 -24.18 27.45
N ASN A 69 3.21 -24.08 28.10
CA ASN A 69 2.85 -24.90 29.25
C ASN A 69 1.93 -26.05 28.87
N VAL A 70 1.55 -26.11 27.58
CA VAL A 70 0.68 -27.14 27.05
C VAL A 70 1.27 -27.71 25.75
N MET A 71 1.48 -29.02 25.70
CA MET A 71 1.71 -29.74 24.46
C MET A 71 0.38 -30.33 23.97
N GLN A 72 -0.23 -29.75 22.94
CA GLN A 72 -1.44 -30.37 22.32
C GLN A 72 -1.01 -31.55 21.49
N THR A 73 -1.76 -32.63 21.63
CA THR A 73 -1.47 -33.85 20.89
C THR A 73 -1.63 -33.60 19.39
N PHE A 74 -0.68 -34.08 18.56
CA PHE A 74 -0.75 -33.95 17.11
C PHE A 74 -1.69 -35.03 16.53
N THR A 75 -2.97 -34.85 16.77
CA THR A 75 -3.96 -35.90 16.52
C THR A 75 -5.08 -35.46 15.60
N PHE A 76 -5.87 -36.45 15.15
CA PHE A 76 -6.96 -36.27 14.19
C PHE A 76 -7.91 -37.44 14.26
N TYR A 77 -8.96 -37.40 13.44
CA TYR A 77 -9.90 -38.53 13.33
C TYR A 77 -9.47 -39.48 12.21
N SER A 95 -2.74 -47.40 10.80
CA SER A 95 -3.00 -45.93 10.81
C SER A 95 -4.20 -45.59 11.70
N GLY A 96 -4.47 -44.29 11.84
CA GLY A 96 -5.64 -43.78 12.56
C GLY A 96 -5.42 -43.75 14.06
N GLN A 97 -5.78 -44.83 14.73
CA GLN A 97 -5.53 -44.93 16.17
C GLN A 97 -4.03 -45.08 16.45
N GLU A 98 -3.28 -45.69 15.53
CA GLU A 98 -1.83 -45.81 15.67
C GLU A 98 -1.15 -44.46 15.58
N VAL A 99 -1.63 -43.61 14.68
CA VAL A 99 -1.07 -42.26 14.56
C VAL A 99 -1.34 -41.51 15.85
N ASN A 100 -2.56 -41.65 16.36
CA ASN A 100 -2.95 -40.93 17.53
C ASN A 100 -2.27 -41.42 18.79
N GLU A 101 -2.03 -42.72 18.89
CA GLU A 101 -1.25 -43.25 20.01
C GLU A 101 0.20 -42.74 20.00
N ALA A 102 0.82 -42.71 18.84
CA ALA A 102 2.20 -42.25 18.73
C ALA A 102 2.30 -40.78 19.08
N ALA A 103 1.37 -39.98 18.55
CA ALA A 103 1.35 -38.54 18.85
C ALA A 103 1.22 -38.26 20.35
N CYS A 104 0.34 -38.99 21.03
CA CYS A 104 0.20 -38.87 22.46
C CYS A 104 1.52 -39.17 23.19
N ASP A 105 2.18 -40.26 22.82
CA ASP A 105 3.46 -40.61 23.46
C ASP A 105 4.55 -39.56 23.25
N ILE A 106 4.57 -38.94 22.09
CA ILE A 106 5.59 -37.88 21.80
C ILE A 106 5.29 -36.62 22.62
N ALA A 107 4.02 -36.22 22.64
CA ALA A 107 3.57 -35.06 23.45
C ALA A 107 3.90 -35.25 24.93
N ARG A 108 3.64 -36.44 25.47
CA ARG A 108 4.00 -36.71 26.87
C ARG A 108 5.51 -36.65 27.10
N GLN A 109 6.27 -37.26 26.20
CA GLN A 109 7.73 -37.22 26.33
C GLN A 109 8.22 -35.78 26.50
N VAL A 110 7.76 -34.91 25.63
CA VAL A 110 8.21 -33.53 25.65
C VAL A 110 7.60 -32.78 26.84
N ALA A 111 6.34 -33.03 27.19
CA ALA A 111 5.75 -32.38 28.36
C ALA A 111 6.60 -32.67 29.60
N ASP A 112 7.13 -33.90 29.67
CA ASP A 112 7.90 -34.35 30.83
C ASP A 112 9.25 -33.65 30.92
N GLU A 113 9.64 -32.92 29.88
CA GLU A 113 10.91 -32.22 29.87
C GLU A 113 10.81 -30.80 30.40
N GLY A 114 9.64 -30.38 30.84
CA GLY A 114 9.46 -29.02 31.36
C GLY A 114 8.17 -28.86 32.14
N ASP A 115 7.72 -27.61 32.30
CA ASP A 115 6.52 -27.34 33.11
C ASP A 115 5.32 -27.26 32.18
N ALA A 116 5.01 -28.41 31.58
CA ALA A 116 3.95 -28.52 30.60
C ALA A 116 3.04 -29.74 30.80
N LEU A 117 1.84 -29.57 30.30
CA LEU A 117 0.79 -30.56 30.40
C LEU A 117 0.47 -31.03 29.01
N VAL A 118 -0.15 -32.20 28.90
CA VAL A 118 -0.57 -32.76 27.64
C VAL A 118 -2.07 -32.58 27.52
N ALA A 119 -2.50 -31.92 26.44
CA ALA A 119 -3.91 -31.75 26.15
C ALA A 119 -4.29 -32.62 24.95
N GLY A 120 -5.27 -33.51 25.15
CA GLY A 120 -5.82 -34.27 24.06
C GLY A 120 -6.87 -33.46 23.30
N GLY A 121 -6.72 -33.33 21.99
CA GLY A 121 -7.63 -32.50 21.20
C GLY A 121 -8.65 -33.29 20.37
N VAL A 122 -9.85 -32.75 20.27
CA VAL A 122 -10.86 -33.24 19.33
C VAL A 122 -11.39 -32.02 18.55
N SER A 123 -11.66 -32.19 17.26
CA SER A 123 -12.17 -31.07 16.47
C SER A 123 -13.45 -31.47 15.74
N GLN A 124 -14.06 -30.52 15.04
CA GLN A 124 -15.34 -30.80 14.40
C GLN A 124 -15.17 -31.91 13.38
N THR A 125 -16.22 -32.69 13.18
CA THR A 125 -16.14 -33.90 12.37
C THR A 125 -16.22 -33.56 10.89
N PRO A 126 -15.49 -34.31 10.04
CA PRO A 126 -15.35 -33.93 8.63
C PRO A 126 -16.61 -34.18 7.81
N LYS A 132 -25.68 -35.35 9.66
CA LYS A 132 -25.38 -36.57 10.42
C LYS A 132 -25.75 -36.41 11.91
N SER A 133 -26.27 -37.48 12.50
CA SER A 133 -26.98 -37.41 13.80
C SER A 133 -26.07 -37.20 15.03
N GLU A 134 -26.70 -36.93 16.18
CA GLU A 134 -26.01 -36.70 17.44
C GLU A 134 -25.16 -37.90 17.84
N THR A 135 -25.83 -39.02 18.12
CA THR A 135 -25.11 -40.18 18.65
C THR A 135 -24.05 -40.67 17.68
N GLU A 136 -24.26 -40.48 16.38
CA GLU A 136 -23.23 -40.85 15.40
C GLU A 136 -21.99 -39.96 15.50
N VAL A 137 -22.18 -38.66 15.69
CA VAL A 137 -21.08 -37.72 15.88
C VAL A 137 -20.35 -38.02 17.19
N LYS A 138 -21.14 -38.25 18.24
CA LYS A 138 -20.58 -38.57 19.55
C LYS A 138 -19.78 -39.90 19.58
N LYS A 139 -20.08 -40.83 18.67
CA LYS A 139 -19.25 -42.04 18.52
C LYS A 139 -17.85 -41.68 18.07
N VAL A 140 -17.76 -40.70 17.16
CA VAL A 140 -16.47 -40.22 16.67
C VAL A 140 -15.66 -39.59 17.82
N PHE A 141 -16.32 -38.79 18.64
CA PHE A 141 -15.67 -38.22 19.83
C PHE A 141 -15.26 -39.29 20.83
N LEU A 142 -16.13 -40.28 21.05
CA LEU A 142 -15.89 -41.35 22.01
C LEU A 142 -14.70 -42.20 21.60
N GLN A 143 -14.57 -42.42 20.30
CA GLN A 143 -13.48 -43.20 19.77
C GLN A 143 -12.11 -42.52 19.98
N GLN A 144 -12.10 -41.19 19.87
CA GLN A 144 -10.88 -40.43 20.12
C GLN A 144 -10.60 -40.35 21.62
N LEU A 145 -11.63 -40.11 22.43
CA LEU A 145 -11.47 -40.02 23.88
C LEU A 145 -10.84 -41.29 24.46
N GLU A 146 -11.13 -42.43 23.84
CA GLU A 146 -10.61 -43.73 24.29
C GLU A 146 -9.07 -43.78 24.29
N VAL A 147 -8.47 -43.26 23.24
CA VAL A 147 -7.02 -43.17 23.17
C VAL A 147 -6.51 -42.24 24.27
N PHE A 148 -7.16 -41.09 24.40
CA PHE A 148 -6.74 -40.10 25.40
C PHE A 148 -6.86 -40.58 26.85
N MET A 149 -7.86 -41.40 27.14
CA MET A 149 -8.00 -41.96 28.48
C MET A 149 -6.94 -43.05 28.71
N LYS A 150 -6.68 -43.87 27.70
CA LYS A 150 -5.65 -44.91 27.76
C LYS A 150 -4.26 -44.29 28.01
N LYS A 151 -4.05 -43.10 27.45
CA LYS A 151 -2.75 -42.41 27.51
C LYS A 151 -2.67 -41.48 28.69
N ASN A 152 -3.81 -41.25 29.34
CA ASN A 152 -3.91 -40.38 30.49
C ASN A 152 -3.37 -38.95 30.26
N VAL A 153 -3.91 -38.30 29.26
CA VAL A 153 -3.67 -36.88 29.10
C VAL A 153 -4.10 -36.08 30.33
N ASP A 154 -3.52 -34.88 30.45
CA ASP A 154 -3.86 -34.02 31.57
C ASP A 154 -5.25 -33.34 31.45
N PHE A 155 -5.61 -32.97 30.23
CA PHE A 155 -6.91 -32.34 29.99
C PHE A 155 -7.27 -32.43 28.53
N LEU A 156 -8.50 -32.07 28.22
CA LEU A 156 -9.05 -32.27 26.90
C LEU A 156 -9.48 -30.95 26.28
N ILE A 157 -9.28 -30.79 24.99
CA ILE A 157 -9.62 -29.55 24.31
C ILE A 157 -10.57 -29.89 23.17
N ALA A 158 -11.77 -29.30 23.15
CA ALA A 158 -12.60 -29.38 21.94
C ALA A 158 -12.34 -28.10 21.17
N GLU A 159 -11.68 -28.18 20.01
CA GLU A 159 -11.27 -26.98 19.28
C GLU A 159 -11.65 -27.03 17.79
N TYR A 160 -11.56 -25.88 17.13
CA TYR A 160 -11.94 -25.79 15.75
C TYR A 160 -13.39 -26.30 15.50
N PHE A 161 -14.34 -25.70 16.21
CA PHE A 161 -15.76 -25.93 15.91
C PHE A 161 -16.45 -24.66 15.36
N GLU A 162 -17.18 -24.84 14.26
CA GLU A 162 -17.95 -23.73 13.64
C GLU A 162 -19.43 -23.76 14.02
N HIS A 163 -19.92 -24.88 14.54
CA HIS A 163 -21.29 -24.95 15.07
C HIS A 163 -21.26 -25.24 16.53
N VAL A 164 -21.83 -24.32 17.33
CA VAL A 164 -21.86 -24.50 18.79
C VAL A 164 -22.62 -25.78 19.20
N GLU A 165 -23.54 -26.22 18.36
CA GLU A 165 -24.28 -27.45 18.66
C GLU A 165 -23.32 -28.64 18.71
N GLU A 166 -22.49 -28.78 17.66
CA GLU A 166 -21.51 -29.86 17.60
C GLU A 166 -20.48 -29.76 18.70
N ALA A 167 -20.11 -28.52 19.05
CA ALA A 167 -19.12 -28.27 20.10
C ALA A 167 -19.66 -28.66 21.46
N VAL A 168 -20.95 -28.38 21.69
CA VAL A 168 -21.59 -28.80 22.93
C VAL A 168 -21.62 -30.33 23.00
N TRP A 169 -21.80 -31.00 21.87
CA TRP A 169 -21.81 -32.44 21.89
C TRP A 169 -20.46 -32.95 22.27
N ALA A 170 -19.42 -32.37 21.66
CA ALA A 170 -18.03 -32.70 22.02
C ALA A 170 -17.84 -32.58 23.51
N VAL A 171 -18.22 -31.43 24.06
CA VAL A 171 -17.98 -31.15 25.47
C VAL A 171 -18.73 -32.14 26.37
N GLU A 172 -19.92 -32.56 25.93
CA GLU A 172 -20.74 -33.49 26.71
C GLU A 172 -20.08 -34.85 26.78
N THR A 173 -19.59 -35.32 25.64
CA THR A 173 -18.84 -36.57 25.57
C THR A 173 -17.56 -36.49 26.40
N LEU A 174 -16.83 -35.38 26.29
CA LEU A 174 -15.49 -35.27 26.90
C LEU A 174 -15.52 -35.16 28.41
N ILE A 175 -16.46 -34.39 28.96
CA ILE A 175 -16.56 -34.25 30.44
C ILE A 175 -16.78 -35.56 31.17
N ALA A 176 -17.35 -36.56 30.49
CA ALA A 176 -17.56 -37.90 31.08
C ALA A 176 -16.23 -38.58 31.44
N SER A 177 -15.13 -38.03 30.93
CA SER A 177 -13.80 -38.49 31.26
C SER A 177 -13.44 -38.23 32.69
N GLY A 178 -14.05 -37.20 33.28
CA GLY A 178 -13.62 -36.70 34.57
C GLY A 178 -12.41 -35.76 34.50
N LYS A 179 -11.92 -35.43 33.31
CA LYS A 179 -10.81 -34.50 33.16
C LYS A 179 -11.39 -33.14 32.78
N PRO A 180 -10.66 -32.04 33.07
CA PRO A 180 -11.09 -30.72 32.61
C PRO A 180 -11.19 -30.68 31.10
N VAL A 181 -12.14 -29.86 30.61
CA VAL A 181 -12.37 -29.69 29.20
C VAL A 181 -12.38 -28.21 28.89
N ALA A 182 -11.60 -27.85 27.89
CA ALA A 182 -11.59 -26.52 27.31
C ALA A 182 -12.35 -26.64 26.00
N ALA A 183 -12.95 -25.54 25.58
CA ALA A 183 -13.69 -25.54 24.37
C ALA A 183 -13.45 -24.19 23.70
N THR A 184 -12.92 -24.24 22.50
CA THR A 184 -12.69 -23.03 21.72
C THR A 184 -13.36 -23.21 20.38
N MET A 185 -13.86 -22.12 19.84
CA MET A 185 -14.53 -22.15 18.57
C MET A 185 -13.83 -21.30 17.53
N CYS A 186 -13.89 -21.72 16.28
CA CYS A 186 -13.32 -20.95 15.19
C CYS A 186 -14.47 -20.17 14.57
N ILE A 187 -14.90 -19.16 15.31
CA ILE A 187 -15.91 -18.19 14.88
C ILE A 187 -15.35 -16.79 15.20
N GLY A 188 -15.88 -15.76 14.54
CA GLY A 188 -15.55 -14.38 14.86
C GLY A 188 -16.66 -13.66 15.60
N PRO A 189 -16.61 -12.33 15.68
CA PRO A 189 -17.65 -11.57 16.39
C PRO A 189 -19.10 -11.78 15.92
N GLU A 190 -19.32 -12.18 14.67
CA GLU A 190 -20.67 -12.41 14.15
C GLU A 190 -21.24 -13.79 14.48
N GLY A 191 -20.50 -14.60 15.25
CA GLY A 191 -21.02 -15.88 15.75
C GLY A 191 -20.83 -17.09 14.85
N ASP A 192 -21.50 -18.17 15.19
CA ASP A 192 -21.30 -19.45 14.53
C ASP A 192 -22.02 -19.53 13.18
N LEU A 193 -21.92 -20.67 12.51
CA LEU A 193 -22.52 -20.84 11.18
C LEU A 193 -24.05 -21.00 11.18
N HIS A 194 -24.64 -21.22 12.34
CA HIS A 194 -26.11 -21.14 12.50
C HIS A 194 -26.52 -19.82 13.09
N GLY A 195 -25.66 -18.81 12.97
CA GLY A 195 -26.00 -17.46 13.40
C GLY A 195 -26.05 -17.26 14.90
N VAL A 196 -25.64 -18.26 15.68
CA VAL A 196 -25.59 -18.10 17.12
C VAL A 196 -24.44 -17.16 17.46
N PRO A 197 -24.70 -16.09 18.23
CA PRO A 197 -23.63 -15.15 18.54
C PRO A 197 -22.69 -15.70 19.63
N PRO A 198 -21.54 -15.03 19.84
CA PRO A 198 -20.47 -15.58 20.69
C PRO A 198 -20.81 -15.64 22.18
N GLY A 199 -21.49 -14.61 22.68
CA GLY A 199 -21.97 -14.59 24.06
C GLY A 199 -22.79 -15.84 24.38
N GLU A 200 -23.74 -16.16 23.50
CA GLU A 200 -24.59 -17.34 23.69
C GLU A 200 -23.77 -18.63 23.54
N CYS A 201 -22.93 -18.68 22.50
CA CYS A 201 -22.05 -19.83 22.28
C CYS A 201 -21.27 -20.17 23.55
N ALA A 202 -20.71 -19.16 24.18
CA ALA A 202 -19.95 -19.35 25.39
C ALA A 202 -20.79 -19.91 26.53
N VAL A 203 -21.93 -19.29 26.78
CA VAL A 203 -22.85 -19.73 27.84
C VAL A 203 -23.24 -21.20 27.65
N ARG A 204 -23.50 -21.60 26.41
CA ARG A 204 -23.88 -22.97 26.12
C ARG A 204 -22.73 -23.95 26.31
N LEU A 205 -21.51 -23.54 25.98
CA LEU A 205 -20.34 -24.39 26.21
C LEU A 205 -20.06 -24.57 27.71
N VAL A 206 -20.19 -23.48 28.48
CA VAL A 206 -19.99 -23.55 29.94
C VAL A 206 -21.11 -24.36 30.63
N LYS A 207 -22.35 -24.20 30.16
CA LYS A 207 -23.45 -25.02 30.68
C LYS A 207 -23.22 -26.50 30.35
N ALA A 208 -22.55 -26.80 29.24
CA ALA A 208 -22.25 -28.21 28.88
C ALA A 208 -21.11 -28.80 29.71
N GLY A 209 -20.42 -27.95 30.47
CA GLY A 209 -19.39 -28.36 31.42
C GLY A 209 -17.97 -27.92 31.10
N ALA A 210 -17.76 -26.99 30.17
CA ALA A 210 -16.41 -26.54 29.85
C ALA A 210 -15.96 -25.60 30.93
N SER A 211 -14.74 -25.78 31.44
CA SER A 211 -14.22 -24.86 32.43
C SER A 211 -13.33 -23.80 31.81
N ILE A 212 -13.02 -23.94 30.53
CA ILE A 212 -12.19 -22.97 29.79
C ILE A 212 -12.83 -22.81 28.43
N ILE A 213 -13.07 -21.56 28.03
CA ILE A 213 -13.67 -21.30 26.73
C ILE A 213 -13.00 -20.13 26.01
N GLY A 214 -13.13 -20.11 24.70
CA GLY A 214 -12.59 -19.02 23.89
C GLY A 214 -12.61 -19.34 22.42
N VAL A 215 -11.58 -18.88 21.71
CA VAL A 215 -11.54 -19.03 20.29
C VAL A 215 -10.19 -19.52 19.79
N ASN A 216 -10.21 -20.17 18.63
CA ASN A 216 -8.98 -20.49 17.93
C ASN A 216 -9.18 -20.41 16.42
N CYS A 217 -8.10 -20.04 15.71
CA CYS A 217 -7.97 -20.09 14.26
C CYS A 217 -8.86 -19.07 13.57
N HIS A 218 -8.88 -19.12 12.25
CA HIS A 218 -9.74 -18.31 11.36
C HIS A 218 -9.47 -16.83 11.27
N PHE A 219 -9.07 -16.22 12.37
CA PHE A 219 -8.87 -14.79 12.48
C PHE A 219 -7.61 -14.39 13.22
N ASP A 220 -7.16 -13.19 12.91
CA ASP A 220 -5.96 -12.64 13.51
C ASP A 220 -6.22 -12.31 15.00
N PRO A 221 -5.19 -11.90 15.73
CA PRO A 221 -5.41 -11.71 17.17
C PRO A 221 -6.38 -10.59 17.54
N THR A 222 -6.42 -9.53 16.74
CA THR A 222 -7.29 -8.40 17.04
C THR A 222 -8.75 -8.81 16.97
N ILE A 223 -9.14 -9.45 15.88
CA ILE A 223 -10.49 -9.95 15.73
C ILE A 223 -10.81 -11.05 16.75
N SER A 224 -9.82 -11.91 17.02
CA SER A 224 -10.04 -12.96 18.02
C SER A 224 -10.42 -12.42 19.38
N LEU A 225 -9.72 -11.39 19.86
CA LEU A 225 -10.03 -10.81 21.16
C LEU A 225 -11.37 -10.05 21.19
N LYS A 226 -11.81 -9.53 20.05
CA LYS A 226 -13.18 -8.96 19.96
C LYS A 226 -14.21 -10.07 20.22
N THR A 227 -13.96 -11.24 19.66
CA THR A 227 -14.84 -12.36 19.88
C THR A 227 -14.84 -12.81 21.33
N VAL A 228 -13.66 -12.88 21.93
CA VAL A 228 -13.52 -13.35 23.30
C VAL A 228 -14.14 -12.33 24.25
N LYS A 229 -14.02 -11.05 23.91
CA LYS A 229 -14.71 -10.00 24.70
C LYS A 229 -16.24 -10.26 24.74
N LEU A 230 -16.83 -10.61 23.61
CA LEU A 230 -18.28 -10.90 23.55
C LEU A 230 -18.60 -12.16 24.34
N MET A 231 -17.76 -13.19 24.18
CA MET A 231 -17.94 -14.41 24.94
C MET A 231 -17.94 -14.10 26.43
N LYS A 232 -16.99 -13.30 26.88
CA LYS A 232 -16.85 -12.95 28.28
C LYS A 232 -18.09 -12.19 28.77
N GLU A 233 -18.57 -11.25 27.96
CA GLU A 233 -19.76 -10.48 28.31
C GLU A 233 -20.99 -11.38 28.43
N GLY A 234 -21.11 -12.35 27.52
CA GLY A 234 -22.21 -13.31 27.60
C GLY A 234 -22.22 -14.08 28.91
N LEU A 235 -21.02 -14.46 29.37
CA LEU A 235 -20.86 -15.17 30.64
C LEU A 235 -21.19 -14.29 31.84
N GLU A 236 -20.71 -13.05 31.84
CA GLU A 236 -21.02 -12.09 32.91
C GLU A 236 -22.53 -11.88 33.04
N ALA A 237 -23.22 -11.77 31.90
CA ALA A 237 -24.68 -11.54 31.87
C ALA A 237 -25.49 -12.76 32.27
N ALA A 238 -24.92 -13.94 32.06
CA ALA A 238 -25.58 -15.19 32.45
C ALA A 238 -25.12 -15.61 33.83
N GLN A 239 -24.30 -14.77 34.44
CA GLN A 239 -23.69 -15.01 35.76
C GLN A 239 -22.90 -16.32 35.88
N LEU A 240 -22.30 -16.76 34.77
CA LEU A 240 -21.51 -17.99 34.73
C LEU A 240 -20.02 -17.63 34.75
N LYS A 241 -19.22 -18.52 35.32
CA LYS A 241 -17.78 -18.32 35.41
C LYS A 241 -17.05 -19.33 34.55
N ALA A 242 -16.01 -18.88 33.86
CA ALA A 242 -15.09 -19.74 33.16
C ALA A 242 -13.78 -19.00 32.93
N HIS A 243 -12.72 -19.77 32.77
CA HIS A 243 -11.43 -19.23 32.37
C HIS A 243 -11.50 -18.98 30.89
N LEU A 244 -10.77 -17.96 30.44
CA LEU A 244 -10.80 -17.57 29.04
C LEU A 244 -9.52 -17.97 28.29
N MET A 245 -9.67 -18.29 27.03
CA MET A 245 -8.60 -18.85 26.23
C MET A 245 -8.60 -18.27 24.83
N SER A 246 -7.44 -17.93 24.28
CA SER A 246 -7.39 -17.47 22.88
C SER A 246 -6.24 -18.11 22.13
N GLN A 247 -6.53 -18.68 20.96
CA GLN A 247 -5.49 -19.22 20.06
C GLN A 247 -5.70 -18.71 18.62
N PRO A 248 -5.40 -17.42 18.42
CA PRO A 248 -5.64 -16.82 17.12
C PRO A 248 -4.62 -17.25 16.10
N LEU A 249 -4.89 -16.91 14.85
CA LEU A 249 -3.90 -17.03 13.79
C LEU A 249 -2.74 -16.11 14.11
N ALA A 250 -1.55 -16.41 13.59
CA ALA A 250 -0.45 -15.44 13.56
C ALA A 250 -0.46 -14.58 12.27
N TYR A 251 -1.49 -14.71 11.47
CA TYR A 251 -1.66 -13.92 10.26
C TYR A 251 -2.59 -12.76 10.48
N HIS A 252 -2.19 -11.58 10.01
CA HIS A 252 -3.12 -10.45 9.94
C HIS A 252 -4.25 -10.67 8.95
N THR A 253 -5.47 -10.47 9.40
CA THR A 253 -6.65 -10.72 8.58
C THR A 253 -7.72 -9.61 8.71
N PRO A 254 -7.31 -8.35 8.49
CA PRO A 254 -8.28 -7.24 8.57
C PRO A 254 -9.33 -7.28 7.44
N ASP A 255 -9.00 -8.03 6.39
CA ASP A 255 -9.88 -8.21 5.23
C ASP A 255 -10.82 -9.43 5.30
N CYS A 256 -10.75 -10.22 6.38
CA CYS A 256 -11.65 -11.39 6.53
C CYS A 256 -13.10 -10.98 6.66
N ASN A 257 -13.99 -11.82 6.14
CA ASN A 257 -15.38 -11.76 6.55
C ASN A 257 -15.62 -12.83 7.62
N LYS A 258 -16.87 -13.16 7.89
CA LYS A 258 -17.16 -14.03 9.05
C LYS A 258 -16.74 -15.47 8.83
N GLN A 259 -16.50 -15.85 7.60
CA GLN A 259 -15.99 -17.19 7.28
C GLN A 259 -14.50 -17.38 7.62
N GLY A 260 -13.75 -16.30 7.80
CA GLY A 260 -12.34 -16.41 8.19
C GLY A 260 -11.41 -16.68 7.04
N PHE A 261 -10.17 -17.02 7.37
CA PHE A 261 -9.07 -16.88 6.42
C PHE A 261 -9.06 -17.84 5.25
N ILE A 262 -9.76 -18.97 5.39
CA ILE A 262 -9.77 -19.96 4.32
C ILE A 262 -10.31 -19.32 3.02
N ASP A 263 -11.22 -18.38 3.17
CA ASP A 263 -11.84 -17.73 1.99
C ASP A 263 -11.01 -16.59 1.40
N LEU A 264 -9.98 -16.14 2.13
CA LEU A 264 -9.02 -15.22 1.53
C LEU A 264 -8.35 -15.88 0.33
N PRO A 265 -8.16 -15.14 -0.76
CA PRO A 265 -7.54 -15.70 -1.95
C PRO A 265 -6.16 -16.31 -1.74
N GLU A 266 -5.46 -15.87 -0.69
CA GLU A 266 -4.09 -16.31 -0.47
C GLU A 266 -4.03 -17.61 0.33
N PHE A 267 -5.14 -18.09 0.88
CA PHE A 267 -5.09 -19.30 1.71
C PHE A 267 -4.86 -20.50 0.80
N PRO A 268 -3.91 -21.38 1.15
CA PRO A 268 -2.97 -21.36 2.25
C PRO A 268 -1.51 -21.11 1.83
N PHE A 269 -1.26 -20.89 0.54
CA PHE A 269 0.10 -20.79 -0.01
C PHE A 269 0.61 -19.37 -0.30
N GLY A 270 -0.17 -18.35 0.04
CA GLY A 270 0.23 -16.97 -0.19
C GLY A 270 0.10 -16.07 1.01
N LEU A 271 0.13 -16.65 2.20
CA LEU A 271 -0.17 -15.92 3.45
C LEU A 271 1.07 -15.28 4.09
N GLU A 272 2.24 -15.56 3.52
CA GLU A 272 3.55 -15.09 4.01
C GLU A 272 3.54 -13.64 4.50
N PRO A 273 3.09 -12.69 3.65
CA PRO A 273 3.16 -11.28 4.05
C PRO A 273 2.42 -10.94 5.32
N ARG A 274 1.40 -11.69 5.63
CA ARG A 274 0.54 -11.41 6.74
C ARG A 274 1.09 -11.88 8.08
N VAL A 275 2.15 -12.67 8.07
CA VAL A 275 2.65 -13.30 9.30
C VAL A 275 3.02 -12.20 10.32
N ALA A 276 2.56 -12.38 11.54
CA ALA A 276 2.86 -11.45 12.67
C ALA A 276 4.36 -11.36 12.95
N THR A 277 4.85 -10.18 13.31
CA THR A 277 6.15 -10.11 13.92
C THR A 277 6.06 -10.50 15.37
N ARG A 278 7.22 -10.67 16.01
CA ARG A 278 7.23 -10.99 17.43
C ARG A 278 6.61 -9.80 18.21
N TRP A 279 6.75 -8.59 17.69
CA TRP A 279 6.15 -7.40 18.36
C TRP A 279 4.66 -7.38 18.29
N ASP A 280 4.10 -7.71 17.12
CA ASP A 280 2.67 -7.94 16.99
C ASP A 280 2.17 -8.91 18.05
N ILE A 281 2.91 -10.00 18.31
CA ILE A 281 2.41 -10.99 19.26
C ILE A 281 2.54 -10.51 20.70
N GLN A 282 3.59 -9.76 21.00
CA GLN A 282 3.67 -9.11 22.31
C GLN A 282 2.47 -8.20 22.56
N LYS A 283 2.06 -7.43 21.54
CA LYS A 283 0.87 -6.58 21.69
C LYS A 283 -0.40 -7.41 21.98
N TYR A 284 -0.58 -8.48 21.21
CA TYR A 284 -1.66 -9.43 21.43
C TYR A 284 -1.62 -9.97 22.87
N ALA A 285 -0.46 -10.42 23.31
CA ALA A 285 -0.38 -11.08 24.62
C ALA A 285 -0.84 -10.12 25.73
N ARG A 286 -0.45 -8.87 25.57
CA ARG A 286 -0.79 -7.84 26.57
C ARG A 286 -2.28 -7.54 26.56
N GLU A 287 -2.83 -7.38 25.37
CA GLU A 287 -4.27 -7.15 25.23
C GLU A 287 -5.14 -8.32 25.72
N ALA A 288 -4.68 -9.55 25.45
CA ALA A 288 -5.38 -10.74 25.94
C ALA A 288 -5.42 -10.75 27.44
N TYR A 289 -4.26 -10.50 28.04
CA TYR A 289 -4.13 -10.43 29.47
C TYR A 289 -5.05 -9.37 30.07
N ASN A 290 -5.05 -8.16 29.49
CA ASN A 290 -5.88 -7.08 30.04
C ASN A 290 -7.35 -7.39 29.93
N LEU A 291 -7.74 -8.15 28.91
CA LEU A 291 -9.12 -8.59 28.79
C LEU A 291 -9.51 -9.70 29.78
N GLY A 292 -8.55 -10.25 30.51
CA GLY A 292 -8.82 -11.36 31.42
C GLY A 292 -8.58 -12.75 30.83
N VAL A 293 -8.02 -12.81 29.63
CA VAL A 293 -7.52 -14.08 29.09
C VAL A 293 -6.30 -14.58 29.90
N ARG A 294 -6.32 -15.85 30.28
CA ARG A 294 -5.21 -16.44 31.06
C ARG A 294 -4.62 -17.72 30.45
N TYR A 295 -5.32 -18.31 29.48
CA TYR A 295 -4.75 -19.34 28.61
C TYR A 295 -4.46 -18.63 27.28
N ILE A 296 -3.22 -18.19 27.13
CA ILE A 296 -2.86 -17.40 25.97
C ILE A 296 -1.96 -18.23 25.06
N GLY A 297 -2.51 -18.60 23.90
CA GLY A 297 -1.75 -19.38 22.91
C GLY A 297 -1.86 -18.87 21.48
N GLY A 298 -1.76 -19.79 20.53
CA GLY A 298 -1.86 -19.45 19.13
C GLY A 298 -2.18 -20.65 18.26
N CYS A 299 -2.65 -20.36 17.05
CA CYS A 299 -3.03 -21.39 16.10
C CYS A 299 -2.20 -21.30 14.82
N CYS A 300 -2.76 -21.65 13.67
CA CYS A 300 -1.98 -21.66 12.45
C CYS A 300 -1.17 -20.38 12.22
N GLY A 301 0.07 -20.58 11.84
CA GLY A 301 1.05 -19.54 11.63
C GLY A 301 1.95 -19.26 12.82
N PHE A 302 1.52 -19.60 14.03
CA PHE A 302 2.41 -19.43 15.20
C PHE A 302 3.62 -20.37 15.15
N GLU A 303 4.81 -19.76 15.12
CA GLU A 303 6.08 -20.46 15.22
C GLU A 303 6.68 -20.24 16.62
N PRO A 304 7.78 -20.96 16.94
CA PRO A 304 8.30 -20.94 18.29
C PRO A 304 8.62 -19.52 18.76
N TYR A 305 9.18 -18.66 17.91
CA TYR A 305 9.44 -17.26 18.32
C TYR A 305 8.17 -16.43 18.66
N HIS A 306 7.00 -16.78 18.09
CA HIS A 306 5.72 -16.16 18.47
C HIS A 306 5.29 -16.54 19.86
N ILE A 307 5.47 -17.81 20.20
CA ILE A 307 5.22 -18.25 21.56
C ILE A 307 6.17 -17.57 22.54
N ARG A 308 7.44 -17.47 22.17
CA ARG A 308 8.42 -16.79 23.02
C ARG A 308 7.97 -15.37 23.30
N ALA A 309 7.39 -14.72 22.30
CA ALA A 309 6.90 -13.37 22.44
C ALA A 309 5.77 -13.26 23.48
N ILE A 310 4.87 -14.25 23.53
CA ILE A 310 3.84 -14.21 24.54
C ILE A 310 4.50 -14.26 25.93
N ALA A 311 5.46 -15.17 26.05
CA ALA A 311 6.14 -15.42 27.33
C ALA A 311 7.02 -14.25 27.78
N GLU A 312 7.60 -13.54 26.82
CA GLU A 312 8.43 -12.39 27.13
C GLU A 312 7.58 -11.22 27.53
N GLU A 313 6.49 -11.00 26.81
CA GLU A 313 5.60 -9.89 27.10
C GLU A 313 5.08 -10.02 28.54
N LEU A 314 4.76 -11.25 28.92
CA LEU A 314 4.10 -11.49 30.21
C LEU A 314 5.08 -11.90 31.30
N ALA A 315 6.38 -11.76 31.03
CA ALA A 315 7.41 -12.26 31.92
C ALA A 315 7.39 -11.56 33.31
N PRO A 316 7.09 -10.27 33.35
CA PRO A 316 7.00 -9.60 34.68
C PRO A 316 5.83 -10.10 35.51
N GLU A 317 4.70 -10.42 34.88
CA GLU A 317 3.58 -11.01 35.58
C GLU A 317 3.83 -12.43 36.04
N ARG A 318 4.77 -13.13 35.43
CA ARG A 318 5.02 -14.54 35.75
C ARG A 318 6.25 -14.76 36.58
N GLY A 319 7.14 -13.78 36.58
CA GLY A 319 8.37 -13.85 37.34
C GLY A 319 9.54 -14.53 36.69
N PHE A 320 9.42 -14.96 35.43
CA PHE A 320 10.54 -15.61 34.75
C PHE A 320 10.37 -15.53 33.21
N LEU A 321 11.46 -15.81 32.51
CA LEU A 321 11.48 -15.89 31.06
C LEU A 321 11.57 -17.36 30.61
N PRO A 322 11.06 -17.66 29.40
CA PRO A 322 11.24 -19.02 28.85
C PRO A 322 12.70 -19.27 28.49
N PRO A 323 13.13 -20.53 28.41
CA PRO A 323 14.51 -20.82 28.03
C PRO A 323 14.98 -20.26 26.68
N ALA A 324 14.08 -20.11 25.72
CA ALA A 324 14.48 -19.56 24.41
C ALA A 324 14.94 -18.08 24.48
N SER A 325 14.55 -17.36 25.51
CA SER A 325 14.97 -15.99 25.71
C SER A 325 16.48 -15.88 25.95
N GLU A 326 17.15 -16.97 26.32
CA GLU A 326 18.62 -17.00 26.42
CA GLU A 326 18.62 -16.96 26.42
C GLU A 326 19.26 -16.69 25.07
N LYS A 327 18.52 -16.98 23.98
CA LYS A 327 18.97 -16.68 22.63
C LYS A 327 18.24 -15.48 22.07
N HIS A 328 17.89 -14.54 22.95
CA HIS A 328 17.15 -13.34 22.58
C HIS A 328 17.55 -12.18 23.50
N GLY A 329 16.80 -11.12 23.44
CA GLY A 329 16.99 -9.95 24.29
C GLY A 329 15.66 -9.24 24.37
N SER A 330 15.53 -8.30 25.31
CA SER A 330 14.30 -7.57 25.44
C SER A 330 14.22 -6.55 24.28
N TRP A 331 13.18 -6.66 23.48
CA TRP A 331 12.88 -5.63 22.46
C TRP A 331 14.06 -5.19 21.67
N GLY A 332 14.84 -6.16 21.19
CA GLY A 332 15.93 -5.90 20.24
C GLY A 332 17.30 -5.63 20.81
N SER A 333 17.47 -5.85 22.11
CA SER A 333 18.71 -5.51 22.79
C SER A 333 19.90 -6.28 22.27
N GLY A 334 19.65 -7.43 21.64
CA GLY A 334 20.73 -8.22 21.07
C GLY A 334 21.51 -7.50 19.98
N LEU A 335 20.89 -6.47 19.40
CA LEU A 335 21.53 -5.67 18.37
C LEU A 335 22.39 -4.54 18.94
N ASP A 336 22.41 -4.33 20.26
CA ASP A 336 23.09 -3.13 20.80
C ASP A 336 24.62 -3.08 20.61
N MET A 337 25.19 -4.15 20.05
CA MET A 337 26.62 -4.27 19.79
C MET A 337 26.95 -4.26 18.31
N HIS A 338 25.97 -3.98 17.44
CA HIS A 338 26.22 -4.03 16.00
C HIS A 338 27.21 -2.98 15.56
N THR A 339 27.97 -3.30 14.51
CA THR A 339 28.97 -2.36 13.95
C THR A 339 28.38 -1.00 13.49
N LYS A 340 27.10 -0.98 13.11
CA LYS A 340 26.50 0.22 12.52
C LYS A 340 25.59 0.90 13.54
N PRO A 341 25.73 2.23 13.69
CA PRO A 341 24.93 2.94 14.70
C PRO A 341 23.42 2.89 14.46
N TRP A 342 22.99 2.89 13.19
CA TRP A 342 21.55 2.79 12.92
C TRP A 342 20.98 1.43 13.28
N VAL A 343 21.79 0.37 13.25
CA VAL A 343 21.31 -0.97 13.68
C VAL A 343 21.22 -0.95 15.20
N ARG A 344 22.26 -0.42 15.86
CA ARG A 344 22.24 -0.31 17.32
C ARG A 344 21.06 0.50 17.81
N ALA A 345 20.68 1.54 17.06
CA ALA A 345 19.57 2.40 17.40
C ALA A 345 18.23 1.66 17.41
N ARG A 346 18.20 0.50 16.76
CA ARG A 346 16.99 -0.36 16.77
C ARG A 346 16.82 -1.18 18.05
N ALA A 347 17.77 -1.10 18.97
CA ALA A 347 17.79 -2.02 20.09
C ALA A 347 16.90 -1.54 21.22
N ARG A 348 15.70 -1.06 20.91
CA ARG A 348 14.79 -0.48 21.91
C ARG A 348 13.33 -0.76 21.58
N LYS A 349 12.50 -0.88 22.62
CA LYS A 349 11.08 -1.05 22.46
C LYS A 349 10.46 0.09 21.64
N GLU A 350 10.85 1.33 21.90
CA GLU A 350 10.25 2.48 21.19
C GLU A 350 10.40 2.35 19.65
N TYR A 351 11.49 1.75 19.23
CA TYR A 351 11.71 1.55 17.81
C TYR A 351 10.75 0.52 17.23
N TRP A 352 10.85 -0.71 17.72
CA TRP A 352 10.06 -1.83 17.18
C TRP A 352 8.60 -1.72 17.40
N GLU A 353 8.18 -1.15 18.54
CA GLU A 353 6.78 -0.99 18.81
C GLU A 353 6.10 -0.04 17.83
N ASN A 354 6.83 0.94 17.31
CA ASN A 354 6.25 1.96 16.44
C ASN A 354 6.62 1.87 14.95
N LEU A 355 7.50 0.97 14.60
CA LEU A 355 7.93 0.88 13.20
C LEU A 355 6.83 0.22 12.39
N ARG A 356 6.32 0.95 11.42
CA ARG A 356 5.39 0.43 10.42
C ARG A 356 6.20 -0.29 9.33
N ILE A 357 6.37 -1.60 9.53
CA ILE A 357 7.20 -2.39 8.65
C ILE A 357 6.61 -2.46 7.21
N ALA A 358 7.51 -2.40 6.25
CA ALA A 358 7.14 -2.40 4.82
C ALA A 358 6.87 -3.82 4.30
N SER A 359 6.02 -3.91 3.29
CA SER A 359 5.65 -5.21 2.73
C SER A 359 6.69 -5.75 1.76
N GLY A 360 7.48 -4.86 1.15
CA GLY A 360 8.44 -5.22 0.10
C GLY A 360 7.81 -5.61 -1.24
N ARG A 361 6.50 -5.46 -1.35
CA ARG A 361 5.75 -5.82 -2.58
C ARG A 361 4.91 -4.63 -3.08
N PRO A 362 5.57 -3.66 -3.69
CA PRO A 362 4.85 -2.45 -4.07
C PRO A 362 3.82 -2.58 -5.19
N TYR A 363 3.91 -3.66 -5.96
CA TYR A 363 2.95 -3.93 -7.01
C TYR A 363 1.76 -4.74 -6.53
N ASN A 364 1.67 -4.98 -5.22
CA ASN A 364 0.61 -5.77 -4.61
C ASN A 364 -0.21 -4.92 -3.65
N PRO A 365 -1.50 -5.26 -3.46
CA PRO A 365 -2.34 -4.58 -2.51
C PRO A 365 -2.07 -4.93 -1.06
N SER A 366 -2.71 -4.21 -0.16
CA SER A 366 -2.59 -4.43 1.29
C SER A 366 -3.73 -5.33 1.83
N MET A 367 -4.84 -5.37 1.10
CA MET A 367 -5.94 -6.26 1.41
C MET A 367 -6.54 -6.96 0.18
N SER A 368 -7.23 -8.07 0.46
CA SER A 368 -7.92 -8.87 -0.55
C SER A 368 -9.36 -9.13 -0.19
N LYS A 369 -10.24 -9.10 -1.20
CA LYS A 369 -11.65 -9.47 -0.97
C LYS A 369 -11.78 -10.99 -0.83
N PRO A 370 -12.44 -11.45 0.24
CA PRO A 370 -12.70 -12.88 0.35
C PRO A 370 -13.45 -13.44 -0.87
N ASP A 371 -13.08 -14.64 -1.29
CA ASP A 371 -13.91 -15.41 -2.20
C ASP A 371 -15.16 -15.86 -1.46
N GLY A 372 -16.13 -16.39 -2.19
CA GLY A 372 -17.41 -16.71 -1.59
C GLY A 372 -18.38 -17.23 -2.62
N TRP A 373 -19.57 -17.57 -2.17
CA TRP A 373 -20.60 -18.08 -3.09
C TRP A 373 -20.97 -17.07 -4.11
N GLY A 374 -21.07 -15.82 -3.66
CA GLY A 374 -21.55 -14.75 -4.49
C GLY A 374 -23.04 -14.93 -4.76
N VAL A 375 -23.47 -14.54 -5.95
CA VAL A 375 -24.88 -14.47 -6.25
C VAL A 375 -25.29 -15.69 -7.10
N THR A 376 -26.58 -15.99 -7.16
CA THR A 376 -27.03 -17.18 -7.91
C THR A 376 -26.71 -17.03 -9.39
N LYS A 377 -26.67 -18.16 -10.08
CA LYS A 377 -26.43 -18.22 -11.53
C LYS A 377 -27.40 -17.31 -12.33
N GLY A 378 -28.66 -17.29 -11.92
CA GLY A 378 -29.70 -16.55 -12.66
C GLY A 378 -29.61 -15.05 -12.41
N THR A 379 -29.20 -14.69 -11.20
CA THR A 379 -29.00 -13.30 -10.85
C THR A 379 -27.82 -12.71 -11.62
N ALA A 380 -26.72 -13.49 -11.70
CA ALA A 380 -25.56 -13.14 -12.55
C ALA A 380 -25.95 -12.97 -14.01
N GLU A 381 -26.81 -13.87 -14.48
CA GLU A 381 -27.43 -13.76 -15.80
C GLU A 381 -28.21 -12.44 -15.96
N LEU A 382 -29.10 -12.16 -15.01
CA LEU A 382 -29.86 -10.90 -15.00
C LEU A 382 -28.94 -9.68 -14.97
N MET A 383 -28.19 -9.56 -13.87
CA MET A 383 -27.25 -8.45 -13.62
C MET A 383 -26.45 -8.13 -14.87
N GLN A 384 -25.93 -9.17 -15.50
CA GLN A 384 -25.14 -9.08 -16.71
C GLN A 384 -25.87 -8.36 -17.82
N GLN A 385 -27.01 -8.90 -18.22
CA GLN A 385 -27.74 -8.35 -19.36
C GLN A 385 -28.31 -6.97 -19.07
N LYS A 386 -28.65 -6.71 -17.82
CA LYS A 386 -29.01 -5.36 -17.39
C LYS A 386 -27.85 -4.40 -17.66
N GLU A 387 -26.65 -4.76 -17.20
CA GLU A 387 -25.44 -3.96 -17.42
C GLU A 387 -25.09 -3.86 -18.91
N ALA A 388 -25.16 -4.98 -19.63
CA ALA A 388 -24.97 -4.98 -21.08
C ALA A 388 -25.87 -3.98 -21.78
N THR A 389 -27.16 -4.00 -21.44
CA THR A 389 -28.17 -3.12 -22.06
C THR A 389 -27.83 -1.64 -21.86
N THR A 390 -27.55 -1.27 -20.61
CA THR A 390 -27.13 0.09 -20.24
C THR A 390 -25.98 0.53 -21.17
N GLU A 391 -24.97 -0.32 -21.31
CA GLU A 391 -23.80 0.05 -22.10
C GLU A 391 -24.14 0.22 -23.60
N GLN A 392 -25.06 -0.58 -24.11
CA GLN A 392 -25.50 -0.48 -25.52
C GLN A 392 -26.32 0.82 -25.80
N GLN A 393 -27.15 1.18 -24.83
CA GLN A 393 -27.90 2.42 -24.88
C GLN A 393 -26.96 3.63 -24.76
N LEU A 394 -25.96 3.54 -23.89
CA LEU A 394 -25.02 4.63 -23.72
C LEU A 394 -24.29 4.83 -25.06
N LYS A 395 -23.86 3.73 -25.67
CA LYS A 395 -23.18 3.81 -26.97
C LYS A 395 -24.01 4.54 -28.02
N GLU A 396 -25.31 4.27 -28.07
CA GLU A 396 -26.12 4.96 -29.07
C GLU A 396 -26.48 6.40 -28.67
N LEU A 397 -26.57 6.71 -27.38
CA LEU A 397 -26.68 8.11 -26.95
C LEU A 397 -25.46 8.92 -27.42
N PHE A 398 -24.26 8.35 -27.26
CA PHE A 398 -23.05 9.03 -27.73
C PHE A 398 -23.03 9.21 -29.25
N GLU A 399 -23.38 8.16 -29.97
CA GLU A 399 -23.43 8.22 -31.43
C GLU A 399 -24.40 9.28 -31.98
N LYS A 400 -25.43 9.63 -31.20
CA LYS A 400 -26.49 10.54 -31.66
C LYS A 400 -26.19 11.99 -31.33
N GLN A 401 -25.82 12.28 -30.09
CA GLN A 401 -25.53 13.65 -29.70
C GLN A 401 -24.08 14.00 -30.05
N LYS B 8 26.22 -46.38 -3.47
CA LYS B 8 26.58 -45.53 -2.31
C LYS B 8 27.60 -44.46 -2.65
N ALA B 9 28.52 -44.75 -3.58
CA ALA B 9 29.52 -43.75 -3.98
C ALA B 9 28.83 -42.55 -4.57
N LYS B 10 29.41 -41.38 -4.38
CA LYS B 10 28.71 -40.14 -4.62
C LYS B 10 29.51 -39.19 -5.51
N LYS B 11 28.85 -38.65 -6.54
CA LYS B 11 29.51 -37.67 -7.41
C LYS B 11 29.93 -36.46 -6.58
N GLY B 12 31.16 -35.97 -6.82
CA GLY B 12 31.65 -34.74 -6.23
C GLY B 12 30.95 -33.51 -6.81
N ILE B 13 31.23 -32.36 -6.24
CA ILE B 13 30.56 -31.13 -6.69
C ILE B 13 30.84 -30.82 -8.18
N LEU B 14 32.11 -30.88 -8.61
CA LEU B 14 32.44 -30.57 -9.99
C LEU B 14 31.99 -31.70 -10.93
N GLU B 15 32.09 -32.94 -10.48
CA GLU B 15 31.56 -34.06 -11.25
C GLU B 15 30.09 -33.82 -11.59
N ARG B 16 29.30 -33.36 -10.62
CA ARG B 16 27.91 -33.02 -10.86
C ARG B 16 27.78 -31.83 -11.82
N LEU B 17 28.53 -30.77 -11.53
CA LEU B 17 28.38 -29.52 -12.29
C LEU B 17 28.93 -29.69 -13.72
N ASN B 18 30.16 -30.21 -13.85
CA ASN B 18 30.74 -30.48 -15.18
C ASN B 18 29.85 -31.33 -16.06
N ALA B 19 29.12 -32.27 -15.45
CA ALA B 19 28.17 -33.11 -16.17
C ALA B 19 26.84 -32.41 -16.52
N GLY B 20 26.73 -31.12 -16.18
CA GLY B 20 25.53 -30.34 -16.48
C GLY B 20 24.35 -30.54 -15.54
N GLU B 21 24.60 -31.05 -14.34
CA GLU B 21 23.50 -31.30 -13.39
C GLU B 21 23.22 -30.04 -12.56
N ILE B 22 22.01 -30.00 -12.00
CA ILE B 22 21.59 -28.93 -11.11
C ILE B 22 21.90 -29.33 -9.68
N VAL B 23 22.80 -28.61 -9.03
CA VAL B 23 23.05 -28.77 -7.59
C VAL B 23 22.17 -27.81 -6.79
N ILE B 24 21.35 -28.36 -5.89
CA ILE B 24 20.48 -27.56 -5.02
C ILE B 24 21.15 -27.31 -3.66
N GLY B 25 21.19 -26.04 -3.27
CA GLY B 25 21.76 -25.68 -2.00
C GLY B 25 20.84 -25.91 -0.82
N ASP B 26 21.35 -25.66 0.37
CA ASP B 26 20.45 -25.62 1.54
C ASP B 26 20.03 -24.18 1.76
N GLY B 27 19.25 -23.94 2.83
CA GLY B 27 18.63 -22.63 3.07
C GLY B 27 19.40 -21.79 4.05
N GLY B 28 18.69 -21.01 4.87
CA GLY B 28 19.35 -20.04 5.76
C GLY B 28 19.37 -20.49 7.21
N PHE B 29 20.50 -21.02 7.66
CA PHE B 29 20.56 -21.62 8.98
C PHE B 29 20.40 -20.66 10.12
N VAL B 30 21.20 -19.60 10.16
CA VAL B 30 21.14 -18.73 11.30
C VAL B 30 19.76 -18.11 11.47
N PHE B 31 19.14 -17.65 10.37
CA PHE B 31 17.82 -17.08 10.46
C PHE B 31 16.75 -18.09 10.89
N ALA B 32 16.80 -19.31 10.32
CA ALA B 32 15.76 -20.30 10.63
C ALA B 32 15.90 -20.74 12.07
N LEU B 33 17.15 -20.94 12.53
CA LEU B 33 17.36 -21.38 13.91
C LEU B 33 17.10 -20.27 14.93
N GLU B 34 17.18 -19.01 14.53
CA GLU B 34 16.89 -17.93 15.47
C GLU B 34 15.39 -17.98 15.77
N LYS B 35 14.59 -18.20 14.74
CA LYS B 35 13.14 -18.33 14.85
C LYS B 35 12.67 -19.52 15.69
N ARG B 36 13.48 -20.56 15.71
CA ARG B 36 13.20 -21.76 16.45
C ARG B 36 13.70 -21.74 17.90
N GLY B 37 14.45 -20.69 18.25
CA GLY B 37 15.02 -20.50 19.58
C GLY B 37 16.45 -20.94 19.88
N TYR B 38 17.28 -21.19 18.88
CA TYR B 38 18.62 -21.75 19.11
C TYR B 38 19.80 -20.85 18.72
N VAL B 39 19.51 -19.74 18.06
CA VAL B 39 20.53 -18.79 17.66
C VAL B 39 20.10 -17.39 18.11
N LYS B 40 21.07 -16.56 18.58
CA LYS B 40 20.78 -15.20 19.05
C LYS B 40 21.10 -14.20 17.97
N ALA B 41 20.06 -13.47 17.54
CA ALA B 41 20.25 -12.37 16.61
C ALA B 41 21.17 -11.36 17.29
N GLY B 42 22.20 -10.94 16.54
CA GLY B 42 23.25 -10.02 17.03
C GLY B 42 24.59 -10.71 16.82
N PRO B 43 24.93 -11.66 17.69
CA PRO B 43 26.09 -12.48 17.40
C PRO B 43 25.89 -13.48 16.25
N TRP B 44 24.68 -14.03 16.11
CA TRP B 44 24.39 -15.07 15.10
C TRP B 44 25.34 -16.25 15.14
N THR B 45 25.81 -16.62 16.33
CA THR B 45 26.79 -17.68 16.47
C THR B 45 26.19 -19.09 16.56
N PRO B 46 26.96 -20.13 16.20
CA PRO B 46 26.37 -21.47 16.03
C PRO B 46 26.62 -22.44 17.18
N GLU B 47 26.62 -21.96 18.41
CA GLU B 47 26.81 -22.85 19.57
C GLU B 47 25.75 -23.96 19.73
N ALA B 48 24.58 -23.77 19.11
CA ALA B 48 23.58 -24.85 19.05
C ALA B 48 24.17 -26.21 18.60
N ALA B 49 25.23 -26.20 17.78
CA ALA B 49 25.84 -27.44 17.30
C ALA B 49 26.32 -28.32 18.45
N VAL B 50 26.66 -27.69 19.58
CA VAL B 50 26.94 -28.44 20.81
C VAL B 50 25.80 -28.39 21.82
N GLU B 51 25.14 -27.24 21.97
CA GLU B 51 24.11 -27.08 23.01
C GLU B 51 22.83 -27.81 22.67
N HIS B 52 22.45 -27.77 21.39
CA HIS B 52 21.23 -28.44 20.92
C HIS B 52 21.46 -29.06 19.57
N PRO B 53 22.29 -30.12 19.51
CA PRO B 53 22.65 -30.70 18.23
C PRO B 53 21.42 -31.30 17.55
N GLU B 54 20.43 -31.72 18.32
CA GLU B 54 19.18 -32.26 17.76
C GLU B 54 18.44 -31.24 16.87
N ALA B 55 18.50 -29.97 17.22
CA ALA B 55 17.87 -28.94 16.43
C ALA B 55 18.57 -28.73 15.10
N VAL B 56 19.89 -28.69 15.16
CA VAL B 56 20.72 -28.49 13.98
C VAL B 56 20.55 -29.68 13.01
N ARG B 57 20.65 -30.89 13.55
CA ARG B 57 20.43 -32.10 12.78
C ARG B 57 19.10 -32.10 12.07
N GLN B 58 18.03 -31.74 12.80
CA GLN B 58 16.72 -31.77 12.23
C GLN B 58 16.59 -30.75 11.11
N LEU B 59 17.19 -29.57 11.26
CA LEU B 59 17.13 -28.57 10.18
C LEU B 59 17.91 -29.07 8.94
N HIS B 60 19.09 -29.64 9.14
CA HIS B 60 19.84 -30.21 8.01
C HIS B 60 18.98 -31.25 7.33
N ARG B 61 18.27 -32.06 8.14
CA ARG B 61 17.42 -33.13 7.59
C ARG B 61 16.25 -32.62 6.77
N GLU B 62 15.70 -31.50 7.21
CA GLU B 62 14.62 -30.86 6.50
C GLU B 62 15.06 -30.35 5.16
N PHE B 63 16.27 -29.77 5.08
CA PHE B 63 16.80 -29.33 3.80
C PHE B 63 17.17 -30.50 2.91
N LEU B 64 17.76 -31.54 3.48
CA LEU B 64 17.95 -32.78 2.73
C LEU B 64 16.68 -33.26 2.06
N ARG B 65 15.62 -33.36 2.85
CA ARG B 65 14.35 -33.90 2.40
C ARG B 65 13.70 -32.99 1.35
N ALA B 66 13.95 -31.69 1.45
CA ALA B 66 13.43 -30.72 0.52
C ALA B 66 14.14 -30.78 -0.86
N GLY B 67 15.29 -31.42 -0.95
CA GLY B 67 16.05 -31.53 -2.23
C GLY B 67 17.47 -31.06 -2.19
N SER B 68 17.93 -30.51 -1.07
CA SER B 68 19.32 -30.04 -1.00
C SER B 68 20.38 -31.12 -1.27
N ASN B 69 21.36 -30.79 -2.11
CA ASN B 69 22.54 -31.64 -2.34
C ASN B 69 23.77 -31.19 -1.57
N VAL B 70 23.63 -30.11 -0.80
CA VAL B 70 24.75 -29.58 -0.06
C VAL B 70 24.31 -29.32 1.37
N MET B 71 25.04 -29.87 2.32
CA MET B 71 24.90 -29.49 3.71
C MET B 71 26.04 -28.57 4.01
N GLN B 72 25.78 -27.26 4.11
CA GLN B 72 26.81 -26.33 4.56
C GLN B 72 26.99 -26.50 6.06
N THR B 73 28.24 -26.51 6.49
CA THR B 73 28.55 -26.66 7.90
C THR B 73 28.05 -25.43 8.67
N PHE B 74 27.50 -25.66 9.85
CA PHE B 74 26.98 -24.58 10.68
C PHE B 74 28.13 -24.07 11.56
N THR B 75 29.06 -23.37 10.93
CA THR B 75 30.36 -23.02 11.51
C THR B 75 30.59 -21.52 11.56
N PHE B 76 31.60 -21.12 12.36
CA PHE B 76 32.02 -19.70 12.50
C PHE B 76 33.50 -19.60 12.87
N TYR B 77 34.00 -18.38 13.01
CA TYR B 77 35.40 -18.17 13.40
C TYR B 77 35.66 -18.64 14.84
N SER B 95 35.21 -25.62 23.56
CA SER B 95 34.38 -24.63 22.89
C SER B 95 35.11 -23.95 21.73
N GLY B 96 34.35 -23.17 20.94
CA GLY B 96 34.88 -22.50 19.75
C GLY B 96 35.21 -23.50 18.65
N GLN B 97 36.35 -24.16 18.77
CA GLN B 97 36.77 -25.12 17.77
C GLN B 97 35.96 -26.42 17.90
N GLU B 98 35.47 -26.69 19.09
CA GLU B 98 34.67 -27.87 19.35
C GLU B 98 33.29 -27.67 18.76
N VAL B 99 32.84 -26.41 18.67
CA VAL B 99 31.55 -26.08 18.05
C VAL B 99 31.62 -26.43 16.57
N ASN B 100 32.74 -26.07 15.92
CA ASN B 100 32.92 -26.31 14.50
C ASN B 100 33.14 -27.79 14.16
N GLU B 101 33.84 -28.50 15.02
CA GLU B 101 33.99 -29.95 14.86
C GLU B 101 32.63 -30.64 15.00
N ALA B 102 31.85 -30.24 15.99
CA ALA B 102 30.52 -30.83 16.16
C ALA B 102 29.61 -30.52 14.95
N ALA B 103 29.61 -29.27 14.48
CA ALA B 103 28.84 -28.92 13.28
C ALA B 103 29.20 -29.75 12.04
N CYS B 104 30.49 -29.92 11.81
CA CYS B 104 30.96 -30.77 10.71
C CYS B 104 30.44 -32.19 10.88
N ASP B 105 30.48 -32.74 12.10
CA ASP B 105 30.01 -34.10 12.32
C ASP B 105 28.52 -34.22 11.99
N ILE B 106 27.73 -33.21 12.34
CA ILE B 106 26.29 -33.30 12.09
C ILE B 106 26.00 -33.20 10.59
N ALA B 107 26.69 -32.29 9.91
CA ALA B 107 26.54 -32.12 8.47
C ALA B 107 26.88 -33.42 7.74
N ARG B 108 28.02 -34.00 8.11
CA ARG B 108 28.45 -35.33 7.60
C ARG B 108 27.36 -36.38 7.82
N GLN B 109 26.81 -36.45 9.03
CA GLN B 109 25.85 -37.49 9.34
C GLN B 109 24.70 -37.41 8.38
N VAL B 110 24.19 -36.20 8.23
CA VAL B 110 23.02 -35.97 7.43
C VAL B 110 23.30 -36.09 5.93
N ALA B 111 24.43 -35.57 5.46
CA ALA B 111 24.78 -35.71 4.04
C ALA B 111 24.77 -37.19 3.63
N ASP B 112 25.28 -38.05 4.51
CA ASP B 112 25.37 -39.49 4.26
C ASP B 112 24.01 -40.18 4.22
N GLU B 113 22.94 -39.50 4.67
CA GLU B 113 21.60 -40.07 4.65
C GLU B 113 20.89 -39.85 3.31
N GLY B 114 21.51 -39.10 2.40
CA GLY B 114 20.89 -38.80 1.12
C GLY B 114 21.91 -38.45 0.05
N ASP B 115 21.43 -37.84 -1.01
CA ASP B 115 22.30 -37.46 -2.11
C ASP B 115 22.84 -36.05 -1.88
N ALA B 116 23.79 -35.95 -0.96
CA ALA B 116 24.31 -34.64 -0.56
C ALA B 116 25.75 -34.68 -0.20
N LEU B 117 26.38 -33.52 -0.31
CA LEU B 117 27.77 -33.32 0.01
C LEU B 117 27.86 -32.36 1.17
N VAL B 118 29.01 -32.33 1.84
CA VAL B 118 29.31 -31.40 2.92
C VAL B 118 30.20 -30.28 2.40
N ALA B 119 29.78 -29.02 2.64
CA ALA B 119 30.59 -27.88 2.25
C ALA B 119 31.01 -27.11 3.49
N GLY B 120 32.32 -26.94 3.65
CA GLY B 120 32.84 -26.12 4.73
C GLY B 120 32.98 -24.69 4.32
N GLY B 121 32.39 -23.77 5.08
CA GLY B 121 32.36 -22.37 4.69
C GLY B 121 33.25 -21.47 5.51
N VAL B 122 33.74 -20.42 4.88
CA VAL B 122 34.43 -19.36 5.57
C VAL B 122 33.81 -18.06 5.08
N SER B 123 33.83 -17.06 5.96
CA SER B 123 33.21 -15.78 5.74
C SER B 123 34.17 -14.66 6.03
N GLN B 124 33.79 -13.45 5.65
CA GLN B 124 34.62 -12.29 5.91
C GLN B 124 34.83 -12.13 7.42
N THR B 125 36.03 -11.63 7.77
CA THR B 125 36.56 -11.66 9.12
C THR B 125 36.57 -10.27 9.73
N PRO B 126 36.03 -10.10 10.95
CA PRO B 126 36.05 -8.78 11.59
C PRO B 126 37.44 -8.44 12.17
N SER B 133 45.42 -6.68 7.30
CA SER B 133 46.73 -7.28 7.05
C SER B 133 46.58 -8.65 6.40
N GLU B 134 47.17 -8.84 5.22
CA GLU B 134 47.00 -10.08 4.46
C GLU B 134 47.48 -11.31 5.25
N THR B 135 48.67 -11.20 5.84
CA THR B 135 49.22 -12.27 6.67
C THR B 135 48.23 -12.64 7.78
N GLU B 136 47.72 -11.63 8.47
CA GLU B 136 46.90 -11.84 9.66
C GLU B 136 45.50 -12.40 9.35
N VAL B 137 44.98 -12.06 8.19
CA VAL B 137 43.65 -12.48 7.79
C VAL B 137 43.69 -13.91 7.26
N LYS B 138 44.69 -14.21 6.44
CA LYS B 138 44.83 -15.57 5.91
C LYS B 138 45.11 -16.61 7.00
N LYS B 139 45.63 -16.18 8.14
CA LYS B 139 45.82 -17.07 9.27
C LYS B 139 44.49 -17.40 9.96
N VAL B 140 43.53 -16.48 9.87
CA VAL B 140 42.17 -16.77 10.32
C VAL B 140 41.52 -17.82 9.41
N PHE B 141 41.68 -17.68 8.10
CA PHE B 141 41.13 -18.66 7.17
C PHE B 141 41.83 -20.02 7.31
N LEU B 142 43.14 -20.00 7.48
CA LEU B 142 43.93 -21.24 7.58
C LEU B 142 43.48 -22.05 8.78
N GLN B 143 43.31 -21.34 9.90
CA GLN B 143 42.87 -21.91 11.16
C GLN B 143 41.50 -22.57 11.02
N GLN B 144 40.65 -22.00 10.17
CA GLN B 144 39.34 -22.58 9.85
C GLN B 144 39.51 -23.82 8.96
N LEU B 145 40.36 -23.70 7.93
CA LEU B 145 40.53 -24.79 6.96
C LEU B 145 41.04 -26.09 7.58
N GLU B 146 41.84 -25.96 8.63
CA GLU B 146 42.38 -27.09 9.36
C GLU B 146 41.29 -28.07 9.77
N VAL B 147 40.22 -27.56 10.38
CA VAL B 147 39.12 -28.41 10.84
C VAL B 147 38.45 -29.09 9.64
N PHE B 148 38.24 -28.33 8.56
CA PHE B 148 37.60 -28.88 7.37
C PHE B 148 38.41 -29.97 6.66
N MET B 149 39.73 -29.87 6.73
CA MET B 149 40.61 -30.91 6.19
C MET B 149 40.59 -32.13 7.10
N LYS B 150 40.70 -31.91 8.40
CA LYS B 150 40.56 -32.99 9.36
C LYS B 150 39.25 -33.74 9.13
N LYS B 151 38.15 -33.00 8.97
CA LYS B 151 36.83 -33.63 8.82
C LYS B 151 36.54 -34.10 7.41
N ASN B 152 37.48 -33.83 6.49
CA ASN B 152 37.39 -34.26 5.10
C ASN B 152 36.10 -33.84 4.39
N VAL B 153 35.81 -32.54 4.48
CA VAL B 153 34.64 -31.98 3.77
C VAL B 153 34.77 -32.24 2.28
N ASP B 154 33.65 -32.25 1.58
CA ASP B 154 33.64 -32.50 0.15
C ASP B 154 34.10 -31.31 -0.70
N PHE B 155 33.71 -30.10 -0.32
CA PHE B 155 34.28 -28.89 -0.93
C PHE B 155 34.22 -27.70 0.01
N LEU B 156 34.70 -26.56 -0.45
CA LEU B 156 34.87 -25.41 0.40
C LEU B 156 34.13 -24.24 -0.22
N ILE B 157 33.61 -23.36 0.64
CA ILE B 157 32.86 -22.19 0.20
C ILE B 157 33.39 -20.94 0.89
N ALA B 158 33.76 -19.97 0.07
CA ALA B 158 34.06 -18.66 0.58
C ALA B 158 32.78 -17.87 0.33
N GLU B 159 32.06 -17.55 1.40
CA GLU B 159 30.78 -16.85 1.26
C GLU B 159 30.71 -15.63 2.16
N TYR B 160 29.77 -14.75 1.87
CA TYR B 160 29.53 -13.53 2.65
C TYR B 160 30.79 -12.66 2.70
N PHE B 161 31.26 -12.26 1.52
CA PHE B 161 32.37 -11.31 1.40
C PHE B 161 31.86 -10.06 0.71
N GLU B 162 32.10 -8.91 1.33
CA GLU B 162 31.75 -7.63 0.75
C GLU B 162 32.93 -6.94 0.07
N HIS B 163 34.16 -7.39 0.34
CA HIS B 163 35.37 -6.88 -0.35
C HIS B 163 35.99 -7.98 -1.18
N VAL B 164 36.08 -7.80 -2.49
CA VAL B 164 36.69 -8.83 -3.33
C VAL B 164 38.16 -9.09 -2.98
N GLU B 165 38.85 -8.10 -2.41
CA GLU B 165 40.25 -8.29 -2.06
C GLU B 165 40.38 -9.41 -1.05
N GLU B 166 39.65 -9.28 0.06
CA GLU B 166 39.59 -10.29 1.11
C GLU B 166 39.04 -11.66 0.62
N ALA B 167 38.06 -11.65 -0.26
CA ALA B 167 37.51 -12.89 -0.82
C ALA B 167 38.54 -13.68 -1.62
N VAL B 168 39.33 -12.96 -2.40
CA VAL B 168 40.41 -13.56 -3.18
C VAL B 168 41.44 -14.20 -2.23
N TRP B 169 41.75 -13.53 -1.12
CA TRP B 169 42.64 -14.13 -0.10
C TRP B 169 42.10 -15.42 0.47
N ALA B 170 40.80 -15.46 0.71
CA ALA B 170 40.17 -16.68 1.21
C ALA B 170 40.30 -17.79 0.19
N VAL B 171 40.03 -17.48 -1.07
CA VAL B 171 40.13 -18.45 -2.15
C VAL B 171 41.56 -19.00 -2.29
N GLU B 172 42.55 -18.10 -2.27
CA GLU B 172 43.96 -18.50 -2.33
C GLU B 172 44.33 -19.47 -1.21
N THR B 173 43.98 -19.11 0.03
CA THR B 173 44.18 -19.98 1.18
C THR B 173 43.48 -21.33 0.99
N LEU B 174 42.25 -21.30 0.47
CA LEU B 174 41.41 -22.49 0.42
C LEU B 174 41.80 -23.48 -0.69
N ILE B 175 42.15 -22.98 -1.88
CA ILE B 175 42.51 -23.88 -2.99
C ILE B 175 43.70 -24.77 -2.65
N ALA B 176 44.55 -24.30 -1.75
CA ALA B 176 45.75 -25.04 -1.34
C ALA B 176 45.42 -26.36 -0.62
N SER B 177 44.15 -26.55 -0.27
CA SER B 177 43.66 -27.83 0.24
C SER B 177 43.55 -28.89 -0.84
N GLY B 178 43.48 -28.46 -2.09
CA GLY B 178 43.28 -29.39 -3.19
C GLY B 178 41.83 -29.75 -3.42
N LYS B 179 40.93 -29.16 -2.64
CA LYS B 179 39.50 -29.40 -2.76
C LYS B 179 38.87 -28.31 -3.64
N PRO B 180 37.75 -28.60 -4.32
CA PRO B 180 37.01 -27.58 -5.07
C PRO B 180 36.59 -26.39 -4.20
N VAL B 181 36.65 -25.19 -4.75
CA VAL B 181 36.33 -23.97 -4.00
C VAL B 181 35.34 -23.15 -4.79
N ALA B 182 34.19 -22.90 -4.16
CA ALA B 182 33.21 -21.94 -4.64
C ALA B 182 33.39 -20.63 -3.88
N ALA B 183 32.98 -19.52 -4.48
CA ALA B 183 33.15 -18.23 -3.86
C ALA B 183 31.94 -17.37 -4.19
N THR B 184 31.28 -16.84 -3.17
CA THR B 184 30.11 -15.99 -3.37
C THR B 184 30.30 -14.71 -2.60
N MET B 185 29.87 -13.61 -3.19
CA MET B 185 29.96 -12.29 -2.57
C MET B 185 28.58 -11.83 -2.15
N CYS B 186 28.49 -11.17 -1.01
CA CYS B 186 27.27 -10.46 -0.63
C CYS B 186 27.39 -9.04 -1.14
N ILE B 187 27.18 -8.90 -2.44
CA ILE B 187 27.16 -7.61 -3.11
C ILE B 187 26.05 -7.65 -4.15
N GLY B 188 25.63 -6.46 -4.56
CA GLY B 188 24.63 -6.30 -5.61
C GLY B 188 25.26 -5.79 -6.90
N PRO B 189 24.41 -5.37 -7.85
CA PRO B 189 24.84 -4.91 -9.18
C PRO B 189 25.86 -3.75 -9.18
N GLU B 190 25.88 -2.93 -8.13
CA GLU B 190 26.86 -1.82 -8.02
C GLU B 190 28.23 -2.26 -7.48
N GLY B 191 28.36 -3.54 -7.13
CA GLY B 191 29.66 -4.11 -6.82
C GLY B 191 30.06 -4.05 -5.37
N ASP B 192 31.34 -4.31 -5.13
CA ASP B 192 31.85 -4.49 -3.77
C ASP B 192 32.03 -3.14 -3.07
N LEU B 193 32.39 -3.17 -1.79
CA LEU B 193 32.42 -1.96 -0.97
C LEU B 193 33.57 -1.00 -1.29
N HIS B 194 34.55 -1.45 -2.08
CA HIS B 194 35.60 -0.59 -2.60
C HIS B 194 35.27 -0.09 -3.99
N GLY B 195 34.07 -0.39 -4.47
CA GLY B 195 33.60 0.09 -5.76
C GLY B 195 33.96 -0.80 -6.94
N VAL B 196 34.45 -2.01 -6.69
CA VAL B 196 34.81 -2.94 -7.77
C VAL B 196 33.56 -3.59 -8.34
N PRO B 197 33.35 -3.48 -9.67
CA PRO B 197 32.12 -4.07 -10.22
C PRO B 197 32.10 -5.59 -10.15
N PRO B 198 30.90 -6.21 -10.24
CA PRO B 198 30.66 -7.67 -10.18
C PRO B 198 31.45 -8.48 -11.21
N GLY B 199 31.46 -8.00 -12.46
CA GLY B 199 32.28 -8.61 -13.52
C GLY B 199 33.72 -8.76 -13.09
N GLU B 200 34.34 -7.65 -12.73
CA GLU B 200 35.71 -7.65 -12.27
C GLU B 200 35.90 -8.55 -11.06
N CYS B 201 34.93 -8.52 -10.15
CA CYS B 201 34.94 -9.38 -8.96
C CYS B 201 34.97 -10.86 -9.34
N ALA B 202 34.13 -11.27 -10.28
CA ALA B 202 34.04 -12.66 -10.70
C ALA B 202 35.35 -13.09 -11.34
N VAL B 203 35.82 -12.27 -12.27
CA VAL B 203 37.10 -12.50 -12.95
C VAL B 203 38.22 -12.75 -11.95
N ARG B 204 38.40 -11.82 -11.02
CA ARG B 204 39.43 -11.99 -10.01
C ARG B 204 39.30 -13.33 -9.28
N LEU B 205 38.08 -13.68 -8.90
CA LEU B 205 37.85 -14.88 -8.08
C LEU B 205 38.17 -16.17 -8.85
N VAL B 206 37.77 -16.23 -10.12
CA VAL B 206 38.12 -17.37 -10.95
C VAL B 206 39.63 -17.47 -11.07
N LYS B 207 40.30 -16.33 -11.25
CA LYS B 207 41.75 -16.30 -11.39
C LYS B 207 42.50 -16.72 -10.13
N ALA B 208 41.93 -16.45 -8.96
CA ALA B 208 42.50 -16.93 -7.69
C ALA B 208 42.27 -18.43 -7.49
N GLY B 209 41.46 -19.03 -8.36
CA GLY B 209 41.28 -20.49 -8.42
C GLY B 209 39.89 -21.02 -8.07
N ALA B 210 38.87 -20.16 -8.11
CA ALA B 210 37.53 -20.60 -7.73
C ALA B 210 36.90 -21.23 -8.95
N SER B 211 36.33 -22.41 -8.76
CA SER B 211 35.69 -23.14 -9.84
C SER B 211 34.20 -22.86 -9.94
N ILE B 212 33.65 -22.20 -8.91
CA ILE B 212 32.21 -21.86 -8.86
C ILE B 212 32.12 -20.48 -8.23
N ILE B 213 31.30 -19.61 -8.80
CA ILE B 213 31.24 -18.23 -8.29
C ILE B 213 29.82 -17.67 -8.36
N GLY B 214 29.55 -16.65 -7.56
CA GLY B 214 28.23 -16.11 -7.54
C GLY B 214 28.00 -15.21 -6.35
N VAL B 215 26.76 -15.19 -5.87
CA VAL B 215 26.37 -14.27 -4.82
C VAL B 215 25.59 -14.98 -3.71
N ASN B 216 25.66 -14.43 -2.51
CA ASN B 216 24.75 -14.83 -1.45
C ASN B 216 24.34 -13.67 -0.56
N CYS B 217 23.11 -13.76 -0.04
CA CYS B 217 22.60 -12.89 1.01
C CYS B 217 22.35 -11.46 0.51
N HIS B 218 22.00 -10.58 1.43
CA HIS B 218 21.85 -9.12 1.20
C HIS B 218 20.77 -8.65 0.30
N PHE B 219 20.48 -9.39 -0.78
CA PHE B 219 19.44 -9.00 -1.74
C PHE B 219 18.50 -10.14 -2.11
N ASP B 220 17.33 -9.76 -2.60
CA ASP B 220 16.31 -10.67 -3.03
C ASP B 220 16.70 -11.43 -4.31
N PRO B 221 15.90 -12.41 -4.70
CA PRO B 221 16.36 -13.20 -5.84
C PRO B 221 16.48 -12.39 -7.15
N THR B 222 15.60 -11.41 -7.35
CA THR B 222 15.62 -10.64 -8.60
C THR B 222 16.92 -9.88 -8.73
N ILE B 223 17.26 -9.13 -7.69
CA ILE B 223 18.48 -8.35 -7.69
C ILE B 223 19.68 -9.28 -7.74
N SER B 224 19.60 -10.40 -7.03
CA SER B 224 20.73 -11.32 -6.98
C SER B 224 21.10 -11.82 -8.39
N LEU B 225 20.08 -12.17 -9.16
CA LEU B 225 20.27 -12.66 -10.52
C LEU B 225 20.79 -11.58 -11.50
N LYS B 226 20.40 -10.31 -11.29
CA LYS B 226 21.04 -9.20 -12.01
C LYS B 226 22.55 -9.19 -11.76
N THR B 227 22.95 -9.41 -10.50
CA THR B 227 24.35 -9.41 -10.15
C THR B 227 25.10 -10.58 -10.81
N VAL B 228 24.50 -11.76 -10.79
CA VAL B 228 25.11 -12.95 -11.41
C VAL B 228 25.29 -12.76 -12.92
N LYS B 229 24.32 -12.12 -13.54
CA LYS B 229 24.34 -11.84 -14.97
C LYS B 229 25.56 -10.99 -15.31
N LEU B 230 25.81 -9.94 -14.53
CA LEU B 230 27.02 -9.12 -14.68
C LEU B 230 28.29 -9.93 -14.44
N MET B 231 28.29 -10.71 -13.37
CA MET B 231 29.43 -11.58 -13.09
C MET B 231 29.75 -12.46 -14.30
N LYS B 232 28.70 -13.01 -14.88
CA LYS B 232 28.81 -13.91 -16.01
C LYS B 232 29.43 -13.22 -17.22
N GLU B 233 28.86 -12.07 -17.56
CA GLU B 233 29.33 -11.25 -18.66
C GLU B 233 30.79 -10.88 -18.48
N GLY B 234 31.19 -10.63 -17.23
CA GLY B 234 32.57 -10.37 -16.89
C GLY B 234 33.51 -11.52 -17.17
N LEU B 235 33.04 -12.75 -16.98
CA LEU B 235 33.86 -13.92 -17.21
C LEU B 235 34.01 -14.15 -18.71
N GLU B 236 32.89 -14.04 -19.42
CA GLU B 236 32.85 -14.13 -20.87
C GLU B 236 33.81 -13.15 -21.55
N ALA B 237 33.77 -11.90 -21.10
CA ALA B 237 34.68 -10.85 -21.58
C ALA B 237 36.14 -11.22 -21.32
N ALA B 238 36.41 -11.91 -20.22
CA ALA B 238 37.76 -12.41 -19.93
C ALA B 238 38.02 -13.79 -20.54
N GLN B 239 37.08 -14.31 -21.33
CA GLN B 239 37.16 -15.68 -21.87
C GLN B 239 37.48 -16.73 -20.80
N LEU B 240 36.98 -16.49 -19.59
CA LEU B 240 37.16 -17.42 -18.46
C LEU B 240 35.93 -18.30 -18.29
N LYS B 241 36.11 -19.41 -17.59
CA LYS B 241 35.04 -20.38 -17.38
C LYS B 241 34.91 -20.71 -15.90
N ALA B 242 33.67 -20.71 -15.42
CA ALA B 242 33.34 -21.10 -14.06
C ALA B 242 31.85 -21.39 -13.98
N HIS B 243 31.46 -22.27 -13.07
CA HIS B 243 30.04 -22.53 -12.84
C HIS B 243 29.48 -21.38 -12.03
N LEU B 244 28.19 -21.15 -12.17
CA LEU B 244 27.55 -20.01 -11.50
C LEU B 244 26.62 -20.45 -10.39
N MET B 245 26.62 -19.69 -9.30
CA MET B 245 25.79 -20.07 -8.16
C MET B 245 25.07 -18.86 -7.56
N SER B 246 23.88 -19.10 -7.05
CA SER B 246 23.12 -18.06 -6.39
C SER B 246 22.42 -18.55 -5.09
N GLN B 247 22.65 -17.83 -4.00
CA GLN B 247 21.91 -18.06 -2.75
C GLN B 247 21.37 -16.73 -2.23
N PRO B 248 20.28 -16.26 -2.84
CA PRO B 248 19.76 -14.99 -2.46
C PRO B 248 18.96 -15.10 -1.15
N LEU B 249 18.56 -13.93 -0.63
CA LEU B 249 17.58 -13.87 0.47
C LEU B 249 16.25 -14.40 0.01
N ALA B 250 15.46 -14.94 0.94
CA ALA B 250 14.06 -15.20 0.61
C ALA B 250 13.21 -13.96 0.83
N TYR B 251 13.82 -12.84 1.22
CA TYR B 251 13.07 -11.63 1.43
C TYR B 251 13.09 -10.75 0.21
N HIS B 252 11.93 -10.22 -0.15
CA HIS B 252 11.84 -9.15 -1.16
C HIS B 252 12.48 -7.88 -0.67
N THR B 253 13.39 -7.30 -1.46
CA THR B 253 14.12 -6.10 -1.09
C THR B 253 14.17 -5.10 -2.25
N PRO B 254 13.00 -4.76 -2.82
CA PRO B 254 13.05 -3.77 -3.94
C PRO B 254 13.55 -2.40 -3.52
N ASP B 255 13.51 -2.16 -2.22
CA ASP B 255 13.86 -0.90 -1.60
C ASP B 255 15.29 -0.82 -1.05
N CYS B 256 16.08 -1.90 -1.23
CA CYS B 256 17.50 -1.91 -0.85
C CYS B 256 18.35 -0.94 -1.67
N ASN B 257 19.38 -0.39 -1.06
CA ASN B 257 20.49 0.22 -1.79
C ASN B 257 21.62 -0.79 -1.80
N LYS B 258 22.78 -0.37 -2.34
CA LYS B 258 23.91 -1.25 -2.54
C LYS B 258 24.44 -1.94 -1.28
N GLN B 259 24.14 -1.40 -0.10
CA GLN B 259 24.52 -1.97 1.17
C GLN B 259 23.66 -3.17 1.62
N GLY B 260 22.53 -3.41 0.97
CA GLY B 260 21.74 -4.60 1.27
C GLY B 260 20.80 -4.49 2.47
N PHE B 261 20.18 -5.62 2.83
CA PHE B 261 19.01 -5.60 3.70
C PHE B 261 19.26 -5.20 5.13
N ILE B 262 20.49 -5.27 5.60
CA ILE B 262 20.80 -4.93 6.99
C ILE B 262 20.42 -3.46 7.26
N ASP B 263 20.58 -2.62 6.25
CA ASP B 263 20.28 -1.19 6.35
C ASP B 263 18.79 -0.86 6.25
N LEU B 264 17.97 -1.81 5.83
CA LEU B 264 16.54 -1.61 5.87
C LEU B 264 16.10 -1.46 7.34
N PRO B 265 15.18 -0.53 7.61
CA PRO B 265 14.70 -0.31 9.00
C PRO B 265 14.17 -1.56 9.70
N GLU B 266 13.66 -2.52 8.91
CA GLU B 266 13.06 -3.74 9.46
C GLU B 266 14.05 -4.85 9.86
N PHE B 267 15.31 -4.75 9.45
CA PHE B 267 16.26 -5.81 9.78
C PHE B 267 16.55 -5.76 11.31
N PRO B 268 16.52 -6.93 11.97
CA PRO B 268 16.15 -8.24 11.49
C PRO B 268 14.80 -8.74 11.97
N PHE B 269 14.07 -7.95 12.78
CA PHE B 269 12.88 -8.44 13.47
C PHE B 269 11.53 -8.05 12.86
N GLY B 270 11.56 -7.41 11.71
CA GLY B 270 10.37 -6.90 11.08
C GLY B 270 10.25 -7.27 9.59
N LEU B 271 11.00 -8.30 9.20
CA LEU B 271 11.12 -8.72 7.79
C LEU B 271 10.04 -9.66 7.36
N GLU B 272 9.20 -10.07 8.30
CA GLU B 272 8.09 -11.01 8.02
C GLU B 272 7.33 -10.77 6.70
N PRO B 273 6.82 -9.55 6.46
CA PRO B 273 6.00 -9.36 5.25
C PRO B 273 6.71 -9.67 3.95
N ARG B 274 8.01 -9.50 3.96
CA ARG B 274 8.80 -9.61 2.77
C ARG B 274 9.07 -11.05 2.35
N VAL B 275 8.71 -12.02 3.19
CA VAL B 275 9.09 -13.42 2.92
C VAL B 275 8.45 -13.91 1.62
N ALA B 276 9.30 -14.50 0.79
CA ALA B 276 8.89 -15.08 -0.48
C ALA B 276 7.91 -16.19 -0.29
N THR B 277 6.97 -16.30 -1.21
CA THR B 277 6.15 -17.53 -1.29
C THR B 277 6.94 -18.61 -2.03
N ARG B 278 6.46 -19.82 -1.99
CA ARG B 278 7.10 -20.89 -2.71
C ARG B 278 7.03 -20.63 -4.23
N TRP B 279 5.99 -19.93 -4.67
CA TRP B 279 5.86 -19.50 -6.08
C TRP B 279 6.91 -18.50 -6.50
N ASP B 280 7.18 -17.52 -5.64
CA ASP B 280 8.28 -16.60 -5.87
C ASP B 280 9.58 -17.36 -6.09
N ILE B 281 9.82 -18.42 -5.31
CA ILE B 281 11.07 -19.10 -5.39
C ILE B 281 11.12 -19.98 -6.66
N GLN B 282 9.98 -20.54 -7.04
CA GLN B 282 9.92 -21.29 -8.31
C GLN B 282 10.30 -20.36 -9.47
N LYS B 283 9.74 -19.15 -9.48
CA LYS B 283 10.10 -18.11 -10.45
C LYS B 283 11.57 -17.86 -10.44
N TYR B 284 12.15 -17.67 -9.24
CA TYR B 284 13.58 -17.49 -9.09
C TYR B 284 14.37 -18.67 -9.69
N ALA B 285 13.93 -19.90 -9.38
CA ALA B 285 14.69 -21.09 -9.80
C ALA B 285 14.77 -21.16 -11.34
N ARG B 286 13.64 -20.93 -11.99
CA ARG B 286 13.56 -20.97 -13.49
C ARG B 286 14.44 -19.89 -14.10
N GLU B 287 14.35 -18.69 -13.53
CA GLU B 287 15.15 -17.56 -13.99
C GLU B 287 16.64 -17.81 -13.84
N ALA B 288 17.04 -18.44 -12.73
CA ALA B 288 18.44 -18.74 -12.47
C ALA B 288 18.90 -19.79 -13.48
N TYR B 289 18.07 -20.81 -13.64
CA TYR B 289 18.36 -21.90 -14.59
C TYR B 289 18.57 -21.28 -15.99
N ASN B 290 17.57 -20.52 -16.43
CA ASN B 290 17.65 -19.85 -17.75
C ASN B 290 18.87 -18.97 -17.93
N LEU B 291 19.39 -18.37 -16.86
CA LEU B 291 20.59 -17.54 -16.91
C LEU B 291 21.88 -18.32 -16.98
N GLY B 292 21.82 -19.62 -16.71
CA GLY B 292 23.02 -20.45 -16.68
C GLY B 292 23.50 -20.83 -15.28
N VAL B 293 22.69 -20.55 -14.25
CA VAL B 293 23.06 -20.93 -12.88
C VAL B 293 22.73 -22.42 -12.69
N ARG B 294 23.68 -23.15 -12.13
CA ARG B 294 23.55 -24.60 -11.91
C ARG B 294 23.65 -25.03 -10.45
N TYR B 295 24.19 -24.15 -9.61
CA TYR B 295 24.13 -24.31 -8.17
C TYR B 295 23.18 -23.22 -7.66
N ILE B 296 21.96 -23.66 -7.38
CA ILE B 296 20.83 -22.83 -7.10
C ILE B 296 20.43 -23.14 -5.65
N GLY B 297 20.74 -22.21 -4.75
CA GLY B 297 20.28 -22.34 -3.37
C GLY B 297 19.70 -21.06 -2.81
N GLY B 298 19.91 -20.84 -1.52
CA GLY B 298 19.25 -19.72 -0.83
C GLY B 298 19.99 -19.40 0.43
N CYS B 299 19.78 -18.18 0.93
CA CYS B 299 20.47 -17.72 2.15
C CYS B 299 19.41 -17.33 3.18
N CYS B 300 19.69 -16.34 4.02
CA CYS B 300 18.73 -15.95 5.06
C CYS B 300 17.28 -15.83 4.57
N GLY B 301 16.38 -16.44 5.36
CA GLY B 301 14.96 -16.50 5.14
C GLY B 301 14.47 -17.76 4.42
N PHE B 302 15.36 -18.46 3.73
CA PHE B 302 14.99 -19.72 3.06
C PHE B 302 14.70 -20.78 4.12
N GLU B 303 13.46 -21.25 4.13
CA GLU B 303 13.04 -22.39 4.92
C GLU B 303 12.93 -23.64 4.03
N PRO B 304 12.61 -24.78 4.65
CA PRO B 304 12.65 -25.99 3.85
C PRO B 304 11.70 -25.99 2.64
N TYR B 305 10.48 -25.52 2.81
CA TYR B 305 9.54 -25.42 1.70
C TYR B 305 9.98 -24.53 0.53
N HIS B 306 10.89 -23.57 0.78
CA HIS B 306 11.50 -22.75 -0.28
C HIS B 306 12.51 -23.59 -1.08
N ILE B 307 13.31 -24.39 -0.39
CA ILE B 307 14.24 -25.25 -1.11
C ILE B 307 13.41 -26.24 -1.93
N ARG B 308 12.32 -26.71 -1.36
CA ARG B 308 11.47 -27.64 -2.11
C ARG B 308 10.96 -27.02 -3.42
N ALA B 309 10.63 -25.72 -3.36
CA ALA B 309 10.21 -24.99 -4.53
C ALA B 309 11.26 -25.00 -5.66
N ILE B 310 12.53 -24.84 -5.33
CA ILE B 310 13.60 -24.91 -6.32
C ILE B 310 13.56 -26.31 -7.01
N ALA B 311 13.55 -27.35 -6.17
CA ALA B 311 13.59 -28.75 -6.66
C ALA B 311 12.35 -29.13 -7.43
N GLU B 312 11.19 -28.63 -7.02
CA GLU B 312 9.97 -28.88 -7.77
C GLU B 312 9.96 -28.16 -9.11
N GLU B 313 10.43 -26.91 -9.12
CA GLU B 313 10.51 -26.12 -10.36
C GLU B 313 11.44 -26.74 -11.41
N LEU B 314 12.54 -27.31 -10.99
CA LEU B 314 13.52 -27.83 -11.90
C LEU B 314 13.44 -29.37 -11.98
N ALA B 315 12.30 -29.93 -11.56
CA ALA B 315 12.11 -31.39 -11.53
C ALA B 315 12.14 -32.00 -12.94
N PRO B 316 11.46 -31.37 -13.91
CA PRO B 316 11.57 -31.87 -15.29
C PRO B 316 13.01 -31.96 -15.77
N GLU B 317 13.81 -30.96 -15.43
CA GLU B 317 15.23 -30.93 -15.79
C GLU B 317 16.10 -31.98 -15.11
N ARG B 318 15.75 -32.31 -13.87
CA ARG B 318 16.58 -33.20 -13.07
C ARG B 318 16.14 -34.67 -13.13
N GLY B 319 14.87 -34.89 -13.43
CA GLY B 319 14.35 -36.23 -13.61
C GLY B 319 13.56 -36.74 -12.42
N PHE B 320 13.47 -35.95 -11.35
CA PHE B 320 12.86 -36.47 -10.11
C PHE B 320 12.47 -35.33 -9.17
N LEU B 321 11.65 -35.69 -8.20
CA LEU B 321 11.18 -34.79 -7.15
C LEU B 321 11.85 -35.18 -5.84
N PRO B 322 11.95 -34.20 -4.91
CA PRO B 322 12.57 -34.52 -3.63
C PRO B 322 11.57 -35.23 -2.73
N PRO B 323 12.03 -35.92 -1.67
CA PRO B 323 11.07 -36.58 -0.78
C PRO B 323 9.97 -35.71 -0.20
N ALA B 324 10.24 -34.42 0.05
CA ALA B 324 9.20 -33.54 0.63
C ALA B 324 8.00 -33.30 -0.29
N SER B 325 8.17 -33.54 -1.59
CA SER B 325 7.08 -33.38 -2.53
C SER B 325 6.00 -34.40 -2.30
N GLU B 326 6.32 -35.45 -1.53
CA GLU B 326 5.32 -36.44 -1.19
C GLU B 326 4.29 -35.83 -0.26
N LYS B 327 4.63 -34.72 0.41
CA LYS B 327 3.67 -33.98 1.23
C LYS B 327 3.30 -32.64 0.57
N HIS B 328 3.20 -32.66 -0.76
CA HIS B 328 2.85 -31.47 -1.52
C HIS B 328 2.12 -31.89 -2.78
N GLY B 329 2.01 -30.96 -3.71
CA GLY B 329 1.33 -31.15 -4.98
C GLY B 329 1.91 -30.12 -5.93
N SER B 330 1.74 -30.34 -7.23
CA SER B 330 2.20 -29.35 -8.19
C SER B 330 1.27 -28.14 -8.14
N TRP B 331 1.84 -26.96 -7.90
CA TRP B 331 1.08 -25.71 -8.06
C TRP B 331 -0.28 -25.73 -7.44
N GLY B 332 -0.34 -26.14 -6.17
CA GLY B 332 -1.59 -26.14 -5.43
C GLY B 332 -2.50 -27.34 -5.62
N SER B 333 -2.04 -28.38 -6.32
CA SER B 333 -2.94 -29.53 -6.62
C SER B 333 -3.56 -30.20 -5.39
N GLY B 334 -2.89 -30.12 -4.23
CA GLY B 334 -3.42 -30.69 -3.00
C GLY B 334 -4.74 -30.13 -2.54
N LEU B 335 -5.10 -28.95 -3.03
CA LEU B 335 -6.34 -28.28 -2.66
C LEU B 335 -7.58 -28.75 -3.44
N ASP B 336 -7.36 -29.52 -4.50
CA ASP B 336 -8.48 -29.88 -5.42
C ASP B 336 -9.61 -30.71 -4.79
N MET B 337 -9.47 -31.13 -3.52
CA MET B 337 -10.51 -31.89 -2.84
C MET B 337 -11.23 -31.10 -1.76
N HIS B 338 -11.00 -29.78 -1.69
CA HIS B 338 -11.69 -28.95 -0.69
C HIS B 338 -13.17 -28.90 -0.95
N THR B 339 -13.98 -28.73 0.09
CA THR B 339 -15.43 -28.64 -0.10
C THR B 339 -15.78 -27.41 -0.93
N LYS B 340 -15.18 -26.28 -0.59
CA LYS B 340 -15.53 -24.99 -1.20
C LYS B 340 -14.98 -24.87 -2.60
N PRO B 341 -15.84 -24.49 -3.56
CA PRO B 341 -15.39 -24.36 -4.96
C PRO B 341 -14.26 -23.35 -5.19
N TRP B 342 -14.23 -22.29 -4.39
CA TRP B 342 -13.23 -21.24 -4.58
C TRP B 342 -11.85 -21.69 -4.15
N VAL B 343 -11.77 -22.50 -3.10
CA VAL B 343 -10.51 -23.13 -2.70
C VAL B 343 -10.01 -24.09 -3.78
N ARG B 344 -10.91 -24.91 -4.33
CA ARG B 344 -10.53 -25.84 -5.41
C ARG B 344 -10.01 -25.13 -6.66
N ALA B 345 -10.57 -23.97 -7.00
CA ALA B 345 -10.07 -23.19 -8.15
C ALA B 345 -8.61 -22.71 -7.98
N ARG B 346 -8.09 -22.75 -6.75
CA ARG B 346 -6.68 -22.37 -6.48
C ARG B 346 -5.71 -23.49 -6.83
N ALA B 347 -6.24 -24.66 -7.19
CA ALA B 347 -5.41 -25.84 -7.42
C ALA B 347 -4.69 -25.84 -8.75
N ARG B 348 -4.35 -24.67 -9.30
CA ARG B 348 -3.56 -24.63 -10.52
C ARG B 348 -2.58 -23.48 -10.58
N LYS B 349 -1.60 -23.65 -11.48
CA LYS B 349 -0.46 -22.78 -11.65
C LYS B 349 -0.82 -21.37 -12.06
N GLU B 350 -1.75 -21.23 -12.98
CA GLU B 350 -2.12 -19.90 -13.46
C GLU B 350 -2.68 -19.06 -12.28
N TYR B 351 -3.36 -19.71 -11.33
CA TYR B 351 -3.90 -19.00 -10.15
C TYR B 351 -2.76 -18.42 -9.30
N TRP B 352 -1.87 -19.27 -8.83
CA TRP B 352 -0.84 -18.82 -7.88
C TRP B 352 0.22 -18.00 -8.53
N GLU B 353 0.48 -18.25 -9.81
CA GLU B 353 1.49 -17.53 -10.54
C GLU B 353 1.07 -16.06 -10.73
N ASN B 354 -0.22 -15.81 -10.86
CA ASN B 354 -0.68 -14.45 -11.12
C ASN B 354 -1.32 -13.74 -9.93
N LEU B 355 -1.47 -14.42 -8.79
CA LEU B 355 -2.20 -13.83 -7.64
C LEU B 355 -1.27 -12.81 -7.01
N ARG B 356 -1.72 -11.56 -6.97
CA ARG B 356 -1.00 -10.51 -6.26
C ARG B 356 -1.39 -10.55 -4.80
N ILE B 357 -0.67 -11.34 -4.00
CA ILE B 357 -1.02 -11.56 -2.60
C ILE B 357 -0.99 -10.26 -1.75
N ALA B 358 -2.00 -10.08 -0.91
CA ALA B 358 -2.09 -8.93 0.00
C ALA B 358 -1.17 -8.98 1.25
N SER B 359 -0.83 -7.81 1.80
CA SER B 359 0.10 -7.75 2.93
C SER B 359 -0.61 -7.96 4.25
N GLY B 360 -1.90 -7.70 4.25
CA GLY B 360 -2.72 -7.68 5.44
C GLY B 360 -2.45 -6.49 6.36
N ARG B 361 -1.66 -5.52 5.90
CA ARG B 361 -1.25 -4.37 6.73
C ARG B 361 -1.53 -3.03 6.03
N PRO B 362 -2.79 -2.64 5.98
CA PRO B 362 -3.16 -1.45 5.21
C PRO B 362 -2.70 -0.15 5.81
N TYR B 363 -2.30 -0.16 7.10
CA TYR B 363 -1.74 1.04 7.72
C TYR B 363 -0.23 1.14 7.53
N ASN B 364 0.33 0.21 6.76
CA ASN B 364 1.78 0.14 6.52
C ASN B 364 2.14 0.36 5.04
N PRO B 365 3.36 0.85 4.81
CA PRO B 365 3.84 1.12 3.49
C PRO B 365 4.30 -0.13 2.78
N SER B 366 4.56 0.01 1.49
CA SER B 366 5.04 -1.14 0.73
C SER B 366 6.56 -1.18 0.64
N MET B 367 7.21 -0.03 0.84
CA MET B 367 8.67 0.04 0.82
C MET B 367 9.14 0.99 1.90
N SER B 368 10.37 0.81 2.34
CA SER B 368 11.02 1.64 3.35
C SER B 368 12.35 2.16 2.85
N LYS B 369 12.72 3.36 3.28
CA LYS B 369 14.03 3.93 2.93
C LYS B 369 15.09 3.31 3.82
N PRO B 370 16.19 2.84 3.24
CA PRO B 370 17.28 2.35 4.08
C PRO B 370 17.86 3.41 4.99
N ASP B 371 18.33 3.00 6.17
CA ASP B 371 19.10 3.87 7.06
C ASP B 371 20.52 4.01 6.53
N GLY B 372 21.24 4.95 7.12
CA GLY B 372 22.62 5.20 6.69
C GLY B 372 23.23 6.31 7.50
N TRP B 373 24.42 6.72 7.10
CA TRP B 373 25.11 7.85 7.72
C TRP B 373 24.29 9.07 7.57
N GLY B 374 23.99 9.74 8.68
CA GLY B 374 23.24 10.97 8.61
C GLY B 374 24.12 12.07 8.06
N VAL B 375 23.66 13.30 8.15
CA VAL B 375 24.59 14.41 8.04
C VAL B 375 25.27 14.52 9.37
N THR B 376 26.38 15.24 9.43
CA THR B 376 27.02 15.49 10.71
C THR B 376 26.06 16.32 11.55
N LYS B 377 26.17 16.19 12.86
CA LYS B 377 25.56 17.15 13.77
C LYS B 377 26.16 18.45 13.27
N GLY B 378 25.47 19.55 13.41
CA GLY B 378 26.14 20.79 13.00
C GLY B 378 26.03 21.09 11.52
N THR B 379 26.17 20.09 10.65
CA THR B 379 25.55 20.23 9.33
C THR B 379 24.05 20.32 9.53
N ALA B 380 23.53 19.42 10.36
CA ALA B 380 22.11 19.39 10.70
C ALA B 380 21.72 20.64 11.51
N GLU B 381 22.58 21.08 12.42
CA GLU B 381 22.26 22.27 13.21
C GLU B 381 22.30 23.54 12.33
N LEU B 382 23.14 23.54 11.29
CA LEU B 382 23.15 24.62 10.29
C LEU B 382 21.90 24.63 9.40
N MET B 383 21.46 23.45 8.96
CA MET B 383 20.17 23.32 8.26
C MET B 383 19.02 23.84 9.14
N GLN B 384 19.03 23.50 10.42
CA GLN B 384 17.97 23.94 11.35
C GLN B 384 17.91 25.46 11.49
N GLN B 385 19.08 26.11 11.58
CA GLN B 385 19.11 27.56 11.73
C GLN B 385 18.59 28.27 10.49
N LYS B 386 18.98 27.78 9.30
CA LYS B 386 18.45 28.25 8.04
C LYS B 386 16.94 28.04 7.93
N GLU B 387 16.50 26.86 8.34
CA GLU B 387 15.07 26.55 8.36
C GLU B 387 14.31 27.56 9.23
N ALA B 388 14.83 27.82 10.44
CA ALA B 388 14.22 28.80 11.35
C ALA B 388 14.20 30.22 10.77
N THR B 389 15.29 30.65 10.13
CA THR B 389 15.31 31.94 9.41
C THR B 389 14.24 32.00 8.32
N THR B 390 14.27 31.02 7.44
CA THR B 390 13.32 30.91 6.34
C THR B 390 11.86 30.95 6.86
N GLU B 391 11.61 30.22 7.95
CA GLU B 391 10.31 30.19 8.64
C GLU B 391 9.83 31.60 8.96
N GLN B 392 10.72 32.41 9.50
CA GLN B 392 10.39 33.80 9.84
C GLN B 392 10.22 34.67 8.61
N GLN B 393 11.06 34.46 7.61
CA GLN B 393 10.90 35.18 6.35
C GLN B 393 9.52 34.89 5.75
N LEU B 394 9.09 33.63 5.75
CA LEU B 394 7.75 33.26 5.21
C LEU B 394 6.62 33.87 6.00
N LYS B 395 6.73 33.79 7.33
CA LYS B 395 5.72 34.37 8.22
C LYS B 395 5.58 35.88 7.97
N GLU B 396 6.70 36.59 7.83
CA GLU B 396 6.66 38.02 7.53
C GLU B 396 6.06 38.30 6.15
N LEU B 397 6.41 37.50 5.16
CA LEU B 397 5.84 37.70 3.82
C LEU B 397 4.31 37.55 3.84
N PHE B 398 3.81 36.51 4.48
CA PHE B 398 2.36 36.29 4.52
C PHE B 398 1.64 37.40 5.26
N GLU B 399 2.14 37.73 6.45
CA GLU B 399 1.66 38.90 7.20
C GLU B 399 1.65 40.22 6.42
N LYS B 400 2.75 40.59 5.76
CA LYS B 400 2.77 41.84 5.00
C LYS B 400 1.79 41.85 3.82
N GLN B 401 1.71 40.77 3.06
CA GLN B 401 0.70 40.68 2.01
C GLN B 401 -0.68 40.88 2.62
N LYS B 402 -0.94 40.16 3.71
CA LYS B 402 -2.19 40.25 4.47
C LYS B 402 -2.53 41.71 4.79
N PHE B 403 -1.52 42.47 5.20
CA PHE B 403 -1.67 43.89 5.53
C PHE B 403 -2.07 44.72 4.29
N LYS C 10 8.01 46.15 -18.69
CA LYS C 10 7.91 44.70 -18.34
C LYS C 10 9.09 43.92 -18.93
N LYS C 11 9.82 43.20 -18.09
CA LYS C 11 11.02 42.50 -18.52
C LYS C 11 10.70 41.30 -19.38
N GLY C 12 11.45 41.14 -20.46
CA GLY C 12 11.41 39.96 -21.27
C GLY C 12 11.99 38.73 -20.60
N ILE C 13 11.82 37.59 -21.24
CA ILE C 13 12.19 36.28 -20.64
C ILE C 13 13.71 36.17 -20.38
N LEU C 14 14.53 36.59 -21.34
CA LEU C 14 15.98 36.53 -21.14
C LEU C 14 16.48 37.58 -20.14
N GLU C 15 15.93 38.77 -20.16
CA GLU C 15 16.31 39.79 -19.18
C GLU C 15 16.05 39.28 -17.76
N ARG C 16 14.94 38.57 -17.55
CA ARG C 16 14.65 37.99 -16.25
C ARG C 16 15.67 36.94 -15.87
N LEU C 17 15.85 35.98 -16.76
CA LEU C 17 16.68 34.85 -16.48
C LEU C 17 18.17 35.25 -16.43
N ASN C 18 18.57 36.17 -17.31
CA ASN C 18 19.97 36.65 -17.26
C ASN C 18 20.26 37.41 -15.98
N ALA C 19 19.22 37.99 -15.38
CA ALA C 19 19.35 38.67 -14.11
C ALA C 19 19.35 37.77 -12.86
N GLY C 20 19.24 36.45 -13.04
CA GLY C 20 19.20 35.53 -11.91
C GLY C 20 17.80 35.32 -11.34
N GLU C 21 16.77 35.85 -12.00
CA GLU C 21 15.40 35.76 -11.49
C GLU C 21 14.80 34.39 -11.74
N ILE C 22 13.74 34.07 -11.01
CA ILE C 22 13.01 32.82 -11.19
C ILE C 22 11.75 33.09 -12.01
N VAL C 23 11.54 32.31 -13.05
CA VAL C 23 10.36 32.45 -13.91
C VAL C 23 9.49 31.25 -13.58
N ILE C 24 8.33 31.51 -12.99
CA ILE C 24 7.36 30.44 -12.73
C ILE C 24 6.46 30.21 -13.95
N GLY C 25 6.35 28.95 -14.33
CA GLY C 25 5.56 28.56 -15.46
C GLY C 25 4.09 28.46 -15.09
N ASP C 26 3.27 28.16 -16.09
CA ASP C 26 1.88 27.86 -15.84
C ASP C 26 1.75 26.37 -15.77
N GLY C 27 0.54 25.85 -15.58
CA GLY C 27 0.35 24.41 -15.40
C GLY C 27 -0.10 23.68 -16.65
N GLY C 28 -0.94 22.65 -16.45
CA GLY C 28 -1.34 21.73 -17.51
C GLY C 28 -2.71 21.99 -18.07
N PHE C 29 -2.73 22.72 -19.18
CA PHE C 29 -4.02 23.12 -19.77
C PHE C 29 -4.92 22.02 -20.28
N VAL C 30 -4.43 21.14 -21.12
CA VAL C 30 -5.31 20.10 -21.67
C VAL C 30 -5.85 19.15 -20.58
N PHE C 31 -5.04 18.77 -19.61
CA PHE C 31 -5.59 17.92 -18.52
C PHE C 31 -6.61 18.66 -17.63
N ALA C 32 -6.30 19.90 -17.28
CA ALA C 32 -7.18 20.67 -16.42
C ALA C 32 -8.50 20.94 -17.12
N LEU C 33 -8.47 21.33 -18.40
CA LEU C 33 -9.72 21.58 -19.13
C LEU C 33 -10.54 20.34 -19.47
N GLU C 34 -9.87 19.20 -19.64
CA GLU C 34 -10.56 17.92 -19.79
C GLU C 34 -11.44 17.67 -18.57
N LYS C 35 -10.89 17.87 -17.39
CA LYS C 35 -11.67 17.70 -16.14
C LYS C 35 -12.81 18.69 -15.95
N ARG C 36 -12.65 19.89 -16.50
CA ARG C 36 -13.67 20.90 -16.43
C ARG C 36 -14.73 20.80 -17.54
N GLY C 37 -14.48 19.96 -18.54
CA GLY C 37 -15.46 19.64 -19.58
C GLY C 37 -15.25 20.27 -20.95
N TYR C 38 -14.05 20.76 -21.26
CA TYR C 38 -13.83 21.58 -22.47
C TYR C 38 -12.84 20.99 -23.46
N VAL C 39 -12.18 19.90 -23.07
CA VAL C 39 -11.19 19.20 -23.90
C VAL C 39 -11.52 17.72 -23.89
N LYS C 40 -11.40 17.08 -25.05
CA LYS C 40 -11.66 15.65 -25.17
C LYS C 40 -10.38 14.83 -25.08
N ALA C 41 -10.31 13.92 -24.13
CA ALA C 41 -9.17 13.03 -24.06
C ALA C 41 -9.11 12.14 -25.32
N GLY C 42 -7.93 12.05 -25.92
CA GLY C 42 -7.75 11.30 -27.18
C GLY C 42 -7.16 12.26 -28.21
N PRO C 43 -8.01 13.11 -28.79
CA PRO C 43 -7.47 14.18 -29.64
C PRO C 43 -6.73 15.27 -28.86
N TRP C 44 -7.19 15.57 -27.65
CA TRP C 44 -6.60 16.59 -26.77
C TRP C 44 -6.45 17.93 -27.44
N THR C 45 -7.43 18.31 -28.25
CA THR C 45 -7.30 19.50 -29.07
C THR C 45 -7.83 20.75 -28.37
N PRO C 46 -7.35 21.92 -28.77
CA PRO C 46 -7.64 23.13 -28.00
C PRO C 46 -8.79 24.02 -28.55
N GLU C 47 -9.76 23.41 -29.21
CA GLU C 47 -10.84 24.15 -29.81
C GLU C 47 -11.65 24.98 -28.80
N ALA C 48 -11.49 24.71 -27.50
CA ALA C 48 -12.09 25.57 -26.49
C ALA C 48 -11.70 27.04 -26.62
N ALA C 49 -10.52 27.36 -27.19
CA ALA C 49 -10.11 28.76 -27.28
C ALA C 49 -11.13 29.54 -28.11
N VAL C 50 -11.82 28.82 -29.00
CA VAL C 50 -12.90 29.41 -29.81
C VAL C 50 -14.27 29.10 -29.25
N GLU C 51 -14.50 27.86 -28.82
CA GLU C 51 -15.84 27.46 -28.38
C GLU C 51 -16.17 27.95 -27.00
N HIS C 52 -15.17 27.99 -26.12
CA HIS C 52 -15.40 28.40 -24.74
C HIS C 52 -14.25 29.21 -24.22
N PRO C 53 -13.99 30.35 -24.88
CA PRO C 53 -12.87 31.21 -24.47
C PRO C 53 -12.99 31.62 -23.03
N GLU C 54 -14.21 31.65 -22.48
CA GLU C 54 -14.38 32.02 -21.07
C GLU C 54 -13.73 31.01 -20.09
N ALA C 55 -13.74 29.73 -20.47
CA ALA C 55 -13.09 28.69 -19.69
C ALA C 55 -11.57 28.80 -19.76
N VAL C 56 -11.08 29.02 -20.96
CA VAL C 56 -9.63 29.17 -21.19
C VAL C 56 -9.10 30.41 -20.46
N ARG C 57 -9.79 31.54 -20.65
CA ARG C 57 -9.42 32.78 -19.99
C ARG C 57 -9.35 32.61 -18.46
N GLN C 58 -10.34 31.98 -17.87
CA GLN C 58 -10.36 31.85 -16.42
C GLN C 58 -9.25 30.94 -15.90
N LEU C 59 -8.84 29.91 -16.66
CA LEU C 59 -7.72 29.07 -16.27
C LEU C 59 -6.38 29.80 -16.38
N HIS C 60 -6.18 30.60 -17.42
CA HIS C 60 -4.98 31.46 -17.50
C HIS C 60 -4.98 32.35 -16.27
N ARG C 61 -6.14 32.92 -15.96
CA ARG C 61 -6.21 33.82 -14.80
C ARG C 61 -5.88 33.14 -13.49
N GLU C 62 -6.35 31.92 -13.30
CA GLU C 62 -5.94 31.12 -12.14
C GLU C 62 -4.45 30.90 -11.99
N PHE C 63 -3.77 30.59 -13.09
CA PHE C 63 -2.34 30.44 -13.05
C PHE C 63 -1.64 31.77 -12.76
N LEU C 64 -2.11 32.85 -13.40
CA LEU C 64 -1.54 34.15 -13.18
C LEU C 64 -1.63 34.47 -11.69
N ARG C 65 -2.81 34.26 -11.10
CA ARG C 65 -3.04 34.50 -9.65
C ARG C 65 -2.18 33.64 -8.75
N ALA C 66 -1.91 32.41 -9.20
CA ALA C 66 -1.07 31.47 -8.49
C ALA C 66 0.45 31.80 -8.56
N GLY C 67 0.83 32.74 -9.42
CA GLY C 67 2.22 33.19 -9.49
C GLY C 67 2.90 32.96 -10.82
N SER C 68 2.17 32.41 -11.79
CA SER C 68 2.78 32.22 -13.13
C SER C 68 3.23 33.54 -13.79
N ASN C 69 4.46 33.51 -14.34
CA ASN C 69 5.07 34.60 -15.10
C ASN C 69 4.98 34.36 -16.60
N VAL C 70 4.41 33.23 -17.00
CA VAL C 70 4.30 32.88 -18.37
C VAL C 70 2.89 32.32 -18.64
N MET C 71 2.20 32.90 -19.60
CA MET C 71 0.93 32.32 -20.14
C MET C 71 1.29 31.62 -21.44
N GLN C 72 1.31 30.30 -21.42
CA GLN C 72 1.46 29.52 -22.66
C GLN C 72 0.20 29.56 -23.47
N THR C 73 0.35 29.80 -24.78
CA THR C 73 -0.79 29.83 -25.68
C THR C 73 -1.45 28.46 -25.76
N PHE C 74 -2.77 28.43 -25.74
CA PHE C 74 -3.48 27.17 -25.72
C PHE C 74 -3.65 26.74 -27.17
N THR C 75 -2.53 26.29 -27.74
CA THR C 75 -2.39 26.08 -29.18
C THR C 75 -2.00 24.67 -29.57
N PHE C 76 -2.15 24.41 -30.87
CA PHE C 76 -1.88 23.10 -31.47
C PHE C 76 -1.82 23.22 -32.99
N TYR C 77 -1.56 22.06 -33.62
CA TYR C 77 -1.74 21.82 -35.05
C TYR C 77 -0.44 22.03 -35.80
N LYS C 93 -15.31 22.36 -38.62
CA LYS C 93 -15.97 23.66 -38.58
C LYS C 93 -15.10 24.82 -38.04
N ILE C 94 -13.90 24.49 -37.55
CA ILE C 94 -12.95 25.47 -37.02
C ILE C 94 -11.55 25.13 -37.53
N SER C 95 -10.79 26.13 -37.95
CA SER C 95 -9.42 25.89 -38.43
C SER C 95 -8.34 26.03 -37.32
N GLY C 96 -7.20 25.41 -37.57
CA GLY C 96 -6.04 25.55 -36.68
C GLY C 96 -5.66 27.02 -36.52
N GLN C 97 -5.74 27.77 -37.61
CA GLN C 97 -5.38 29.18 -37.58
C GLN C 97 -6.31 29.99 -36.67
N GLU C 98 -7.60 29.73 -36.77
CA GLU C 98 -8.61 30.39 -35.96
C GLU C 98 -8.39 30.16 -34.46
N VAL C 99 -8.12 28.90 -34.13
CA VAL C 99 -7.96 28.49 -32.74
C VAL C 99 -6.72 29.17 -32.21
N ASN C 100 -5.67 29.14 -33.00
CA ASN C 100 -4.40 29.65 -32.56
C ASN C 100 -4.43 31.16 -32.39
N GLU C 101 -5.09 31.86 -33.31
CA GLU C 101 -5.25 33.31 -33.15
C GLU C 101 -6.02 33.63 -31.88
N ALA C 102 -7.13 32.95 -31.67
CA ALA C 102 -7.97 33.20 -30.53
C ALA C 102 -7.20 32.91 -29.23
N ALA C 103 -6.52 31.77 -29.21
CA ALA C 103 -5.67 31.40 -28.06
C ALA C 103 -4.63 32.48 -27.72
N CYS C 104 -3.93 33.01 -28.74
CA CYS C 104 -2.95 34.07 -28.51
C CYS C 104 -3.59 35.29 -27.85
N ASP C 105 -4.76 35.69 -28.34
CA ASP C 105 -5.45 36.87 -27.82
C ASP C 105 -5.84 36.72 -26.36
N ILE C 106 -6.30 35.52 -26.01
CA ILE C 106 -6.66 35.25 -24.61
C ILE C 106 -5.41 35.28 -23.73
N ALA C 107 -4.35 34.62 -24.19
CA ALA C 107 -3.09 34.57 -23.41
C ALA C 107 -2.54 35.98 -23.18
N ARG C 108 -2.67 36.82 -24.19
CA ARG C 108 -2.19 38.21 -24.06
C ARG C 108 -3.03 39.02 -23.10
N GLN C 109 -4.34 38.89 -23.23
CA GLN C 109 -5.23 39.61 -22.35
C GLN C 109 -4.84 39.34 -20.91
N VAL C 110 -4.61 38.07 -20.58
CA VAL C 110 -4.35 37.73 -19.20
C VAL C 110 -2.89 38.05 -18.79
N ALA C 111 -1.94 37.87 -19.69
CA ALA C 111 -0.55 38.29 -19.39
C ALA C 111 -0.51 39.78 -18.99
N ASP C 112 -1.29 40.61 -19.68
CA ASP C 112 -1.33 42.05 -19.39
C ASP C 112 -2.03 42.38 -18.08
N GLU C 113 -2.72 41.43 -17.46
CA GLU C 113 -3.29 41.65 -16.12
C GLU C 113 -2.28 41.42 -15.00
N GLY C 114 -1.04 41.05 -15.33
CA GLY C 114 -0.04 40.91 -14.26
C GLY C 114 1.40 40.86 -14.76
N ASP C 115 2.28 40.22 -14.01
CA ASP C 115 3.71 40.23 -14.38
C ASP C 115 3.97 38.94 -15.15
N ALA C 116 3.48 38.92 -16.39
CA ALA C 116 3.57 37.72 -17.20
C ALA C 116 3.82 37.99 -18.67
N LEU C 117 4.48 37.02 -19.30
CA LEU C 117 4.84 37.03 -20.70
C LEU C 117 3.97 35.99 -21.39
N VAL C 118 3.73 36.19 -22.68
CA VAL C 118 3.07 35.21 -23.54
C VAL C 118 4.10 34.36 -24.28
N ALA C 119 3.98 33.05 -24.13
CA ALA C 119 4.82 32.11 -24.87
C ALA C 119 4.01 31.37 -25.91
N GLY C 120 4.43 31.49 -27.16
CA GLY C 120 3.83 30.77 -28.25
C GLY C 120 4.42 29.38 -28.30
N GLY C 121 3.58 28.36 -28.13
CA GLY C 121 4.07 26.99 -28.05
C GLY C 121 3.86 26.20 -29.36
N VAL C 122 4.84 25.40 -29.75
CA VAL C 122 4.61 24.36 -30.75
C VAL C 122 5.09 23.07 -30.10
N SER C 123 4.47 21.97 -30.49
CA SER C 123 4.87 20.66 -30.02
C SER C 123 5.17 19.78 -31.22
N GLN C 124 5.61 18.55 -30.98
CA GLN C 124 5.89 17.62 -32.05
C GLN C 124 4.63 17.38 -32.83
N THR C 125 4.78 17.02 -34.10
CA THR C 125 3.62 16.81 -34.96
C THR C 125 2.89 15.62 -34.39
N PRO C 126 1.56 15.58 -34.53
CA PRO C 126 0.80 14.58 -33.81
C PRO C 126 0.98 13.15 -34.35
N SER C 127 0.92 12.18 -33.44
CA SER C 127 1.24 10.79 -33.78
C SER C 127 0.13 10.14 -34.61
N TYR C 128 -1.10 10.65 -34.53
CA TYR C 128 -2.21 10.14 -35.33
C TYR C 128 -2.34 10.78 -36.73
N LEU C 129 -1.38 11.59 -37.18
CA LEU C 129 -1.56 12.37 -38.42
C LEU C 129 -0.40 12.40 -39.42
N SER C 130 -0.13 11.26 -40.07
CA SER C 130 0.76 11.18 -41.25
C SER C 130 2.24 11.30 -40.96
N CYS C 131 3.05 10.59 -41.75
CA CYS C 131 4.50 10.64 -41.62
C CYS C 131 5.06 11.80 -42.40
N LYS C 132 5.78 12.66 -41.71
CA LYS C 132 6.26 13.89 -42.30
C LYS C 132 7.78 13.93 -42.47
N SER C 133 8.20 14.35 -43.65
CA SER C 133 9.60 14.63 -43.92
C SER C 133 10.02 15.88 -43.17
N GLU C 134 11.33 16.15 -43.18
CA GLU C 134 11.87 17.38 -42.59
C GLU C 134 11.20 18.63 -43.15
N THR C 135 11.06 18.68 -44.47
CA THR C 135 10.35 19.76 -45.16
C THR C 135 8.89 19.90 -44.74
N GLU C 136 8.17 18.79 -44.65
CA GLU C 136 6.77 18.81 -44.27
C GLU C 136 6.61 19.25 -42.80
N VAL C 137 7.53 18.77 -41.96
CA VAL C 137 7.56 19.12 -40.53
C VAL C 137 7.75 20.62 -40.40
N LYS C 138 8.78 21.13 -41.06
CA LYS C 138 9.10 22.55 -40.99
C LYS C 138 8.00 23.47 -41.49
N LYS C 139 7.24 23.04 -42.50
CA LYS C 139 6.08 23.82 -42.97
C LYS C 139 5.05 23.95 -41.86
N VAL C 140 4.85 22.87 -41.11
CA VAL C 140 3.89 22.85 -40.02
C VAL C 140 4.30 23.86 -38.95
N PHE C 141 5.58 23.87 -38.59
CA PHE C 141 6.05 24.82 -37.58
C PHE C 141 6.00 26.25 -38.09
N LEU C 142 6.27 26.44 -39.38
CA LEU C 142 6.19 27.76 -40.01
C LEU C 142 4.78 28.31 -40.01
N GLN C 143 3.80 27.46 -40.28
CA GLN C 143 2.39 27.86 -40.20
C GLN C 143 2.01 28.41 -38.82
N GLN C 144 2.58 27.83 -37.77
CA GLN C 144 2.23 28.22 -36.40
C GLN C 144 3.01 29.49 -36.07
N LEU C 145 4.27 29.56 -36.50
CA LEU C 145 5.12 30.72 -36.22
C LEU C 145 4.51 32.00 -36.80
N GLU C 146 3.86 31.88 -37.95
CA GLU C 146 3.24 33.03 -38.63
C GLU C 146 2.21 33.70 -37.72
N VAL C 147 1.41 32.90 -37.01
CA VAL C 147 0.47 33.46 -36.04
C VAL C 147 1.19 34.11 -34.89
N PHE C 148 2.19 33.44 -34.34
CA PHE C 148 2.91 33.96 -33.20
C PHE C 148 3.65 35.28 -33.51
N MET C 149 4.14 35.43 -34.74
CA MET C 149 4.74 36.70 -35.18
C MET C 149 3.69 37.79 -35.34
N LYS C 150 2.59 37.46 -36.00
CA LYS C 150 1.44 38.35 -36.16
C LYS C 150 0.91 38.88 -34.82
N LYS C 151 0.94 38.03 -33.80
CA LYS C 151 0.41 38.39 -32.47
C LYS C 151 1.48 38.97 -31.53
N ASN C 152 2.73 38.95 -31.97
CA ASN C 152 3.87 39.41 -31.16
C ASN C 152 3.95 38.79 -29.77
N VAL C 153 3.99 37.47 -29.74
CA VAL C 153 4.26 36.77 -28.49
C VAL C 153 5.64 37.20 -27.99
N ASP C 154 5.85 37.11 -26.68
CA ASP C 154 7.13 37.45 -26.06
C ASP C 154 8.27 36.48 -26.30
N PHE C 155 7.97 35.18 -26.34
CA PHE C 155 8.98 34.18 -26.71
C PHE C 155 8.31 32.92 -27.22
N LEU C 156 9.12 31.92 -27.59
CA LEU C 156 8.62 30.72 -28.24
C LEU C 156 9.08 29.51 -27.48
N ILE C 157 8.22 28.49 -27.40
CA ILE C 157 8.53 27.24 -26.71
C ILE C 157 8.26 26.10 -27.67
N ALA C 158 9.28 25.29 -27.88
CA ALA C 158 9.14 24.03 -28.56
C ALA C 158 9.05 23.02 -27.44
N GLU C 159 7.89 22.40 -27.22
CA GLU C 159 7.73 21.43 -26.12
C GLU C 159 7.10 20.14 -26.61
N TYR C 160 7.08 19.15 -25.73
CA TYR C 160 6.54 17.84 -26.02
C TYR C 160 7.19 17.23 -27.29
N PHE C 161 8.52 17.21 -27.28
CA PHE C 161 9.29 16.46 -28.30
C PHE C 161 9.92 15.18 -27.74
N GLU C 162 9.65 14.04 -28.39
CA GLU C 162 10.25 12.77 -27.99
C GLU C 162 11.52 12.43 -28.78
N HIS C 163 11.71 13.11 -29.91
CA HIS C 163 12.91 12.90 -30.73
C HIS C 163 13.66 14.19 -30.92
N VAL C 164 14.95 14.18 -30.56
CA VAL C 164 15.75 15.40 -30.64
C VAL C 164 15.89 15.94 -32.06
N GLU C 165 15.93 15.05 -33.03
CA GLU C 165 16.00 15.45 -34.43
C GLU C 165 14.86 16.40 -34.79
N GLU C 166 13.64 16.01 -34.47
CA GLU C 166 12.48 16.83 -34.75
C GLU C 166 12.49 18.10 -33.89
N ALA C 167 12.91 17.95 -32.64
CA ALA C 167 13.03 19.10 -31.76
C ALA C 167 13.96 20.14 -32.37
N VAL C 168 15.09 19.66 -32.91
CA VAL C 168 16.06 20.56 -33.55
C VAL C 168 15.43 21.26 -34.73
N TRP C 169 14.63 20.56 -35.52
CA TRP C 169 13.94 21.21 -36.64
C TRP C 169 13.01 22.32 -36.19
N ALA C 170 12.29 22.11 -35.09
CA ALA C 170 11.47 23.14 -34.51
C ALA C 170 12.30 24.33 -34.09
N VAL C 171 13.36 24.09 -33.32
CA VAL C 171 14.20 25.19 -32.87
C VAL C 171 14.77 26.00 -34.06
N GLU C 172 15.31 25.30 -35.06
CA GLU C 172 15.86 25.98 -36.24
C GLU C 172 14.81 26.88 -36.89
N THR C 173 13.58 26.37 -37.01
CA THR C 173 12.51 27.16 -37.58
C THR C 173 12.18 28.36 -36.73
N LEU C 174 12.05 28.14 -35.42
CA LEU C 174 11.56 29.19 -34.51
C LEU C 174 12.56 30.30 -34.35
N ILE C 175 13.85 29.99 -34.26
CA ILE C 175 14.85 31.03 -33.98
C ILE C 175 14.98 32.08 -35.09
N ALA C 176 14.57 31.72 -36.30
CA ALA C 176 14.43 32.69 -37.40
C ALA C 176 13.54 33.89 -37.04
N SER C 177 12.68 33.73 -36.03
CA SER C 177 11.74 34.77 -35.63
C SER C 177 12.41 35.99 -35.05
N GLY C 178 13.58 35.81 -34.47
CA GLY C 178 14.28 36.86 -33.78
C GLY C 178 13.92 36.87 -32.30
N LYS C 179 12.98 36.01 -31.88
CA LYS C 179 12.56 35.94 -30.48
C LYS C 179 13.29 34.79 -29.76
N PRO C 180 13.42 34.88 -28.44
CA PRO C 180 14.01 33.76 -27.69
C PRO C 180 13.19 32.47 -27.83
N VAL C 181 13.92 31.35 -27.87
CA VAL C 181 13.34 30.02 -27.99
C VAL C 181 13.76 29.14 -26.81
N ALA C 182 12.75 28.55 -26.15
CA ALA C 182 12.96 27.50 -25.17
C ALA C 182 12.57 26.18 -25.80
N ALA C 183 13.23 25.10 -25.42
CA ALA C 183 12.94 23.81 -25.95
C ALA C 183 12.98 22.77 -24.85
N THR C 184 11.89 22.01 -24.69
CA THR C 184 11.85 20.95 -23.71
C THR C 184 11.40 19.67 -24.37
N MET C 185 11.92 18.55 -23.90
CA MET C 185 11.57 17.30 -24.49
C MET C 185 10.88 16.45 -23.45
N CYS C 186 9.97 15.61 -23.92
CA CYS C 186 9.29 14.69 -23.04
C CYS C 186 10.08 13.40 -23.06
N ILE C 187 11.22 13.43 -22.37
CA ILE C 187 12.05 12.25 -22.23
C ILE C 187 12.53 12.15 -20.81
N GLY C 188 12.94 10.94 -20.41
CA GLY C 188 13.50 10.74 -19.09
C GLY C 188 15.02 10.48 -19.15
N PRO C 189 15.59 10.04 -18.02
CA PRO C 189 17.05 9.82 -17.91
C PRO C 189 17.70 8.91 -18.97
N GLU C 190 16.93 8.02 -19.58
CA GLU C 190 17.45 7.14 -20.65
C GLU C 190 17.45 7.79 -22.03
N GLY C 191 16.94 9.00 -22.17
CA GLY C 191 17.03 9.71 -23.44
C GLY C 191 15.85 9.61 -24.37
N ASP C 192 16.06 10.08 -25.58
CA ASP C 192 14.97 10.20 -26.51
C ASP C 192 14.59 8.85 -27.09
N LEU C 193 13.63 8.83 -27.99
CA LEU C 193 13.14 7.55 -28.49
C LEU C 193 14.03 6.86 -29.52
N HIS C 194 15.03 7.56 -30.05
CA HIS C 194 16.09 6.93 -30.85
C HIS C 194 17.27 6.53 -29.98
N GLY C 195 17.16 6.72 -28.65
CA GLY C 195 18.22 6.37 -27.73
C GLY C 195 19.28 7.42 -27.46
N VAL C 196 19.12 8.62 -28.02
CA VAL C 196 20.05 9.73 -27.73
C VAL C 196 19.93 10.12 -26.27
N PRO C 197 21.06 10.24 -25.56
CA PRO C 197 20.95 10.56 -24.14
C PRO C 197 20.64 12.05 -23.91
N PRO C 198 20.13 12.38 -22.71
CA PRO C 198 19.67 13.74 -22.45
C PRO C 198 20.75 14.80 -22.60
N GLY C 199 21.98 14.49 -22.17
CA GLY C 199 23.11 15.46 -22.28
C GLY C 199 23.30 15.93 -23.70
N GLU C 200 23.35 14.97 -24.61
CA GLU C 200 23.54 15.30 -26.02
CA GLU C 200 23.49 15.19 -26.05
C GLU C 200 22.26 15.88 -26.63
N CYS C 201 21.08 15.52 -26.10
CA CYS C 201 19.85 16.19 -26.56
C CYS C 201 19.97 17.69 -26.24
N ALA C 202 20.36 18.01 -25.01
CA ALA C 202 20.50 19.40 -24.58
C ALA C 202 21.51 20.13 -25.46
N VAL C 203 22.65 19.48 -25.68
CA VAL C 203 23.70 20.06 -26.53
C VAL C 203 23.19 20.41 -27.92
N ARG C 204 22.44 19.52 -28.55
CA ARG C 204 21.97 19.79 -29.90
C ARG C 204 20.94 20.91 -29.97
N LEU C 205 20.15 21.07 -28.89
CA LEU C 205 19.11 22.09 -28.83
C LEU C 205 19.72 23.48 -28.70
N VAL C 206 20.69 23.58 -27.81
CA VAL C 206 21.42 24.83 -27.61
C VAL C 206 22.20 25.19 -28.91
N LYS C 207 22.84 24.20 -29.52
CA LYS C 207 23.54 24.44 -30.79
C LYS C 207 22.56 24.92 -31.87
N ALA C 208 21.35 24.36 -31.91
CA ALA C 208 20.33 24.82 -32.86
C ALA C 208 19.79 26.23 -32.59
N GLY C 209 20.12 26.77 -31.42
CA GLY C 209 19.77 28.15 -31.04
C GLY C 209 18.91 28.33 -29.78
N ALA C 210 18.54 27.25 -29.09
CA ALA C 210 17.67 27.40 -27.91
C ALA C 210 18.43 27.99 -26.75
N SER C 211 17.86 29.00 -26.09
CA SER C 211 18.50 29.68 -24.96
C SER C 211 18.00 29.17 -23.60
N ILE C 212 16.95 28.35 -23.64
CA ILE C 212 16.41 27.69 -22.46
C ILE C 212 16.12 26.26 -22.85
N ILE C 213 16.55 25.31 -22.05
CA ILE C 213 16.26 23.91 -22.34
C ILE C 213 15.88 23.16 -21.09
N GLY C 214 15.23 22.03 -21.27
CA GLY C 214 14.85 21.17 -20.17
C GLY C 214 13.86 20.11 -20.61
N VAL C 215 12.93 19.78 -19.71
CA VAL C 215 12.00 18.69 -19.95
C VAL C 215 10.56 19.09 -19.61
N ASN C 216 9.61 18.41 -20.23
CA ASN C 216 8.21 18.57 -19.80
C ASN C 216 7.48 17.26 -20.03
N CYS C 217 6.49 16.99 -19.18
CA CYS C 217 5.57 15.88 -19.31
C CYS C 217 6.21 14.51 -19.02
N HIS C 218 5.39 13.47 -19.11
CA HIS C 218 5.76 12.05 -19.03
C HIS C 218 6.25 11.48 -17.77
N PHE C 219 6.88 12.30 -16.94
CA PHE C 219 7.50 11.84 -15.72
C PHE C 219 7.22 12.82 -14.61
N ASP C 220 7.27 12.30 -13.39
CA ASP C 220 7.04 13.07 -12.17
C ASP C 220 8.20 14.01 -11.93
N PRO C 221 8.10 14.92 -10.92
CA PRO C 221 9.19 15.85 -10.66
C PRO C 221 10.54 15.21 -10.33
N THR C 222 10.55 14.10 -9.60
CA THR C 222 11.78 13.49 -9.19
C THR C 222 12.54 13.00 -10.39
N ILE C 223 11.85 12.23 -11.25
CA ILE C 223 12.48 11.73 -12.47
C ILE C 223 12.90 12.87 -13.41
N SER C 224 12.03 13.87 -13.54
CA SER C 224 12.28 15.01 -14.39
C SER C 224 13.57 15.73 -14.03
N LEU C 225 13.80 15.94 -12.76
CA LEU C 225 15.02 16.62 -12.32
C LEU C 225 16.28 15.75 -12.50
N LYS C 226 16.12 14.42 -12.43
CA LYS C 226 17.19 13.50 -12.85
C LYS C 226 17.58 13.73 -14.30
N THR C 227 16.56 13.84 -15.15
CA THR C 227 16.78 14.18 -16.56
C THR C 227 17.43 15.55 -16.74
N VAL C 228 16.96 16.56 -16.02
CA VAL C 228 17.53 17.90 -16.14
C VAL C 228 19.01 17.93 -15.69
N LYS C 229 19.33 17.21 -14.63
CA LYS C 229 20.72 17.04 -14.19
C LYS C 229 21.65 16.50 -15.29
N LEU C 230 21.25 15.42 -15.97
CA LEU C 230 21.99 14.89 -17.12
C LEU C 230 22.10 15.90 -18.26
N MET C 231 21.08 16.75 -18.44
CA MET C 231 21.12 17.76 -19.47
C MET C 231 22.15 18.83 -19.07
N LYS C 232 22.12 19.26 -17.82
CA LYS C 232 23.02 20.29 -17.33
C LYS C 232 24.48 19.88 -17.53
N GLU C 233 24.79 18.64 -17.12
CA GLU C 233 26.13 18.06 -17.20
C GLU C 233 26.62 17.94 -18.63
N GLY C 234 25.72 17.58 -19.54
CA GLY C 234 26.05 17.53 -20.95
C GLY C 234 26.41 18.91 -21.48
N LEU C 235 25.69 19.93 -21.02
CA LEU C 235 26.01 21.30 -21.40
C LEU C 235 27.37 21.71 -20.83
N GLU C 236 27.64 21.32 -19.58
CA GLU C 236 28.90 21.70 -18.91
C GLU C 236 30.10 21.08 -19.65
N ALA C 237 30.04 19.78 -19.92
CA ALA C 237 31.01 19.07 -20.76
C ALA C 237 31.17 19.71 -22.15
N ALA C 238 30.12 20.32 -22.69
CA ALA C 238 30.21 20.97 -23.99
C ALA C 238 30.54 22.46 -23.89
N GLN C 239 30.87 22.94 -22.69
CA GLN C 239 31.17 24.36 -22.49
C GLN C 239 30.06 25.30 -22.94
N LEU C 240 28.82 24.82 -22.92
CA LEU C 240 27.69 25.60 -23.40
C LEU C 240 26.86 26.08 -22.20
N LYS C 241 26.39 27.31 -22.30
CA LYS C 241 25.53 27.92 -21.29
C LYS C 241 24.10 28.06 -21.83
N ALA C 242 23.15 27.66 -21.00
CA ALA C 242 21.74 27.77 -21.30
C ALA C 242 20.98 27.73 -19.98
N HIS C 243 19.90 28.50 -19.94
CA HIS C 243 19.00 28.47 -18.78
C HIS C 243 18.29 27.12 -18.73
N LEU C 244 17.99 26.66 -17.52
CA LEU C 244 17.35 25.37 -17.34
C LEU C 244 15.87 25.50 -16.98
N MET C 245 15.09 24.57 -17.51
CA MET C 245 13.62 24.62 -17.41
C MET C 245 13.05 23.24 -17.08
N SER C 246 12.07 23.18 -16.17
CA SER C 246 11.42 21.93 -15.84
C SER C 246 9.89 22.16 -15.73
N GLN C 247 9.13 21.36 -16.47
CA GLN C 247 7.65 21.30 -16.36
C GLN C 247 7.21 19.84 -16.24
N PRO C 248 7.42 19.23 -15.07
CA PRO C 248 7.08 17.83 -14.92
C PRO C 248 5.56 17.62 -14.80
N LEU C 249 5.17 16.37 -14.86
CA LEU C 249 3.82 15.99 -14.48
C LEU C 249 3.63 16.29 -13.00
N ALA C 250 2.39 16.53 -12.60
CA ALA C 250 2.08 16.59 -11.16
C ALA C 250 1.83 15.18 -10.59
N TYR C 251 1.90 14.15 -11.43
CA TYR C 251 1.59 12.78 -10.99
C TYR C 251 2.84 12.07 -10.59
N HIS C 252 2.79 11.35 -9.48
CA HIS C 252 3.87 10.43 -9.11
C HIS C 252 3.96 9.26 -10.03
N THR C 253 5.15 9.00 -10.58
CA THR C 253 5.32 7.92 -11.57
C THR C 253 6.61 7.12 -11.29
N PRO C 254 6.77 6.66 -10.05
CA PRO C 254 7.97 5.85 -9.73
C PRO C 254 8.04 4.53 -10.53
N ASP C 255 6.90 4.12 -11.09
CA ASP C 255 6.75 2.89 -11.85
C ASP C 255 6.89 3.03 -13.39
N CYS C 256 7.10 4.24 -13.90
CA CYS C 256 7.30 4.51 -15.33
C CYS C 256 8.55 3.85 -15.85
N ASN C 257 8.52 3.43 -17.09
CA ASN C 257 9.75 3.14 -17.81
C ASN C 257 10.04 4.31 -18.73
N LYS C 258 11.01 4.14 -19.64
CA LYS C 258 11.47 5.23 -20.48
C LYS C 258 10.42 5.81 -21.41
N GLN C 259 9.33 5.08 -21.63
CA GLN C 259 8.24 5.55 -22.49
C GLN C 259 7.35 6.59 -21.79
N GLY C 260 7.42 6.67 -20.47
CA GLY C 260 6.66 7.66 -19.70
C GLY C 260 5.23 7.22 -19.40
N PHE C 261 4.46 8.13 -18.81
CA PHE C 261 3.20 7.73 -18.18
C PHE C 261 2.09 7.24 -19.10
N ILE C 262 2.18 7.54 -20.40
CA ILE C 262 1.17 7.00 -21.32
C ILE C 262 1.07 5.48 -21.24
N ASP C 263 2.19 4.81 -21.03
CA ASP C 263 2.19 3.34 -20.96
C ASP C 263 1.72 2.76 -19.62
N LEU C 264 1.62 3.60 -18.57
CA LEU C 264 0.95 3.16 -17.33
C LEU C 264 -0.51 2.78 -17.65
N PRO C 265 -0.98 1.68 -17.06
CA PRO C 265 -2.35 1.18 -17.26
C PRO C 265 -3.42 2.21 -16.93
N GLU C 266 -3.07 3.14 -16.06
CA GLU C 266 -4.01 4.13 -15.58
C GLU C 266 -4.13 5.33 -16.49
N PHE C 267 -3.22 5.53 -17.44
CA PHE C 267 -3.40 6.67 -18.34
C PHE C 267 -4.61 6.52 -19.26
N PRO C 268 -5.40 7.59 -19.40
CA PRO C 268 -5.40 8.90 -18.71
C PRO C 268 -6.47 9.07 -17.63
N PHE C 269 -7.31 8.06 -17.44
CA PHE C 269 -8.51 8.24 -16.63
C PHE C 269 -8.45 7.63 -15.22
N GLY C 270 -7.27 7.14 -14.81
CA GLY C 270 -7.09 6.47 -13.54
C GLY C 270 -5.95 7.04 -12.73
N LEU C 271 -5.51 8.26 -13.09
CA LEU C 271 -4.22 8.83 -12.54
C LEU C 271 -4.45 9.60 -11.21
N GLU C 272 -5.71 9.72 -10.85
CA GLU C 272 -6.13 10.46 -9.63
C GLU C 272 -5.28 10.27 -8.40
N PRO C 273 -5.05 9.03 -7.98
CA PRO C 273 -4.29 8.82 -6.76
C PRO C 273 -2.87 9.40 -6.77
N ARG C 274 -2.27 9.49 -7.95
CA ARG C 274 -0.88 9.87 -8.06
C ARG C 274 -0.65 11.35 -7.96
N VAL C 275 -1.71 12.15 -7.90
CA VAL C 275 -1.59 13.60 -8.02
C VAL C 275 -0.81 14.10 -6.81
N ALA C 276 0.18 14.93 -7.10
CA ALA C 276 0.98 15.59 -6.10
C ALA C 276 0.15 16.46 -5.11
N THR C 277 0.56 16.46 -3.86
CA THR C 277 0.07 17.50 -2.95
C THR C 277 0.85 18.78 -3.19
N ARG C 278 0.35 19.87 -2.62
CA ARG C 278 1.10 21.11 -2.66
C ARG C 278 2.49 20.98 -2.01
N TRP C 279 2.60 20.12 -0.98
CA TRP C 279 3.86 19.91 -0.28
C TRP C 279 4.84 19.21 -1.17
N ASP C 280 4.34 18.24 -1.92
CA ASP C 280 5.18 17.53 -2.91
C ASP C 280 5.75 18.53 -3.87
N ILE C 281 4.95 19.50 -4.29
CA ILE C 281 5.43 20.47 -5.28
C ILE C 281 6.39 21.47 -4.67
N GLN C 282 6.20 21.82 -3.42
CA GLN C 282 7.18 22.66 -2.74
C GLN C 282 8.55 21.98 -2.72
N LYS C 283 8.56 20.69 -2.39
CA LYS C 283 9.77 19.90 -2.42
C LYS C 283 10.39 19.90 -3.81
N TYR C 284 9.58 19.70 -4.86
CA TYR C 284 10.06 19.80 -6.25
C TYR C 284 10.73 21.15 -6.58
N ALA C 285 10.09 22.23 -6.15
CA ALA C 285 10.52 23.58 -6.47
C ALA C 285 11.88 23.88 -5.80
N ARG C 286 12.03 23.48 -4.56
CA ARG C 286 13.31 23.62 -3.86
C ARG C 286 14.42 22.81 -4.55
N GLU C 287 14.13 21.54 -4.83
CA GLU C 287 15.11 20.70 -5.55
C GLU C 287 15.51 21.29 -6.87
N ALA C 288 14.51 21.73 -7.65
CA ALA C 288 14.75 22.39 -8.90
C ALA C 288 15.66 23.60 -8.76
N TYR C 289 15.36 24.44 -7.79
CA TYR C 289 16.13 25.64 -7.59
C TYR C 289 17.57 25.26 -7.25
N ASN C 290 17.73 24.34 -6.31
CA ASN C 290 19.05 23.90 -5.91
C ASN C 290 19.87 23.32 -7.06
N LEU C 291 19.23 22.64 -7.99
CA LEU C 291 19.92 22.12 -9.16
C LEU C 291 20.35 23.21 -10.14
N GLY C 292 19.82 24.41 -9.99
CA GLY C 292 20.12 25.47 -10.95
C GLY C 292 19.01 25.75 -11.95
N VAL C 293 17.83 25.14 -11.76
CA VAL C 293 16.67 25.44 -12.63
C VAL C 293 16.08 26.80 -12.22
N ARG C 294 15.79 27.63 -13.23
CA ARG C 294 15.23 28.96 -12.99
C ARG C 294 13.91 29.25 -13.74
N TYR C 295 13.53 28.40 -14.69
CA TYR C 295 12.18 28.40 -15.26
C TYR C 295 11.52 27.15 -14.66
N ILE C 296 10.70 27.36 -13.63
CA ILE C 296 10.15 26.25 -12.87
C ILE C 296 8.65 26.27 -13.03
N GLY C 297 8.15 25.29 -13.78
CA GLY C 297 6.72 25.20 -14.09
C GLY C 297 6.23 23.79 -13.88
N GLY C 298 5.19 23.42 -14.65
CA GLY C 298 4.58 22.11 -14.53
C GLY C 298 3.78 21.82 -15.78
N CYS C 299 3.46 20.56 -15.98
CA CYS C 299 2.71 20.11 -17.14
C CYS C 299 1.41 19.41 -16.72
N CYS C 300 0.99 18.37 -17.46
CA CYS C 300 -0.24 17.64 -17.17
C CYS C 300 -0.39 17.26 -15.71
N GLY C 301 -1.55 17.62 -15.16
CA GLY C 301 -1.86 17.44 -13.76
C GLY C 301 -1.69 18.66 -12.87
N PHE C 302 -0.84 19.61 -13.27
CA PHE C 302 -0.64 20.82 -12.53
C PHE C 302 -1.89 21.69 -12.57
N GLU C 303 -2.45 21.95 -11.38
CA GLU C 303 -3.59 22.83 -11.17
C GLU C 303 -3.11 24.11 -10.48
N PRO C 304 -4.03 25.05 -10.25
CA PRO C 304 -3.47 26.32 -9.83
C PRO C 304 -2.77 26.31 -8.47
N TYR C 305 -3.30 25.55 -7.53
CA TYR C 305 -2.66 25.44 -6.22
C TYR C 305 -1.25 24.84 -6.28
N HIS C 306 -0.97 24.06 -7.32
CA HIS C 306 0.37 23.48 -7.56
C HIS C 306 1.34 24.57 -7.97
N ILE C 307 0.91 25.48 -8.85
CA ILE C 307 1.71 26.60 -9.21
C ILE C 307 1.94 27.49 -7.99
N ARG C 308 0.90 27.67 -7.18
CA ARG C 308 1.03 28.46 -5.98
C ARG C 308 2.14 27.88 -5.09
N ALA C 309 2.23 26.56 -5.03
CA ALA C 309 3.24 25.94 -4.24
C ALA C 309 4.69 26.27 -4.71
N ILE C 310 4.92 26.37 -6.01
CA ILE C 310 6.22 26.77 -6.51
C ILE C 310 6.53 28.17 -5.99
N ALA C 311 5.59 29.08 -6.21
CA ALA C 311 5.74 30.49 -5.86
C ALA C 311 5.95 30.70 -4.34
N GLU C 312 5.24 29.93 -3.53
CA GLU C 312 5.41 29.99 -2.08
C GLU C 312 6.75 29.45 -1.60
N GLU C 313 7.15 28.30 -2.15
CA GLU C 313 8.38 27.69 -1.74
C GLU C 313 9.57 28.63 -2.02
N LEU C 314 9.52 29.38 -3.10
CA LEU C 314 10.60 30.20 -3.53
C LEU C 314 10.38 31.70 -3.22
N ALA C 315 9.35 31.99 -2.42
CA ALA C 315 9.01 33.35 -2.06
C ALA C 315 10.16 34.13 -1.40
N PRO C 316 10.91 33.47 -0.50
CA PRO C 316 12.04 34.19 0.08
C PRO C 316 13.09 34.57 -0.95
N GLU C 317 13.36 33.70 -1.91
CA GLU C 317 14.30 34.02 -2.98
C GLU C 317 13.77 35.11 -3.91
N ARG C 318 12.46 35.22 -4.03
CA ARG C 318 11.89 36.15 -5.00
C ARG C 318 11.49 37.50 -4.40
N GLY C 319 11.19 37.51 -3.10
CA GLY C 319 10.81 38.72 -2.38
C GLY C 319 9.33 39.01 -2.23
N PHE C 320 8.46 38.12 -2.73
CA PHE C 320 7.03 38.38 -2.68
C PHE C 320 6.23 37.07 -2.83
N LEU C 321 4.97 37.12 -2.43
CA LEU C 321 4.03 36.03 -2.65
C LEU C 321 3.13 36.30 -3.84
N PRO C 322 2.59 35.24 -4.47
CA PRO C 322 1.56 35.41 -5.51
C PRO C 322 0.25 35.87 -4.91
N PRO C 323 -0.64 36.48 -5.72
CA PRO C 323 -1.93 36.87 -5.20
C PRO C 323 -2.75 35.75 -4.53
N ALA C 324 -2.68 34.51 -5.04
CA ALA C 324 -3.44 33.43 -4.46
C ALA C 324 -3.05 33.11 -3.03
N SER C 325 -1.86 33.53 -2.60
CA SER C 325 -1.43 33.24 -1.24
C SER C 325 -2.29 33.96 -0.20
N GLU C 326 -2.99 35.01 -0.63
CA GLU C 326 -3.97 35.70 0.23
C GLU C 326 -5.11 34.78 0.64
N LYS C 327 -5.36 33.71 -0.15
CA LYS C 327 -6.35 32.68 0.22
C LYS C 327 -5.69 31.38 0.68
N HIS C 328 -4.53 31.54 1.30
CA HIS C 328 -3.72 30.43 1.78
C HIS C 328 -2.96 30.86 3.02
N GLY C 329 -2.05 30.02 3.45
CA GLY C 329 -1.18 30.29 4.58
C GLY C 329 0.09 29.48 4.41
N SER C 330 1.12 29.81 5.20
CA SER C 330 2.36 29.11 5.07
C SER C 330 2.22 27.74 5.70
N TRP C 331 2.34 26.67 4.92
CA TRP C 331 2.46 25.33 5.49
C TRP C 331 1.36 24.98 6.51
N GLY C 332 0.12 25.27 6.15
CA GLY C 332 -1.03 24.87 6.94
C GLY C 332 -1.52 25.89 7.97
N SER C 333 -0.89 27.07 8.01
CA SER C 333 -1.19 28.07 9.07
C SER C 333 -2.66 28.49 9.12
N GLY C 334 -3.36 28.39 7.97
CA GLY C 334 -4.78 28.67 7.92
C GLY C 334 -5.62 27.84 8.84
N LEU C 335 -5.12 26.66 9.23
CA LEU C 335 -5.84 25.78 10.12
C LEU C 335 -5.63 26.14 11.60
N ASP C 336 -4.81 27.16 11.89
CA ASP C 336 -4.39 27.41 13.29
C ASP C 336 -5.50 27.92 14.20
N MET C 337 -6.70 28.15 13.67
CA MET C 337 -7.85 28.57 14.50
C MET C 337 -8.99 27.55 14.53
N HIS C 338 -8.69 26.29 14.20
CA HIS C 338 -9.74 25.26 14.16
C HIS C 338 -10.15 24.87 15.56
N THR C 339 -11.41 24.49 15.71
CA THR C 339 -11.95 24.04 17.00
C THR C 339 -11.16 22.86 17.59
N LYS C 340 -10.87 21.86 16.77
CA LYS C 340 -10.23 20.65 17.24
C LYS C 340 -8.72 20.81 17.39
N PRO C 341 -8.19 20.49 18.57
CA PRO C 341 -6.74 20.64 18.77
C PRO C 341 -5.87 19.84 17.78
N TRP C 342 -6.30 18.66 17.36
CA TRP C 342 -5.53 17.84 16.40
C TRP C 342 -5.50 18.46 15.00
N VAL C 343 -6.54 19.21 14.63
CA VAL C 343 -6.54 19.96 13.34
C VAL C 343 -5.59 21.15 13.43
N ARG C 344 -5.67 21.89 14.54
CA ARG C 344 -4.76 22.98 14.83
C ARG C 344 -3.33 22.54 14.78
N ALA C 345 -3.04 21.35 15.30
CA ALA C 345 -1.68 20.82 15.36
C ALA C 345 -1.07 20.57 13.97
N ARG C 346 -1.92 20.49 12.96
CA ARG C 346 -1.46 20.31 11.56
C ARG C 346 -0.94 21.60 10.93
N ALA C 347 -1.02 22.72 11.62
CA ALA C 347 -0.69 24.01 11.04
C ALA C 347 0.81 24.33 10.95
N ARG C 348 1.65 23.34 10.65
CA ARG C 348 3.11 23.50 10.71
C ARG C 348 3.78 22.78 9.56
N LYS C 349 4.86 23.35 9.05
CA LYS C 349 5.68 22.66 8.05
C LYS C 349 6.09 21.27 8.51
N GLU C 350 6.61 21.16 9.74
CA GLU C 350 7.06 19.87 10.27
C GLU C 350 5.99 18.79 10.09
N TYR C 351 4.72 19.13 10.32
CA TYR C 351 3.60 18.18 10.15
C TYR C 351 3.43 17.73 8.69
N TRP C 352 3.16 18.68 7.81
CA TRP C 352 2.88 18.34 6.41
C TRP C 352 4.08 17.82 5.66
N GLU C 353 5.27 18.30 5.98
CA GLU C 353 6.44 17.88 5.27
C GLU C 353 6.71 16.39 5.55
N ASN C 354 6.37 15.92 6.74
CA ASN C 354 6.70 14.56 7.14
C ASN C 354 5.51 13.59 7.10
N LEU C 355 4.31 14.06 6.82
CA LEU C 355 3.14 13.20 6.87
C LEU C 355 3.13 12.30 5.65
N ARG C 356 3.24 10.99 5.87
CA ARG C 356 3.09 10.02 4.78
C ARG C 356 1.59 9.77 4.50
N ILE C 357 1.02 10.51 3.55
CA ILE C 357 -0.41 10.48 3.30
C ILE C 357 -0.88 9.13 2.74
N ALA C 358 -2.07 8.72 3.16
CA ALA C 358 -2.64 7.41 2.79
C ALA C 358 -3.35 7.47 1.49
N SER C 359 -3.37 6.33 0.80
CA SER C 359 -3.99 6.24 -0.50
C SER C 359 -5.51 6.20 -0.44
N GLY C 360 -6.05 5.65 0.65
CA GLY C 360 -7.49 5.41 0.78
C GLY C 360 -8.03 4.24 -0.05
N ARG C 361 -7.11 3.47 -0.66
CA ARG C 361 -7.47 2.33 -1.51
C ARG C 361 -6.68 1.07 -1.11
N PRO C 362 -7.06 0.45 0.00
CA PRO C 362 -6.27 -0.68 0.48
C PRO C 362 -6.36 -1.97 -0.36
N TYR C 363 -7.34 -2.06 -1.27
CA TYR C 363 -7.43 -3.20 -2.18
C TYR C 363 -6.64 -2.99 -3.46
N ASN C 364 -5.90 -1.87 -3.52
CA ASN C 364 -5.11 -1.46 -4.65
C ASN C 364 -3.61 -1.45 -4.40
N PRO C 365 -2.80 -1.71 -5.45
CA PRO C 365 -1.35 -1.60 -5.30
C PRO C 365 -0.83 -0.19 -5.25
N SER C 366 0.45 -0.07 -4.89
CA SER C 366 1.09 1.24 -4.89
C SER C 366 1.79 1.57 -6.23
N MET C 367 2.07 0.53 -7.03
CA MET C 367 2.74 0.70 -8.31
C MET C 367 2.11 -0.23 -9.33
N SER C 368 2.19 0.17 -10.59
CA SER C 368 1.69 -0.63 -11.71
C SER C 368 2.78 -0.85 -12.74
N LYS C 369 2.79 -2.03 -13.35
CA LYS C 369 3.71 -2.31 -14.44
C LYS C 369 3.22 -1.66 -15.73
N PRO C 370 4.10 -0.90 -16.41
CA PRO C 370 3.73 -0.33 -17.69
C PRO C 370 3.36 -1.38 -18.71
N ASP C 371 2.42 -1.03 -19.57
CA ASP C 371 2.04 -1.86 -20.71
C ASP C 371 3.14 -1.75 -21.76
N GLY C 372 3.23 -2.74 -22.65
CA GLY C 372 4.22 -2.79 -23.72
C GLY C 372 3.89 -3.86 -24.75
N TRP C 373 4.81 -4.77 -25.03
CA TRP C 373 4.59 -5.86 -26.01
C TRP C 373 4.47 -7.21 -25.34
N LYS C 395 4.73 -32.54 -13.49
CA LYS C 395 3.24 -32.63 -13.54
C LYS C 395 2.79 -34.06 -13.27
N GLU C 396 3.31 -35.00 -14.06
CA GLU C 396 3.01 -36.43 -13.96
C GLU C 396 4.11 -37.13 -13.14
N LEU C 397 5.20 -36.41 -12.91
CA LEU C 397 6.22 -36.85 -11.98
C LEU C 397 5.59 -37.01 -10.60
N PHE C 398 4.62 -36.14 -10.29
CA PHE C 398 3.87 -36.19 -9.02
C PHE C 398 2.94 -37.40 -8.87
N GLU C 399 2.65 -38.10 -9.96
CA GLU C 399 1.78 -39.27 -9.92
C GLU C 399 2.46 -40.48 -9.26
N LYS C 400 3.75 -40.63 -9.55
CA LYS C 400 4.54 -41.77 -9.06
C LYS C 400 4.84 -41.67 -7.57
N LYS D 10 -40.39 25.73 -16.78
CA LYS D 10 -39.57 24.53 -16.48
C LYS D 10 -39.90 23.98 -15.09
N LYS D 11 -39.69 22.69 -14.92
CA LYS D 11 -40.17 22.00 -13.74
C LYS D 11 -39.44 22.40 -12.48
N GLY D 12 -40.19 22.45 -11.39
CA GLY D 12 -39.63 22.64 -10.06
C GLY D 12 -39.11 21.35 -9.49
N ILE D 13 -38.50 21.42 -8.32
CA ILE D 13 -37.81 20.28 -7.73
C ILE D 13 -38.73 19.07 -7.46
N LEU D 14 -39.89 19.32 -6.84
CA LEU D 14 -40.82 18.21 -6.53
C LEU D 14 -41.52 17.67 -7.76
N GLU D 15 -41.81 18.55 -8.72
CA GLU D 15 -42.42 18.12 -9.97
C GLU D 15 -41.51 17.13 -10.72
N ARG D 16 -40.20 17.38 -10.65
CA ARG D 16 -39.20 16.46 -11.22
C ARG D 16 -39.20 15.13 -10.49
N LEU D 17 -39.07 15.21 -9.17
CA LEU D 17 -38.91 14.02 -8.39
C LEU D 17 -40.20 13.18 -8.38
N ASN D 18 -41.35 13.84 -8.26
CA ASN D 18 -42.65 13.13 -8.27
C ASN D 18 -42.97 12.50 -9.61
N ALA D 19 -42.38 13.04 -10.68
CA ALA D 19 -42.48 12.42 -12.00
C ALA D 19 -41.45 11.30 -12.19
N GLY D 20 -40.71 10.95 -11.15
CA GLY D 20 -39.73 9.86 -11.22
C GLY D 20 -38.41 10.25 -11.87
N GLU D 21 -38.17 11.53 -12.10
CA GLU D 21 -36.92 11.97 -12.76
C GLU D 21 -35.73 11.87 -11.84
N ILE D 22 -34.54 11.96 -12.42
CA ILE D 22 -33.29 12.05 -11.67
C ILE D 22 -32.87 13.51 -11.64
N VAL D 23 -32.54 14.00 -10.46
CA VAL D 23 -32.04 15.36 -10.29
C VAL D 23 -30.53 15.18 -9.99
N ILE D 24 -29.71 15.75 -10.86
CA ILE D 24 -28.26 15.72 -10.66
C ILE D 24 -27.81 16.96 -9.88
N GLY D 25 -27.10 16.74 -8.79
CA GLY D 25 -26.64 17.83 -7.93
C GLY D 25 -25.42 18.50 -8.55
N ASP D 26 -24.97 19.59 -7.94
CA ASP D 26 -23.66 20.16 -8.32
C ASP D 26 -22.61 19.59 -7.39
N GLY D 27 -21.34 20.03 -7.53
CA GLY D 27 -20.27 19.40 -6.78
C GLY D 27 -19.84 20.17 -5.55
N GLY D 28 -18.54 20.16 -5.28
CA GLY D 28 -18.03 20.73 -4.05
C GLY D 28 -17.39 22.09 -4.26
N PHE D 29 -18.16 23.15 -3.98
CA PHE D 29 -17.70 24.52 -4.28
C PHE D 29 -16.50 24.99 -3.49
N VAL D 30 -16.52 24.86 -2.18
CA VAL D 30 -15.44 25.39 -1.38
C VAL D 30 -14.11 24.69 -1.63
N PHE D 31 -14.15 23.37 -1.78
CA PHE D 31 -12.96 22.61 -2.05
C PHE D 31 -12.38 22.94 -3.43
N ALA D 32 -13.24 23.01 -4.45
CA ALA D 32 -12.79 23.28 -5.81
C ALA D 32 -12.21 24.69 -5.90
N LEU D 33 -12.88 25.64 -5.26
CA LEU D 33 -12.39 27.01 -5.34
C LEU D 33 -11.15 27.24 -4.48
N GLU D 34 -10.96 26.44 -3.45
CA GLU D 34 -9.71 26.54 -2.66
C GLU D 34 -8.54 26.17 -3.57
N LYS D 35 -8.72 25.12 -4.37
CA LYS D 35 -7.67 24.68 -5.31
C LYS D 35 -7.39 25.62 -6.43
N ARG D 36 -8.39 26.39 -6.81
CA ARG D 36 -8.25 27.37 -7.86
C ARG D 36 -7.75 28.74 -7.36
N GLY D 37 -7.70 28.90 -6.04
CA GLY D 37 -7.05 30.04 -5.42
C GLY D 37 -7.98 31.10 -4.87
N TYR D 38 -9.27 30.76 -4.66
CA TYR D 38 -10.30 31.81 -4.36
C TYR D 38 -10.97 31.67 -3.00
N VAL D 39 -10.74 30.53 -2.37
CA VAL D 39 -11.23 30.24 -1.03
C VAL D 39 -10.06 29.83 -0.16
N LYS D 40 -10.11 30.28 1.10
CA LYS D 40 -9.08 30.00 2.07
C LYS D 40 -9.46 28.85 2.97
N ALA D 41 -8.70 27.77 2.91
CA ALA D 41 -8.93 26.64 3.82
C ALA D 41 -8.74 27.16 5.25
N GLY D 42 -9.68 26.82 6.12
CA GLY D 42 -9.71 27.35 7.50
C GLY D 42 -11.06 28.04 7.72
N PRO D 43 -11.19 29.29 7.30
CA PRO D 43 -12.51 29.92 7.27
C PRO D 43 -13.47 29.32 6.24
N TRP D 44 -12.96 28.97 5.07
CA TRP D 44 -13.78 28.41 3.99
C TRP D 44 -14.92 29.32 3.57
N THR D 45 -14.70 30.61 3.64
CA THR D 45 -15.76 31.59 3.39
C THR D 45 -15.87 31.96 1.92
N PRO D 46 -17.06 32.42 1.48
CA PRO D 46 -17.30 32.61 0.05
C PRO D 46 -17.16 34.04 -0.47
N GLU D 47 -16.27 34.84 0.10
CA GLU D 47 -16.11 36.21 -0.36
C GLU D 47 -15.76 36.32 -1.84
N ALA D 48 -15.31 35.22 -2.47
CA ALA D 48 -15.06 35.24 -3.95
C ALA D 48 -16.27 35.68 -4.74
N ALA D 49 -17.48 35.46 -4.22
CA ALA D 49 -18.68 35.92 -4.91
C ALA D 49 -18.67 37.42 -5.21
N VAL D 50 -18.01 38.22 -4.38
CA VAL D 50 -17.82 39.64 -4.69
C VAL D 50 -16.41 39.92 -5.20
N GLU D 51 -15.38 39.22 -4.68
CA GLU D 51 -14.00 39.53 -5.03
C GLU D 51 -13.64 39.01 -6.41
N HIS D 52 -14.16 37.83 -6.76
CA HIS D 52 -13.87 37.22 -8.05
C HIS D 52 -15.08 36.49 -8.59
N PRO D 53 -16.12 37.24 -8.95
CA PRO D 53 -17.39 36.61 -9.34
C PRO D 53 -17.22 35.80 -10.58
N GLU D 54 -16.29 36.21 -11.43
CA GLU D 54 -16.04 35.49 -12.65
C GLU D 54 -15.59 34.03 -12.38
N ALA D 55 -14.87 33.80 -11.30
CA ALA D 55 -14.43 32.44 -10.94
C ALA D 55 -15.61 31.62 -10.44
N VAL D 56 -16.42 32.23 -9.60
CA VAL D 56 -17.60 31.57 -9.06
C VAL D 56 -18.56 31.22 -10.20
N ARG D 57 -18.84 32.21 -11.07
CA ARG D 57 -19.68 32.02 -12.23
C ARG D 57 -19.22 30.88 -13.15
N GLN D 58 -17.93 30.85 -13.47
CA GLN D 58 -17.41 29.78 -14.29
C GLN D 58 -17.57 28.39 -13.66
N LEU D 59 -17.42 28.26 -12.34
CA LEU D 59 -17.54 26.93 -11.71
C LEU D 59 -19.01 26.45 -11.75
N HIS D 60 -19.96 27.35 -11.48
CA HIS D 60 -21.39 27.03 -11.69
C HIS D 60 -21.60 26.58 -13.11
N ARG D 61 -21.01 27.30 -14.06
CA ARG D 61 -21.22 26.95 -15.46
C ARG D 61 -20.62 25.61 -15.85
N GLU D 62 -19.52 25.26 -15.21
CA GLU D 62 -18.90 23.94 -15.40
C GLU D 62 -19.81 22.82 -14.90
N PHE D 63 -20.40 23.01 -13.74
CA PHE D 63 -21.32 22.03 -13.18
C PHE D 63 -22.58 21.94 -14.06
N LEU D 64 -23.14 23.06 -14.50
CA LEU D 64 -24.27 23.04 -15.38
C LEU D 64 -23.97 22.24 -16.65
N ARG D 65 -22.83 22.50 -17.26
CA ARG D 65 -22.39 21.80 -18.44
C ARG D 65 -22.19 20.30 -18.18
N ALA D 66 -21.81 19.94 -16.97
CA ALA D 66 -21.59 18.55 -16.61
C ALA D 66 -22.92 17.79 -16.36
N GLY D 67 -24.02 18.54 -16.30
CA GLY D 67 -25.37 17.97 -16.22
C GLY D 67 -26.08 18.31 -14.94
N SER D 68 -25.50 19.15 -14.08
CA SER D 68 -26.19 19.56 -12.86
C SER D 68 -27.56 20.26 -13.09
N ASN D 69 -28.55 19.85 -12.30
CA ASN D 69 -29.89 20.42 -12.34
C ASN D 69 -30.12 21.38 -11.20
N VAL D 70 -29.09 21.54 -10.36
CA VAL D 70 -29.20 22.36 -9.18
C VAL D 70 -27.92 23.19 -9.03
N MET D 71 -28.08 24.50 -8.89
CA MET D 71 -27.02 25.41 -8.55
C MET D 71 -27.23 25.75 -7.10
N GLN D 72 -26.39 25.21 -6.23
CA GLN D 72 -26.46 25.54 -4.82
C GLN D 72 -25.78 26.88 -4.66
N THR D 73 -26.41 27.77 -3.88
CA THR D 73 -25.84 29.10 -3.67
C THR D 73 -24.52 29.02 -2.89
N PHE D 74 -23.54 29.82 -3.32
CA PHE D 74 -22.25 29.85 -2.67
C PHE D 74 -22.30 30.82 -1.50
N THR D 75 -23.03 30.41 -0.46
CA THR D 75 -23.39 31.30 0.65
C THR D 75 -22.94 30.76 2.00
N PHE D 76 -23.07 31.60 3.02
CA PHE D 76 -22.60 31.27 4.37
C PHE D 76 -23.36 32.07 5.42
N TYR D 77 -23.10 31.74 6.69
CA TYR D 77 -23.64 32.52 7.80
C TYR D 77 -22.74 33.69 8.15
N SER D 95 -19.65 44.21 3.19
CA SER D 95 -19.52 42.73 3.29
C SER D 95 -20.68 42.12 4.06
N GLY D 96 -20.68 40.78 4.11
CA GLY D 96 -21.59 40.00 4.91
C GLY D 96 -22.77 39.50 4.10
N GLN D 97 -23.89 40.20 4.21
CA GLN D 97 -25.03 39.86 3.36
C GLN D 97 -24.80 40.34 1.93
N GLU D 98 -23.83 41.23 1.71
CA GLU D 98 -23.45 41.60 0.36
C GLU D 98 -22.93 40.37 -0.40
N VAL D 99 -22.07 39.61 0.27
CA VAL D 99 -21.53 38.37 -0.30
C VAL D 99 -22.67 37.42 -0.66
N ASN D 100 -23.56 37.19 0.30
CA ASN D 100 -24.64 36.24 0.09
C ASN D 100 -25.56 36.62 -1.06
N GLU D 101 -25.92 37.89 -1.11
CA GLU D 101 -26.74 38.39 -2.21
C GLU D 101 -26.05 38.26 -3.55
N ALA D 102 -24.78 38.62 -3.61
CA ALA D 102 -24.03 38.46 -4.83
C ALA D 102 -24.00 36.98 -5.28
N ALA D 103 -23.71 36.08 -4.35
CA ALA D 103 -23.68 34.64 -4.65
C ALA D 103 -25.04 34.14 -5.19
N CYS D 104 -26.12 34.55 -4.53
CA CYS D 104 -27.46 34.21 -5.03
C CYS D 104 -27.67 34.68 -6.49
N ASP D 105 -27.21 35.90 -6.83
CA ASP D 105 -27.41 36.45 -8.15
C ASP D 105 -26.64 35.66 -9.21
N ILE D 106 -25.43 35.22 -8.87
CA ILE D 106 -24.66 34.43 -9.82
C ILE D 106 -25.32 33.07 -10.05
N ALA D 107 -25.72 32.41 -8.96
CA ALA D 107 -26.39 31.09 -9.08
C ALA D 107 -27.65 31.20 -9.96
N ARG D 108 -28.39 32.30 -9.78
CA ARG D 108 -29.59 32.59 -10.59
C ARG D 108 -29.20 32.74 -12.03
N GLN D 109 -28.17 33.55 -12.31
CA GLN D 109 -27.82 33.81 -13.70
C GLN D 109 -27.52 32.49 -14.42
N VAL D 110 -26.81 31.61 -13.73
CA VAL D 110 -26.34 30.39 -14.38
C VAL D 110 -27.45 29.35 -14.47
N ALA D 111 -28.24 29.21 -13.40
CA ALA D 111 -29.41 28.30 -13.44
C ALA D 111 -30.28 28.61 -14.64
N ASP D 112 -30.47 29.90 -14.92
CA ASP D 112 -31.26 30.36 -16.05
C ASP D 112 -30.63 30.09 -17.42
N GLU D 113 -29.35 29.68 -17.49
CA GLU D 113 -28.74 29.38 -18.80
C GLU D 113 -29.00 27.94 -19.24
N GLY D 114 -29.58 27.12 -18.37
CA GLY D 114 -29.81 25.71 -18.70
C GLY D 114 -30.97 25.14 -17.88
N ASP D 115 -31.00 23.82 -17.75
CA ASP D 115 -32.09 23.17 -17.05
C ASP D 115 -31.72 22.91 -15.60
N ALA D 116 -31.68 24.01 -14.84
CA ALA D 116 -31.29 23.98 -13.46
C ALA D 116 -32.15 24.88 -12.60
N LEU D 117 -32.20 24.52 -11.33
CA LEU D 117 -32.85 25.29 -10.27
C LEU D 117 -31.81 25.85 -9.30
N VAL D 118 -32.13 26.96 -8.66
CA VAL D 118 -31.32 27.46 -7.57
C VAL D 118 -31.78 26.94 -6.20
N ALA D 119 -30.85 26.40 -5.42
CA ALA D 119 -31.12 25.99 -4.03
C ALA D 119 -30.33 26.84 -3.02
N GLY D 120 -31.06 27.44 -2.09
CA GLY D 120 -30.44 28.14 -0.98
C GLY D 120 -30.19 27.16 0.13
N GLY D 121 -28.95 27.10 0.62
CA GLY D 121 -28.62 26.22 1.74
C GLY D 121 -28.42 26.89 3.09
N VAL D 122 -28.71 26.16 4.16
CA VAL D 122 -28.18 26.51 5.48
C VAL D 122 -27.51 25.29 6.12
N SER D 123 -26.50 25.56 6.94
CA SER D 123 -25.73 24.55 7.62
C SER D 123 -25.79 24.72 9.12
N GLN D 124 -25.34 23.71 9.85
CA GLN D 124 -25.27 23.78 11.29
C GLN D 124 -24.46 25.01 11.72
N THR D 125 -24.85 25.63 12.84
CA THR D 125 -24.22 26.89 13.25
C THR D 125 -22.82 26.60 13.74
N PRO D 126 -21.91 27.61 13.69
CA PRO D 126 -20.52 27.35 14.05
C PRO D 126 -20.32 26.95 15.50
N SER D 127 -19.40 26.03 15.75
CA SER D 127 -19.19 25.51 17.10
C SER D 127 -18.32 26.42 17.97
N TYR D 128 -17.68 27.42 17.37
CA TYR D 128 -16.85 28.38 18.11
C TYR D 128 -17.69 29.58 18.57
N LEU D 129 -18.96 29.58 18.17
CA LEU D 129 -19.90 30.61 18.62
C LEU D 129 -20.59 30.16 19.90
N SER D 130 -21.06 31.12 20.68
CA SER D 130 -21.81 30.83 21.90
C SER D 130 -23.23 30.40 21.56
N CYS D 131 -23.75 30.91 20.45
CA CYS D 131 -25.07 30.56 19.93
C CYS D 131 -25.40 29.07 20.16
N LYS D 132 -26.51 28.80 20.87
CA LYS D 132 -26.97 27.43 21.06
C LYS D 132 -28.44 27.17 21.45
N SER D 133 -29.22 28.19 21.84
CA SER D 133 -30.64 27.97 22.18
C SER D 133 -31.49 27.71 20.93
N GLU D 134 -32.65 27.06 21.07
CA GLU D 134 -33.54 26.84 19.93
C GLU D 134 -33.96 28.14 19.26
N THR D 135 -34.33 29.14 20.05
CA THR D 135 -34.82 30.41 19.51
C THR D 135 -33.72 31.13 18.73
N GLU D 136 -32.51 31.12 19.28
CA GLU D 136 -31.35 31.82 18.68
C GLU D 136 -30.77 31.09 17.48
N VAL D 137 -30.67 29.77 17.56
CA VAL D 137 -30.27 28.95 16.42
C VAL D 137 -31.27 29.16 15.29
N LYS D 138 -32.57 29.18 15.61
CA LYS D 138 -33.59 29.45 14.58
C LYS D 138 -33.52 30.86 13.99
N LYS D 139 -33.13 31.85 14.81
CA LYS D 139 -32.94 33.21 14.33
C LYS D 139 -31.86 33.25 13.26
N VAL D 140 -30.76 32.55 13.52
CA VAL D 140 -29.69 32.45 12.55
C VAL D 140 -30.24 31.90 11.23
N PHE D 141 -31.00 30.81 11.31
CA PHE D 141 -31.58 30.22 10.09
C PHE D 141 -32.56 31.17 9.39
N LEU D 142 -33.29 31.96 10.17
CA LEU D 142 -34.24 32.94 9.60
C LEU D 142 -33.54 34.09 8.86
N GLN D 143 -32.44 34.59 9.42
CA GLN D 143 -31.64 35.63 8.75
C GLN D 143 -31.23 35.20 7.34
N GLN D 144 -30.76 33.96 7.22
CA GLN D 144 -30.27 33.43 5.96
C GLN D 144 -31.43 33.26 4.98
N LEU D 145 -32.53 32.67 5.47
CA LEU D 145 -33.76 32.48 4.71
C LEU D 145 -34.33 33.77 4.11
N GLU D 146 -34.21 34.85 4.88
CA GLU D 146 -34.58 36.20 4.46
C GLU D 146 -34.02 36.50 3.07
N VAL D 147 -32.71 36.26 2.93
CA VAL D 147 -32.01 36.55 1.69
C VAL D 147 -32.54 35.64 0.59
N PHE D 148 -32.73 34.38 0.90
CA PHE D 148 -33.21 33.42 -0.08
C PHE D 148 -34.65 33.70 -0.56
N MET D 149 -35.52 34.17 0.35
CA MET D 149 -36.91 34.53 -0.02
C MET D 149 -36.93 35.74 -0.95
N LYS D 150 -36.22 36.79 -0.57
CA LYS D 150 -36.06 37.98 -1.43
C LYS D 150 -35.54 37.64 -2.82
N LYS D 151 -34.61 36.68 -2.90
CA LYS D 151 -34.02 36.29 -4.19
C LYS D 151 -34.86 35.26 -4.92
N ASN D 152 -35.89 34.72 -4.25
CA ASN D 152 -36.83 33.77 -4.84
C ASN D 152 -36.16 32.49 -5.35
N VAL D 153 -35.40 31.83 -4.48
CA VAL D 153 -34.79 30.54 -4.81
C VAL D 153 -35.88 29.48 -5.08
N ASP D 154 -35.52 28.48 -5.87
CA ASP D 154 -36.48 27.45 -6.23
C ASP D 154 -36.75 26.52 -5.07
N PHE D 155 -35.73 26.20 -4.27
CA PHE D 155 -35.94 25.41 -3.07
C PHE D 155 -34.84 25.58 -2.04
N LEU D 156 -35.00 24.89 -0.91
CA LEU D 156 -34.14 25.13 0.23
C LEU D 156 -33.51 23.84 0.67
N ILE D 157 -32.29 23.92 1.19
CA ILE D 157 -31.57 22.75 1.65
C ILE D 157 -30.99 23.03 3.02
N ALA D 158 -31.29 22.16 3.96
CA ALA D 158 -30.61 22.12 5.22
C ALA D 158 -29.55 21.03 5.12
N GLU D 159 -28.29 21.45 5.01
CA GLU D 159 -27.20 20.49 4.84
C GLU D 159 -26.14 20.64 5.90
N TYR D 160 -25.28 19.65 5.99
CA TYR D 160 -24.12 19.69 6.87
C TYR D 160 -24.56 19.82 8.35
N PHE D 161 -25.37 18.85 8.80
CA PHE D 161 -25.78 18.74 10.20
C PHE D 161 -25.31 17.43 10.83
N GLU D 162 -24.60 17.56 11.95
CA GLU D 162 -24.15 16.41 12.71
C GLU D 162 -25.15 16.05 13.83
N HIS D 163 -26.00 17.00 14.21
CA HIS D 163 -27.04 16.78 15.24
C HIS D 163 -28.41 16.89 14.62
N VAL D 164 -29.18 15.80 14.65
CA VAL D 164 -30.51 15.82 14.05
C VAL D 164 -31.47 16.76 14.77
N GLU D 165 -31.24 16.95 16.07
CA GLU D 165 -32.00 17.94 16.83
C GLU D 165 -31.93 19.28 16.11
N GLU D 166 -30.71 19.73 15.83
CA GLU D 166 -30.49 21.04 15.22
C GLU D 166 -31.00 21.04 13.79
N ALA D 167 -30.85 19.91 13.10
CA ALA D 167 -31.34 19.78 11.72
C ALA D 167 -32.87 19.90 11.65
N VAL D 168 -33.55 19.32 12.63
CA VAL D 168 -35.00 19.46 12.76
C VAL D 168 -35.42 20.94 12.90
N TRP D 169 -34.69 21.70 13.72
CA TRP D 169 -35.00 23.13 13.83
C TRP D 169 -34.85 23.87 12.54
N ALA D 170 -33.78 23.59 11.80
CA ALA D 170 -33.57 24.22 10.51
C ALA D 170 -34.74 23.88 9.56
N VAL D 171 -35.10 22.60 9.50
CA VAL D 171 -36.21 22.20 8.64
C VAL D 171 -37.52 22.90 9.05
N GLU D 172 -37.77 22.98 10.36
CA GLU D 172 -39.02 23.62 10.87
C GLU D 172 -39.07 25.06 10.43
N THR D 173 -37.92 25.73 10.50
CA THR D 173 -37.79 27.12 10.08
C THR D 173 -38.00 27.33 8.58
N LEU D 174 -37.44 26.43 7.78
CA LEU D 174 -37.43 26.61 6.32
C LEU D 174 -38.75 26.24 5.65
N ILE D 175 -39.44 25.21 6.17
CA ILE D 175 -40.74 24.83 5.59
C ILE D 175 -41.72 26.00 5.64
N ALA D 176 -41.59 26.84 6.67
CA ALA D 176 -42.45 28.04 6.85
C ALA D 176 -42.46 28.93 5.62
N SER D 177 -41.38 28.91 4.86
CA SER D 177 -41.24 29.70 3.62
C SER D 177 -42.27 29.40 2.54
N GLY D 178 -42.87 28.21 2.58
CA GLY D 178 -43.73 27.76 1.49
C GLY D 178 -42.96 27.12 0.33
N LYS D 179 -41.68 26.84 0.53
CA LYS D 179 -40.83 26.24 -0.51
C LYS D 179 -40.47 24.83 -0.13
N PRO D 180 -40.26 23.94 -1.13
CA PRO D 180 -39.82 22.61 -0.79
C PRO D 180 -38.51 22.65 -0.01
N VAL D 181 -38.32 21.67 0.86
CA VAL D 181 -37.17 21.62 1.73
C VAL D 181 -36.50 20.24 1.70
N ALA D 182 -35.22 20.21 1.34
CA ALA D 182 -34.37 19.02 1.45
C ALA D 182 -33.51 19.12 2.70
N ALA D 183 -33.17 17.98 3.27
CA ALA D 183 -32.37 17.95 4.46
C ALA D 183 -31.39 16.79 4.42
N THR D 184 -30.10 17.12 4.53
CA THR D 184 -29.04 16.11 4.55
C THR D 184 -28.20 16.29 5.76
N MET D 185 -27.75 15.17 6.31
CA MET D 185 -26.91 15.17 7.48
C MET D 185 -25.51 14.64 7.15
N CYS D 186 -24.50 15.20 7.80
CA CYS D 186 -23.14 14.67 7.64
C CYS D 186 -22.84 13.65 8.73
N ILE D 187 -23.47 12.50 8.61
CA ILE D 187 -23.30 11.44 9.56
C ILE D 187 -23.17 10.18 8.74
N GLY D 188 -22.57 9.16 9.34
CA GLY D 188 -22.46 7.86 8.69
C GLY D 188 -23.38 6.84 9.35
N PRO D 189 -23.13 5.54 9.11
CA PRO D 189 -23.98 4.47 9.60
C PRO D 189 -24.21 4.47 11.11
N GLU D 190 -23.24 4.95 11.89
CA GLU D 190 -23.41 4.98 13.35
C GLU D 190 -24.37 6.05 13.86
N GLY D 191 -24.83 6.94 12.98
CA GLY D 191 -25.80 7.95 13.35
C GLY D 191 -25.19 9.26 13.77
N ASP D 192 -26.01 10.11 14.35
CA ASP D 192 -25.59 11.47 14.65
C ASP D 192 -24.69 11.51 15.88
N LEU D 193 -24.26 12.71 16.27
CA LEU D 193 -23.25 12.83 17.32
C LEU D 193 -23.81 12.61 18.73
N HIS D 194 -25.14 12.57 18.89
CA HIS D 194 -25.75 12.12 20.15
C HIS D 194 -25.87 10.63 20.20
N GLY D 195 -25.96 9.98 19.05
CA GLY D 195 -26.13 8.53 19.01
C GLY D 195 -27.46 8.15 18.40
N VAL D 196 -28.20 9.14 17.93
CA VAL D 196 -29.43 8.91 17.20
C VAL D 196 -29.08 8.18 15.91
N PRO D 197 -29.66 6.98 15.71
CA PRO D 197 -29.39 6.24 14.48
C PRO D 197 -29.99 6.93 13.24
N PRO D 198 -29.41 6.68 12.05
CA PRO D 198 -29.82 7.30 10.77
C PRO D 198 -31.29 7.13 10.39
N GLY D 199 -31.81 5.92 10.57
CA GLY D 199 -33.23 5.66 10.28
C GLY D 199 -34.09 6.60 11.09
N GLU D 200 -33.75 6.73 12.37
CA GLU D 200 -34.47 7.62 13.27
C GLU D 200 -34.25 9.07 12.87
N CYS D 201 -33.02 9.42 12.50
CA CYS D 201 -32.75 10.78 12.06
C CYS D 201 -33.64 11.11 10.87
N ALA D 202 -33.75 10.18 9.92
CA ALA D 202 -34.56 10.41 8.72
C ALA D 202 -36.03 10.62 9.05
N VAL D 203 -36.57 9.75 9.89
CA VAL D 203 -37.98 9.85 10.32
C VAL D 203 -38.22 11.24 10.88
N ARG D 204 -37.40 11.64 11.84
CA ARG D 204 -37.49 12.97 12.46
C ARG D 204 -37.48 14.13 11.47
N LEU D 205 -36.72 14.00 10.37
CA LEU D 205 -36.66 15.09 9.37
C LEU D 205 -37.90 15.11 8.51
N VAL D 206 -38.38 13.92 8.14
CA VAL D 206 -39.58 13.86 7.32
C VAL D 206 -40.76 14.45 8.11
N LYS D 207 -40.86 14.10 9.40
CA LYS D 207 -41.93 14.62 10.27
C LYS D 207 -41.89 16.14 10.32
N ALA D 208 -40.69 16.69 10.48
CA ALA D 208 -40.53 18.15 10.49
C ALA D 208 -40.91 18.81 9.14
N GLY D 209 -41.18 18.00 8.11
CA GLY D 209 -41.67 18.50 6.84
C GLY D 209 -40.70 18.48 5.64
N ALA D 210 -39.60 17.74 5.77
CA ALA D 210 -38.63 17.66 4.66
C ALA D 210 -39.11 16.66 3.64
N SER D 211 -39.29 17.10 2.40
CA SER D 211 -39.70 16.21 1.31
C SER D 211 -38.56 15.43 0.66
N ILE D 212 -37.31 15.83 0.93
CA ILE D 212 -36.11 15.15 0.39
C ILE D 212 -35.13 14.94 1.53
N ILE D 213 -34.63 13.73 1.70
CA ILE D 213 -33.68 13.49 2.80
C ILE D 213 -32.50 12.62 2.38
N GLY D 214 -31.38 12.82 3.07
CA GLY D 214 -30.22 11.98 2.85
C GLY D 214 -29.00 12.46 3.61
N VAL D 215 -27.85 12.37 2.95
CA VAL D 215 -26.59 12.65 3.59
C VAL D 215 -25.74 13.53 2.70
N ASN D 216 -24.84 14.30 3.30
CA ASN D 216 -23.79 14.97 2.53
C ASN D 216 -22.49 15.08 3.29
N CYS D 217 -21.38 15.06 2.54
CA CYS D 217 -20.06 15.27 3.09
C CYS D 217 -19.58 14.12 4.00
N HIS D 218 -18.39 14.34 4.56
CA HIS D 218 -17.74 13.53 5.61
C HIS D 218 -17.28 12.13 5.28
N PHE D 219 -17.98 11.43 4.40
CA PHE D 219 -17.68 10.05 4.04
C PHE D 219 -17.80 9.85 2.52
N ASP D 220 -17.13 8.81 2.07
CA ASP D 220 -17.08 8.47 0.65
C ASP D 220 -18.45 7.96 0.18
N PRO D 221 -18.63 7.73 -1.13
CA PRO D 221 -19.90 7.28 -1.67
C PRO D 221 -20.38 5.92 -1.15
N THR D 222 -19.46 5.01 -0.86
CA THR D 222 -19.85 3.67 -0.38
C THR D 222 -20.48 3.79 1.00
N ILE D 223 -19.75 4.43 1.90
CA ILE D 223 -20.24 4.63 3.23
C ILE D 223 -21.51 5.47 3.22
N SER D 224 -21.54 6.50 2.37
CA SER D 224 -22.69 7.36 2.27
C SER D 224 -23.94 6.58 1.92
N LEU D 225 -23.84 5.65 0.97
CA LEU D 225 -25.02 4.90 0.56
C LEU D 225 -25.49 3.89 1.64
N LYS D 226 -24.57 3.31 2.39
CA LYS D 226 -24.91 2.50 3.57
C LYS D 226 -25.79 3.29 4.51
N THR D 227 -25.41 4.55 4.73
CA THR D 227 -26.16 5.45 5.60
C THR D 227 -27.53 5.76 5.04
N VAL D 228 -27.62 5.97 3.72
CA VAL D 228 -28.92 6.28 3.11
C VAL D 228 -29.84 5.05 3.10
N LYS D 229 -29.26 3.88 2.95
CA LYS D 229 -30.02 2.63 3.09
C LYS D 229 -30.67 2.54 4.49
N LEU D 230 -29.90 2.81 5.54
CA LEU D 230 -30.43 2.85 6.91
C LEU D 230 -31.55 3.87 7.03
N MET D 231 -31.36 5.05 6.44
CA MET D 231 -32.38 6.10 6.48
C MET D 231 -33.67 5.68 5.76
N LYS D 232 -33.52 5.02 4.62
CA LYS D 232 -34.64 4.51 3.85
C LYS D 232 -35.36 3.38 4.63
N GLU D 233 -34.58 2.49 5.25
CA GLU D 233 -35.11 1.42 6.10
C GLU D 233 -35.80 1.97 7.36
N GLY D 234 -35.29 3.08 7.90
CA GLY D 234 -35.97 3.83 8.93
C GLY D 234 -37.33 4.31 8.47
N LEU D 235 -37.38 4.88 7.27
CA LEU D 235 -38.64 5.36 6.68
C LEU D 235 -39.59 4.23 6.24
N GLU D 236 -39.05 3.05 5.91
CA GLU D 236 -39.89 1.95 5.38
C GLU D 236 -40.69 1.28 6.52
N ALA D 237 -39.97 0.86 7.57
CA ALA D 237 -40.59 0.76 8.88
C ALA D 237 -40.97 2.20 9.16
N ALA D 238 -42.05 2.43 9.90
CA ALA D 238 -42.58 3.78 10.10
C ALA D 238 -43.35 4.31 8.90
N GLN D 239 -43.37 3.55 7.80
CA GLN D 239 -44.36 3.76 6.74
C GLN D 239 -44.49 5.21 6.27
N LEU D 240 -43.35 5.88 6.07
CA LEU D 240 -43.32 7.26 5.57
C LEU D 240 -42.67 7.36 4.18
N LYS D 241 -43.13 8.32 3.39
CA LYS D 241 -42.61 8.56 2.04
C LYS D 241 -41.77 9.84 2.02
N ALA D 242 -40.65 9.78 1.29
CA ALA D 242 -39.74 10.89 1.11
C ALA D 242 -38.74 10.57 -0.01
N HIS D 243 -38.41 11.56 -0.81
CA HIS D 243 -37.37 11.41 -1.83
C HIS D 243 -36.01 11.31 -1.18
N LEU D 244 -35.09 10.59 -1.84
CA LEU D 244 -33.80 10.27 -1.26
C LEU D 244 -32.66 11.00 -1.99
N MET D 245 -31.66 11.42 -1.23
CA MET D 245 -30.64 12.34 -1.69
C MET D 245 -29.26 11.93 -1.21
N SER D 246 -28.24 12.00 -2.08
CA SER D 246 -26.88 11.76 -1.61
C SER D 246 -25.87 12.70 -2.29
N GLN D 247 -25.01 13.27 -1.46
CA GLN D 247 -23.91 14.16 -1.91
C GLN D 247 -22.68 13.79 -1.11
N PRO D 248 -22.11 12.63 -1.42
CA PRO D 248 -20.94 12.15 -0.72
C PRO D 248 -19.66 12.94 -1.07
N LEU D 249 -18.61 12.69 -0.31
CA LEU D 249 -17.28 13.19 -0.70
C LEU D 249 -16.87 12.48 -1.97
N ALA D 250 -16.03 13.10 -2.79
CA ALA D 250 -15.34 12.38 -3.86
C ALA D 250 -14.10 11.68 -3.36
N TYR D 251 -13.86 11.66 -2.06
CA TYR D 251 -12.64 11.06 -1.51
C TYR D 251 -13.00 9.70 -0.90
N HIS D 252 -12.19 8.71 -1.19
CA HIS D 252 -12.21 7.42 -0.51
C HIS D 252 -11.80 7.54 0.92
N THR D 253 -12.67 7.10 1.83
CA THR D 253 -12.41 7.18 3.26
C THR D 253 -12.76 5.86 3.99
N PRO D 254 -12.15 4.74 3.57
CA PRO D 254 -12.40 3.48 4.31
C PRO D 254 -11.90 3.50 5.76
N ASP D 255 -11.04 4.47 6.09
CA ASP D 255 -10.38 4.54 7.36
C ASP D 255 -11.02 5.54 8.36
N CYS D 256 -12.09 6.20 7.92
CA CYS D 256 -12.84 7.15 8.75
C CYS D 256 -13.47 6.47 9.96
N ASN D 257 -13.53 7.18 11.08
CA ASN D 257 -14.38 6.73 12.20
C ASN D 257 -15.66 7.53 12.09
N LYS D 258 -16.56 7.44 13.07
CA LYS D 258 -17.85 8.11 12.92
C LYS D 258 -17.79 9.64 12.79
N GLN D 259 -16.65 10.26 13.11
CA GLN D 259 -16.52 11.73 13.04
C GLN D 259 -16.36 12.24 11.59
N GLY D 260 -15.95 11.37 10.68
CA GLY D 260 -15.76 11.76 9.27
C GLY D 260 -14.38 12.27 8.96
N PHE D 261 -14.20 12.79 7.75
CA PHE D 261 -12.84 12.96 7.16
C PHE D 261 -11.98 14.06 7.79
N ILE D 262 -12.60 15.00 8.47
CA ILE D 262 -11.83 16.07 9.11
C ILE D 262 -10.81 15.50 10.09
N ASP D 263 -11.18 14.41 10.75
CA ASP D 263 -10.30 13.77 11.71
C ASP D 263 -9.17 12.94 11.09
N LEU D 264 -9.25 12.65 9.79
CA LEU D 264 -8.13 12.01 9.13
C LEU D 264 -6.94 12.93 9.16
N PRO D 265 -5.75 12.37 9.38
CA PRO D 265 -4.50 13.17 9.40
C PRO D 265 -4.29 14.03 8.15
N GLU D 266 -4.76 13.55 6.99
CA GLU D 266 -4.56 14.21 5.71
C GLU D 266 -5.47 15.43 5.45
N PHE D 267 -6.51 15.61 6.25
CA PHE D 267 -7.41 16.73 6.00
C PHE D 267 -6.76 18.05 6.38
N PRO D 268 -6.86 19.08 5.51
CA PRO D 268 -7.47 19.08 4.18
C PRO D 268 -6.47 19.04 3.02
N PHE D 269 -5.18 19.02 3.33
CA PHE D 269 -4.15 19.35 2.34
C PHE D 269 -3.38 18.13 1.84
N GLY D 270 -3.78 16.95 2.29
CA GLY D 270 -3.15 15.70 1.89
C GLY D 270 -4.08 14.65 1.33
N LEU D 271 -5.24 15.08 0.87
CA LEU D 271 -6.32 14.15 0.48
C LEU D 271 -6.25 13.69 -0.96
N GLU D 272 -5.29 14.23 -1.71
CA GLU D 272 -5.16 13.97 -3.16
C GLU D 272 -5.27 12.51 -3.55
N PRO D 273 -4.57 11.60 -2.86
CA PRO D 273 -4.59 10.25 -3.38
C PRO D 273 -5.97 9.59 -3.34
N ARG D 274 -6.82 10.08 -2.45
CA ARG D 274 -8.13 9.50 -2.22
C ARG D 274 -9.22 9.81 -3.26
N VAL D 275 -8.94 10.74 -4.15
CA VAL D 275 -9.96 11.31 -5.02
C VAL D 275 -10.47 10.24 -5.93
N ALA D 276 -11.79 10.17 -6.05
CA ALA D 276 -12.45 9.22 -6.94
C ALA D 276 -12.08 9.45 -8.43
N THR D 277 -12.03 8.35 -9.17
CA THR D 277 -11.99 8.43 -10.63
C THR D 277 -13.42 8.61 -11.12
N ARG D 278 -13.57 8.97 -12.38
CA ARG D 278 -14.90 9.06 -12.94
C ARG D 278 -15.62 7.68 -12.92
N TRP D 279 -14.87 6.60 -12.95
CA TRP D 279 -15.44 5.26 -12.88
C TRP D 279 -15.99 4.94 -11.51
N ASP D 280 -15.27 5.36 -10.46
CA ASP D 280 -15.77 5.27 -9.08
C ASP D 280 -17.11 5.96 -8.97
N ILE D 281 -17.22 7.12 -9.59
CA ILE D 281 -18.48 7.88 -9.47
C ILE D 281 -19.60 7.26 -10.30
N GLN D 282 -19.28 6.69 -11.46
CA GLN D 282 -20.30 5.95 -12.23
C GLN D 282 -20.90 4.80 -11.38
N LYS D 283 -20.03 4.09 -10.63
CA LYS D 283 -20.42 2.99 -9.78
C LYS D 283 -21.31 3.48 -8.66
N TYR D 284 -20.88 4.55 -8.00
CA TYR D 284 -21.76 5.24 -7.06
C TYR D 284 -23.13 5.63 -7.63
N ALA D 285 -23.16 6.30 -8.79
CA ALA D 285 -24.42 6.76 -9.34
C ALA D 285 -25.38 5.60 -9.62
N ARG D 286 -24.84 4.48 -10.11
CA ARG D 286 -25.64 3.28 -10.40
C ARG D 286 -26.15 2.68 -9.10
N GLU D 287 -25.28 2.53 -8.12
CA GLU D 287 -25.68 2.02 -6.81
C GLU D 287 -26.73 2.91 -6.19
N ALA D 288 -26.51 4.23 -6.23
CA ALA D 288 -27.47 5.17 -5.66
C ALA D 288 -28.84 5.01 -6.32
N TYR D 289 -28.85 5.04 -7.64
CA TYR D 289 -30.08 4.81 -8.37
C TYR D 289 -30.73 3.47 -7.97
N ASN D 290 -29.97 2.38 -7.97
CA ASN D 290 -30.52 1.06 -7.61
C ASN D 290 -31.12 1.03 -6.21
N LEU D 291 -30.59 1.84 -5.31
CA LEU D 291 -31.09 1.97 -3.94
C LEU D 291 -32.35 2.83 -3.81
N GLY D 292 -32.68 3.58 -4.86
CA GLY D 292 -33.83 4.47 -4.79
C GLY D 292 -33.50 5.94 -4.62
N VAL D 293 -32.23 6.31 -4.77
CA VAL D 293 -31.86 7.73 -4.70
C VAL D 293 -32.17 8.35 -6.05
N ARG D 294 -32.84 9.50 -6.03
CA ARG D 294 -33.18 10.27 -7.22
C ARG D 294 -32.64 11.71 -7.26
N TYR D 295 -32.09 12.19 -6.14
CA TYR D 295 -31.29 13.44 -6.13
C TYR D 295 -29.86 12.96 -5.90
N ILE D 296 -29.08 12.87 -6.98
CA ILE D 296 -27.76 12.29 -6.92
C ILE D 296 -26.70 13.37 -7.23
N GLY D 297 -25.90 13.68 -6.23
CA GLY D 297 -24.98 14.79 -6.27
C GLY D 297 -23.68 14.37 -5.63
N GLY D 298 -22.97 15.37 -5.13
CA GLY D 298 -21.63 15.18 -4.56
C GLY D 298 -21.26 16.42 -3.77
N CYS D 299 -20.33 16.25 -2.85
CA CYS D 299 -19.89 17.33 -1.98
C CYS D 299 -18.39 17.55 -2.17
N CYS D 300 -17.65 17.82 -1.10
CA CYS D 300 -16.23 18.12 -1.23
C CYS D 300 -15.42 17.09 -2.00
N GLY D 301 -14.66 17.61 -2.98
CA GLY D 301 -13.84 16.84 -3.89
C GLY D 301 -14.48 16.61 -5.24
N PHE D 302 -15.80 16.72 -5.33
CA PHE D 302 -16.49 16.61 -6.61
C PHE D 302 -16.14 17.79 -7.52
N GLU D 303 -15.53 17.47 -8.67
CA GLU D 303 -15.20 18.39 -9.75
C GLU D 303 -16.16 18.13 -10.92
N PRO D 304 -16.15 18.98 -11.96
CA PRO D 304 -17.16 18.85 -12.97
C PRO D 304 -17.19 17.48 -13.64
N TYR D 305 -16.04 16.91 -13.96
CA TYR D 305 -16.03 15.57 -14.57
C TYR D 305 -16.66 14.47 -13.69
N HIS D 306 -16.68 14.68 -12.37
CA HIS D 306 -17.34 13.72 -11.46
C HIS D 306 -18.86 13.82 -11.64
N ILE D 307 -19.37 15.05 -11.77
CA ILE D 307 -20.79 15.27 -12.04
C ILE D 307 -21.17 14.71 -13.39
N ARG D 308 -20.32 14.90 -14.40
CA ARG D 308 -20.58 14.31 -15.70
C ARG D 308 -20.67 12.77 -15.61
N ALA D 309 -19.86 12.18 -14.73
CA ALA D 309 -19.90 10.73 -14.56
C ALA D 309 -21.29 10.23 -14.10
N ILE D 310 -21.89 10.97 -13.16
CA ILE D 310 -23.24 10.66 -12.67
C ILE D 310 -24.20 10.69 -13.84
N ALA D 311 -24.17 11.80 -14.59
CA ALA D 311 -25.05 12.04 -15.73
C ALA D 311 -24.86 11.06 -16.87
N GLU D 312 -23.61 10.62 -17.09
CA GLU D 312 -23.36 9.61 -18.11
C GLU D 312 -23.81 8.23 -17.67
N GLU D 313 -23.56 7.89 -16.41
CA GLU D 313 -23.97 6.57 -15.92
C GLU D 313 -25.50 6.40 -16.02
N LEU D 314 -26.23 7.48 -15.77
CA LEU D 314 -27.69 7.45 -15.73
C LEU D 314 -28.30 8.00 -17.01
N ALA D 315 -27.49 8.17 -18.06
CA ALA D 315 -27.95 8.71 -19.33
C ALA D 315 -29.08 7.82 -19.95
N PRO D 316 -28.94 6.49 -19.91
CA PRO D 316 -30.07 5.72 -20.48
C PRO D 316 -31.40 5.94 -19.76
N GLU D 317 -31.38 6.01 -18.42
CA GLU D 317 -32.59 6.31 -17.63
C GLU D 317 -33.16 7.70 -17.92
N ARG D 318 -32.30 8.68 -18.23
CA ARG D 318 -32.79 10.05 -18.42
C ARG D 318 -33.11 10.33 -19.88
N GLY D 319 -32.51 9.59 -20.79
CA GLY D 319 -32.72 9.79 -22.21
C GLY D 319 -31.83 10.80 -22.91
N PHE D 320 -30.78 11.31 -22.23
CA PHE D 320 -29.88 12.27 -22.86
C PHE D 320 -28.55 12.36 -22.09
N LEU D 321 -27.56 12.95 -22.75
CA LEU D 321 -26.25 13.19 -22.17
C LEU D 321 -26.12 14.68 -21.87
N PRO D 322 -25.31 15.03 -20.86
CA PRO D 322 -25.03 16.44 -20.60
C PRO D 322 -24.14 17.04 -21.70
N PRO D 323 -24.15 18.38 -21.86
CA PRO D 323 -23.28 19.04 -22.84
C PRO D 323 -21.80 18.65 -22.75
N ALA D 324 -21.27 18.44 -21.55
CA ALA D 324 -19.86 18.06 -21.38
C ALA D 324 -19.49 16.73 -22.03
N SER D 325 -20.47 15.86 -22.30
CA SER D 325 -20.19 14.57 -22.91
C SER D 325 -19.73 14.69 -24.34
N GLU D 326 -19.99 15.82 -24.99
CA GLU D 326 -19.44 16.05 -26.31
C GLU D 326 -17.92 16.10 -26.28
N LYS D 327 -17.31 16.35 -25.12
CA LYS D 327 -15.85 16.30 -24.96
C LYS D 327 -15.46 15.03 -24.20
N HIS D 328 -16.23 13.96 -24.35
CA HIS D 328 -15.96 12.71 -23.65
C HIS D 328 -16.33 11.55 -24.53
N GLY D 329 -16.34 10.35 -23.99
CA GLY D 329 -16.78 9.16 -24.72
C GLY D 329 -17.26 8.17 -23.70
N SER D 330 -18.03 7.17 -24.12
CA SER D 330 -18.43 6.14 -23.19
C SER D 330 -17.25 5.29 -22.76
N TRP D 331 -16.98 5.26 -21.45
CA TRP D 331 -16.03 4.28 -20.90
C TRP D 331 -14.71 4.23 -21.65
N GLY D 332 -14.14 5.40 -21.93
CA GLY D 332 -12.82 5.49 -22.55
C GLY D 332 -12.72 5.42 -24.06
N SER D 333 -13.87 5.48 -24.75
CA SER D 333 -13.94 5.38 -26.21
C SER D 333 -13.11 6.43 -26.99
N GLY D 334 -12.82 7.54 -26.35
CA GLY D 334 -12.00 8.59 -26.95
C GLY D 334 -10.59 8.12 -27.27
N LEU D 335 -10.18 7.04 -26.61
CA LEU D 335 -8.90 6.40 -26.82
C LEU D 335 -8.87 5.32 -27.93
N ASP D 336 -10.01 4.97 -28.52
CA ASP D 336 -10.10 3.79 -29.40
C ASP D 336 -9.37 3.88 -30.76
N MET D 337 -8.75 5.03 -31.04
CA MET D 337 -7.92 5.17 -32.24
C MET D 337 -6.52 5.67 -31.91
N HIS D 338 -6.08 5.49 -30.67
CA HIS D 338 -4.70 5.81 -30.27
C HIS D 338 -3.75 4.95 -31.04
N THR D 339 -2.56 5.46 -31.31
CA THR D 339 -1.58 4.70 -32.12
C THR D 339 -1.13 3.43 -31.41
N LYS D 340 -1.05 3.48 -30.07
CA LYS D 340 -0.58 2.32 -29.32
C LYS D 340 -1.69 1.31 -29.01
N PRO D 341 -1.52 0.04 -29.43
CA PRO D 341 -2.48 -1.04 -29.21
C PRO D 341 -2.97 -1.18 -27.77
N TRP D 342 -2.02 -1.13 -26.84
CA TRP D 342 -2.34 -1.27 -25.41
C TRP D 342 -3.06 -0.08 -24.87
N VAL D 343 -2.88 1.08 -25.50
CA VAL D 343 -3.69 2.26 -25.16
C VAL D 343 -5.09 2.11 -25.71
N ARG D 344 -5.23 1.73 -27.00
CA ARG D 344 -6.55 1.48 -27.55
C ARG D 344 -7.33 0.44 -26.79
N ALA D 345 -6.62 -0.56 -26.26
CA ALA D 345 -7.28 -1.63 -25.56
C ALA D 345 -7.96 -1.14 -24.26
N ARG D 346 -7.64 0.07 -23.83
CA ARG D 346 -8.25 0.63 -22.58
C ARG D 346 -9.63 1.24 -22.82
N ALA D 347 -10.04 1.32 -24.09
CA ALA D 347 -11.26 2.01 -24.45
C ALA D 347 -12.52 1.17 -24.20
N ARG D 348 -12.57 0.42 -23.11
CA ARG D 348 -13.72 -0.45 -22.81
C ARG D 348 -14.11 -0.35 -21.35
N LYS D 349 -15.39 -0.46 -21.10
CA LYS D 349 -15.92 -0.50 -19.74
C LYS D 349 -15.26 -1.58 -18.87
N GLU D 350 -15.12 -2.78 -19.41
CA GLU D 350 -14.53 -3.90 -18.68
C GLU D 350 -13.11 -3.55 -18.20
N TYR D 351 -12.35 -2.79 -18.99
CA TYR D 351 -11.00 -2.42 -18.58
C TYR D 351 -11.06 -1.49 -17.37
N TRP D 352 -11.74 -0.36 -17.52
CA TRP D 352 -11.80 0.68 -16.49
C TRP D 352 -12.56 0.30 -15.26
N GLU D 353 -13.61 -0.50 -15.40
CA GLU D 353 -14.42 -0.93 -14.25
C GLU D 353 -13.61 -1.87 -13.35
N ASN D 354 -12.69 -2.63 -13.93
CA ASN D 354 -11.92 -3.62 -13.17
C ASN D 354 -10.46 -3.24 -12.80
N LEU D 355 -9.93 -2.17 -13.37
CA LEU D 355 -8.53 -1.81 -13.15
C LEU D 355 -8.32 -1.27 -11.74
N ARG D 356 -7.54 -2.01 -10.96
CA ARG D 356 -7.12 -1.54 -9.63
C ARG D 356 -6.00 -0.53 -9.75
N ILE D 357 -6.37 0.73 -9.92
CA ILE D 357 -5.37 1.79 -10.09
C ILE D 357 -4.37 1.92 -8.95
N ALA D 358 -3.13 2.23 -9.30
CA ALA D 358 -2.05 2.40 -8.32
C ALA D 358 -1.94 3.79 -7.73
N SER D 359 -1.33 3.85 -6.57
CA SER D 359 -1.19 5.09 -5.86
C SER D 359 0.00 5.92 -6.30
N GLY D 360 1.03 5.27 -6.83
CA GLY D 360 2.26 5.91 -7.16
C GLY D 360 3.08 6.35 -5.96
N ARG D 361 2.73 5.87 -4.78
CA ARG D 361 3.41 6.21 -3.50
C ARG D 361 3.73 4.95 -2.66
N PRO D 362 4.71 4.18 -3.09
CA PRO D 362 5.07 2.91 -2.42
C PRO D 362 5.68 3.10 -1.01
N TYR D 363 6.13 4.31 -0.68
CA TYR D 363 6.63 4.56 0.67
C TYR D 363 5.53 5.04 1.61
N ASN D 364 4.28 4.97 1.17
CA ASN D 364 3.15 5.45 1.94
C ASN D 364 2.14 4.35 2.24
N PRO D 365 1.37 4.48 3.33
CA PRO D 365 0.35 3.50 3.64
C PRO D 365 -0.90 3.64 2.82
N SER D 366 -1.79 2.67 2.87
CA SER D 366 -3.03 2.76 2.15
C SER D 366 -4.20 3.28 3.02
N MET D 367 -4.05 3.26 4.35
CA MET D 367 -5.00 3.85 5.29
C MET D 367 -4.28 4.56 6.44
N SER D 368 -5.01 5.50 7.06
CA SER D 368 -4.57 6.30 8.20
C SER D 368 -5.52 6.20 9.38
N LYS D 369 -4.98 6.26 10.60
CA LYS D 369 -5.82 6.24 11.78
C LYS D 369 -6.34 7.65 12.07
N PRO D 370 -7.65 7.81 12.31
CA PRO D 370 -8.14 9.13 12.60
C PRO D 370 -7.49 9.70 13.86
N ASP D 371 -7.34 11.01 13.93
CA ASP D 371 -6.85 11.65 15.14
C ASP D 371 -8.05 11.79 16.06
N GLY D 372 -7.80 12.15 17.32
CA GLY D 372 -8.87 12.37 18.27
C GLY D 372 -8.30 12.78 19.62
N TRP D 373 -9.11 12.68 20.67
CA TRP D 373 -8.72 13.15 22.01
C TRP D 373 -7.62 12.31 22.58
N ALA D 380 -0.71 10.00 31.64
CA ALA D 380 -0.14 10.78 30.51
C ALA D 380 1.39 10.66 30.56
N GLU D 381 2.02 11.46 31.41
CA GLU D 381 3.44 11.28 31.73
C GLU D 381 3.56 10.22 32.85
N LEU D 382 2.41 9.84 33.43
CA LEU D 382 2.29 8.69 34.33
C LEU D 382 2.50 7.37 33.57
N MET D 383 2.10 7.35 32.29
CA MET D 383 2.23 6.15 31.45
C MET D 383 3.70 5.92 31.09
N GLN D 384 4.43 7.02 30.91
CA GLN D 384 5.87 6.98 30.65
C GLN D 384 6.65 6.42 31.84
N GLN D 385 6.22 6.74 33.06
CA GLN D 385 6.82 6.17 34.27
C GLN D 385 6.55 4.67 34.37
N LYS D 386 5.30 4.28 34.10
CA LYS D 386 4.91 2.87 34.12
C LYS D 386 5.68 2.08 33.06
N GLU D 387 5.71 2.61 31.84
CA GLU D 387 6.62 2.11 30.80
C GLU D 387 8.04 1.96 31.32
N ALA D 388 8.57 3.00 31.97
CA ALA D 388 9.96 2.95 32.48
C ALA D 388 10.14 1.88 33.59
N THR D 389 9.14 1.72 34.46
CA THR D 389 9.18 0.67 35.48
C THR D 389 9.15 -0.74 34.87
N THR D 390 8.35 -0.93 33.82
CA THR D 390 8.27 -2.23 33.15
C THR D 390 9.51 -2.54 32.31
N GLU D 391 10.01 -1.54 31.59
CA GLU D 391 11.27 -1.68 30.84
C GLU D 391 12.34 -2.20 31.76
N GLN D 392 12.37 -1.70 32.99
CA GLN D 392 13.39 -2.10 33.93
C GLN D 392 13.19 -3.52 34.46
N GLN D 393 11.94 -3.96 34.63
CA GLN D 393 11.71 -5.33 35.08
C GLN D 393 12.21 -6.33 34.05
N LEU D 394 11.94 -6.04 32.77
CA LEU D 394 12.34 -6.96 31.70
C LEU D 394 13.85 -6.98 31.57
N LYS D 395 14.45 -5.79 31.62
CA LYS D 395 15.90 -5.67 31.56
C LYS D 395 16.53 -6.54 32.66
N GLU D 396 15.94 -6.49 33.85
CA GLU D 396 16.46 -7.23 34.99
C GLU D 396 16.28 -8.72 34.84
N LEU D 397 15.15 -9.14 34.30
CA LEU D 397 14.92 -10.57 34.10
C LEU D 397 15.96 -11.13 33.14
N PHE D 398 16.20 -10.41 32.06
CA PHE D 398 17.23 -10.77 31.11
C PHE D 398 18.62 -10.69 31.73
N GLU D 399 18.93 -9.60 32.44
CA GLU D 399 20.29 -9.44 32.96
C GLU D 399 20.60 -10.40 34.12
N LYS D 400 19.60 -10.77 34.90
CA LYS D 400 19.78 -11.78 35.95
C LYS D 400 19.63 -13.18 35.39
N GLN D 401 19.46 -13.29 34.09
CA GLN D 401 19.34 -14.59 33.42
C GLN D 401 18.31 -15.48 34.08
N LYS D 402 17.14 -14.93 34.38
CA LYS D 402 16.07 -15.71 34.99
C LYS D 402 15.27 -16.54 33.97
N PHE D 403 15.94 -17.52 33.37
CA PHE D 403 15.32 -18.42 32.38
C PHE D 403 14.84 -19.68 33.08
#